data_8ZKM
#
_entry.id   8ZKM
#
_cell.length_a   1.00
_cell.length_b   1.00
_cell.length_c   1.00
_cell.angle_alpha   90.00
_cell.angle_beta   90.00
_cell.angle_gamma   90.00
#
_symmetry.space_group_name_H-M   'P 1'
#
loop_
_entity.id
_entity.type
_entity.pdbx_description
1 polymer 'ring protein of release VP1'
2 polymer 'adaptor of release VP1'
3 polymer 'nozzle of release VP1'
4 polymer 'portal of release VP1'
#
loop_
_entity_poly.entity_id
_entity_poly.type
_entity_poly.pdbx_seq_one_letter_code
_entity_poly.pdbx_strand_id
1 'polypeptide(L)'
;MSSWDRFDTPWDSIIDESTWEHYTFKYDASFEAFSSMEVDEDLTITVSVLFASTSDNTVTVGQVLGLTMDNRAGSYFGAG
SSWTSEAAVNNEAGSGFQSSHALQLSYSVEDGVISSFGSEAFCSFYNTVSFESSSDVQAAVNSLYNLDVLFSSGSGDSEQ
HYVVFGETASFESLAEHETSSQYITHVECMFNSVVEFEVKTYDWGRPVKPVGSDWSTDTPVVGVWVNEIYNGNKDWGES
;
A
2 'polypeptide(L)'
;MDKATLVKTIAYRMGNVKGQDTAIDFELALSIERLEGQEFVPWFLLSENNFFEGTAQENRIPVPRGFIREYEEGSLYLRR
VAGTGKCLIKKSQDQLLKYEGMTGEPSHYSLTNQYFRIYPVPQEDFKVELLFYRKSSTLNVEDNPWYEYAAELLVAETIW
AMLSARRDKMADYWKSVAADQMRRLTILDAERRLANQEIFMG
;
B,C
3 'polypeptide(L)'
;MEVTHKQFDLSGFLPDQAPDTLKSGAISRGFNVKPTILGWEKSGGFRETNTAPTNEKDFIFFWSPAIGDNRWFSGGDKTV
QQVEGNVVSDVSRTGGYTAAAAARWNAVNFNGVLLMNNELDSPQYLAASGKLEDFPNLPSNVRFRTVAVYKNFILGLGVN
FGSGFLDDEIYWSHQADPGTMPPNWDYANAASDSGRTPLPSEGYCVTSEELGSMNIVYKSDSIWTMQLIGGQWIFRFENK
FPGQGILNKKSVVSFEGKHFVVTQKDIIVHDGYQVRSVADKRVRNFFFTDMNSDYFERVFVVKDPRVAEVYVFYPSKNSV
DGLCDRALVWNWRDDVWSLLNLRPLKHAAYGYEITGVSITWDNFVGGWESTGLWQADEDVAKYAPVLHYSFRDVPKLLAP
TPQALFIDEEIEAVWEREDIVIGSISRDGVPYQDYERNKSVSSISFDVDTTEPFDVYIGYKGSLEDSVEWEFAGTVNPME
DKRLFCLLTAGLFSMRIISKAQTFILRSYKITYEFAGEMWA
;
E
4 'polypeptide(L)'
;MEILYTGASESLHSTILKALLERIDLGDTFISDNYTRWQATERYYMMYKIPNKKDKAAIEKWNKGDTDFKSLVMPYSYAQ
LMTAHAYMVNVFLNRDPIFQTDSLNGDGTERELALESMLQYQVKAGEMEPSLLVWFMDALRYGVGVLGDYWEEHVFHQTV
FEVKKTRVVKGYEGCKTFNVMVYDFIPDPRVALCKYQEGEFFGRRLDLNVLDLKKGAKFGKYFNVEHAEALVAASKEEMY
RRDPSIGQQRSLKDSTMTPKGKQVGDISCVEIFVRLVPKDWGLGDSEFPEMWVFTVADKKYIVAAEPVNTLDDKFPFHIL
ECEIDGYMNKSRGLLEISAPMNDILTWLFDSHMYNKRQIMNNQFIGDPSALVVKDVESKEPGKFIRLRPIISQLPVTDVT
AQNIQDVQVVERNMQRIVGVNDDVAGQSSPSSRRSATEFRGTTSFASSRLANLAYFFSVTGFRSLAKSLIVKTQQLYTVE
MKVKVAGDNIKGAQSIIVKPEDISGQFDIMPVDGTLPVDRMAQAQFWMQIMSMVAGNPVLGAEYRLGDIFSYTARLAGLK
GIDKMKIRILDDDQILALILA
;
K,L
#
# COMPACT_ATOMS: atom_id res chain seq x y z
N TYR A 202 32.53 10.92 -32.88
CA TYR A 202 31.14 10.96 -33.30
C TYR A 202 30.51 9.58 -33.20
N ASP A 203 31.25 8.65 -32.60
CA ASP A 203 30.88 7.23 -32.64
C ASP A 203 29.86 6.92 -31.54
N TRP A 204 28.65 7.44 -31.70
CA TRP A 204 27.52 6.94 -30.92
C TRP A 204 26.89 5.79 -31.68
N GLY A 205 27.00 4.59 -31.14
CA GLY A 205 26.36 3.44 -31.72
C GLY A 205 25.03 3.18 -31.04
N ARG A 206 24.08 2.58 -31.75
CA ARG A 206 22.75 2.33 -31.22
C ARG A 206 22.56 0.84 -31.02
N PRO A 207 22.58 0.36 -29.78
CA PRO A 207 22.35 -1.07 -29.53
C PRO A 207 21.00 -1.50 -30.03
N VAL A 208 20.94 -2.72 -30.58
CA VAL A 208 19.75 -3.25 -31.22
C VAL A 208 19.02 -4.13 -30.22
N LYS A 209 17.70 -4.21 -30.38
CA LYS A 209 16.82 -4.96 -29.50
C LYS A 209 16.31 -6.20 -30.21
N PRO A 210 16.97 -7.35 -30.07
CA PRO A 210 16.55 -8.57 -30.80
C PRO A 210 15.68 -9.54 -30.00
N VAL A 211 15.35 -9.24 -28.74
CA VAL A 211 14.62 -10.19 -27.92
C VAL A 211 13.18 -10.27 -28.40
N GLY A 212 12.65 -11.50 -28.50
CA GLY A 212 11.31 -11.74 -28.98
C GLY A 212 10.22 -11.04 -28.19
N SER A 213 9.29 -10.41 -28.90
CA SER A 213 8.24 -9.59 -28.29
C SER A 213 6.89 -10.23 -28.59
N ASP A 214 6.30 -10.87 -27.59
CA ASP A 214 5.00 -11.53 -27.75
C ASP A 214 4.32 -11.66 -26.40
N TRP A 215 3.00 -11.59 -26.40
CA TRP A 215 2.19 -11.72 -25.20
C TRP A 215 1.16 -12.83 -25.37
N SER A 216 0.28 -12.95 -24.38
CA SER A 216 -0.73 -14.00 -24.36
C SER A 216 -1.90 -13.53 -23.50
N THR A 217 -3.03 -14.23 -23.63
CA THR A 217 -4.25 -13.84 -22.95
C THR A 217 -4.88 -15.06 -22.30
N ASP A 218 -5.48 -14.86 -21.12
CA ASP A 218 -6.09 -15.95 -20.37
C ASP A 218 -7.51 -16.21 -20.85
N THR A 219 -7.82 -17.48 -21.08
CA THR A 219 -9.17 -17.86 -21.45
C THR A 219 -10.12 -17.71 -20.26
N PRO A 220 -11.34 -17.20 -20.49
CA PRO A 220 -12.35 -17.10 -19.44
C PRO A 220 -12.78 -18.45 -18.90
N MET B 1 -1.16 7.72 -38.95
CA MET B 1 -1.44 6.32 -39.24
C MET B 1 -0.56 5.84 -40.39
N ASP B 2 -1.17 5.22 -41.40
CA ASP B 2 -0.47 4.70 -42.56
C ASP B 2 -0.12 5.79 -43.56
N LYS B 3 -0.27 7.06 -43.18
CA LYS B 3 0.17 8.23 -43.95
C LYS B 3 -0.72 8.44 -45.17
N ALA B 4 -1.62 7.50 -45.45
CA ALA B 4 -2.59 7.69 -46.52
C ALA B 4 -3.93 8.16 -45.97
N THR B 5 -4.44 7.44 -44.98
CA THR B 5 -5.66 7.86 -44.31
C THR B 5 -5.55 9.29 -43.81
N LEU B 6 -4.38 9.67 -43.32
CA LEU B 6 -4.18 11.05 -42.86
C LEU B 6 -4.40 12.02 -44.00
N VAL B 7 -3.81 11.73 -45.17
CA VAL B 7 -3.93 12.65 -46.30
C VAL B 7 -5.37 12.75 -46.76
N LYS B 8 -6.06 11.62 -46.88
CA LYS B 8 -7.45 11.67 -47.35
C LYS B 8 -8.34 12.37 -46.33
N THR B 9 -8.04 12.21 -45.04
CA THR B 9 -8.76 12.94 -44.01
C THR B 9 -8.54 14.44 -44.17
N ILE B 10 -7.29 14.85 -44.41
CA ILE B 10 -7.01 16.27 -44.62
C ILE B 10 -7.79 16.79 -45.81
N ALA B 11 -7.80 16.02 -46.90
CA ALA B 11 -8.53 16.45 -48.10
C ALA B 11 -10.02 16.58 -47.83
N TYR B 12 -10.59 15.61 -47.10
CA TYR B 12 -12.03 15.63 -46.86
C TYR B 12 -12.42 16.78 -45.92
N ARG B 13 -11.67 16.95 -44.83
CA ARG B 13 -12.08 17.90 -43.81
C ARG B 13 -12.09 19.34 -44.31
N MET B 14 -11.08 19.74 -45.07
CA MET B 14 -10.95 21.13 -45.48
C MET B 14 -11.74 21.47 -46.74
N GLY B 15 -12.67 20.61 -47.15
CA GLY B 15 -13.53 20.98 -48.26
C GLY B 15 -13.47 20.08 -49.49
N ASN B 16 -13.21 18.80 -49.30
CA ASN B 16 -13.27 17.81 -50.38
C ASN B 16 -12.24 18.12 -51.47
N VAL B 17 -10.98 18.14 -51.06
CA VAL B 17 -9.87 18.44 -51.96
C VAL B 17 -9.69 17.30 -52.96
N LYS B 18 -9.19 17.64 -54.15
CA LYS B 18 -8.85 16.66 -55.17
C LYS B 18 -7.35 16.59 -55.43
N GLY B 19 -6.71 17.70 -55.79
CA GLY B 19 -5.37 17.66 -56.34
C GLY B 19 -4.24 18.26 -55.54
N GLN B 20 -4.50 18.87 -54.39
CA GLN B 20 -3.47 19.52 -53.61
C GLN B 20 -2.65 18.53 -52.78
N ASP B 21 -2.71 17.25 -53.12
CA ASP B 21 -1.99 16.23 -52.35
C ASP B 21 -0.48 16.48 -52.34
N THR B 22 0.07 17.07 -53.40
CA THR B 22 1.50 17.40 -53.38
C THR B 22 1.80 18.48 -52.36
N ALA B 23 1.00 19.55 -52.35
CA ALA B 23 1.13 20.55 -51.30
C ALA B 23 0.79 19.94 -49.95
N ILE B 24 -0.15 19.00 -49.92
CA ILE B 24 -0.47 18.30 -48.68
C ILE B 24 0.79 17.65 -48.13
N ASP B 25 1.52 16.91 -48.97
CA ASP B 25 2.71 16.21 -48.52
C ASP B 25 3.78 17.19 -48.06
N PHE B 26 4.06 18.20 -48.89
CA PHE B 26 5.12 19.15 -48.54
C PHE B 26 4.81 19.83 -47.21
N GLU B 27 3.60 20.37 -47.08
CA GLU B 27 3.27 21.14 -45.89
C GLU B 27 3.07 20.24 -44.68
N LEU B 28 2.70 18.98 -44.89
CA LEU B 28 2.50 18.07 -43.76
C LEU B 28 3.82 17.74 -43.10
N ALA B 29 4.83 17.50 -43.90
CA ALA B 29 6.10 17.12 -43.33
C ALA B 29 6.55 18.26 -42.53
N LEU B 30 6.30 19.43 -43.05
CA LEU B 30 6.77 20.57 -42.37
C LEU B 30 6.19 20.60 -40.99
N SER B 31 4.96 20.15 -40.84
CA SER B 31 4.32 20.21 -39.56
C SER B 31 5.02 19.42 -38.51
N ILE B 32 5.44 18.22 -38.87
CA ILE B 32 6.08 17.37 -37.88
C ILE B 32 7.33 18.06 -37.42
N GLU B 33 8.06 18.63 -38.33
CA GLU B 33 9.23 19.32 -37.89
C GLU B 33 8.88 20.47 -37.00
N ARG B 34 7.87 21.25 -37.33
CA ARG B 34 7.65 22.43 -36.52
C ARG B 34 7.34 22.04 -35.13
N LEU B 35 6.51 21.05 -34.99
CA LEU B 35 6.09 20.68 -33.66
C LEU B 35 7.27 20.22 -32.83
N GLU B 36 8.20 19.50 -33.45
CA GLU B 36 9.35 19.01 -32.76
C GLU B 36 10.20 20.14 -32.22
N GLY B 37 10.33 21.21 -32.98
CA GLY B 37 11.08 22.34 -32.53
C GLY B 37 10.49 23.00 -31.32
N GLN B 38 9.21 22.84 -31.12
CA GLN B 38 8.53 23.52 -30.03
C GLN B 38 8.97 23.02 -28.68
N GLU B 39 8.79 23.82 -27.66
CA GLU B 39 9.22 23.47 -26.32
C GLU B 39 8.77 22.21 -25.73
N PHE B 40 7.85 21.52 -26.37
CA PHE B 40 7.34 20.35 -25.68
C PHE B 40 7.94 19.08 -26.27
N VAL B 41 8.14 18.07 -25.41
CA VAL B 41 8.60 16.77 -25.87
C VAL B 41 7.63 15.70 -25.40
N PRO B 42 6.86 15.09 -26.30
CA PRO B 42 6.03 13.95 -25.93
C PRO B 42 6.89 12.72 -25.66
N TRP B 43 6.29 11.76 -24.96
CA TRP B 43 7.04 10.58 -24.52
C TRP B 43 7.57 9.79 -25.69
N PHE B 44 6.77 9.61 -26.73
CA PHE B 44 7.18 8.72 -27.82
C PHE B 44 8.30 9.32 -28.67
N LEU B 45 8.86 10.44 -28.28
CA LEU B 45 10.08 10.95 -28.88
C LEU B 45 11.33 10.43 -28.20
N LEU B 46 11.18 9.71 -27.08
CA LEU B 46 12.33 9.29 -26.29
C LEU B 46 13.15 8.27 -27.06
N SER B 47 14.45 8.51 -27.15
CA SER B 47 15.35 7.62 -27.85
C SER B 47 15.74 6.43 -26.98
N GLU B 48 16.32 5.41 -27.61
CA GLU B 48 16.82 4.25 -26.90
C GLU B 48 18.23 4.53 -26.37
N ASN B 49 18.74 3.61 -25.56
CA ASN B 49 20.05 3.78 -24.94
C ASN B 49 21.13 3.97 -25.98
N ASN B 50 22.10 4.83 -25.67
CA ASN B 50 23.21 5.13 -26.56
C ASN B 50 24.52 5.01 -25.81
N PHE B 51 25.59 4.73 -26.56
CA PHE B 51 26.93 4.63 -26.00
C PHE B 51 27.92 5.24 -26.97
N PHE B 52 29.08 5.62 -26.44
CA PHE B 52 30.11 6.30 -27.22
C PHE B 52 31.45 6.12 -26.54
N GLU B 53 32.51 6.16 -27.34
CA GLU B 53 33.88 6.00 -26.87
C GLU B 53 34.71 7.21 -27.27
N GLY B 54 35.48 7.74 -26.34
CA GLY B 54 36.31 8.91 -26.58
C GLY B 54 37.77 8.60 -26.29
N THR B 55 38.66 9.18 -27.09
CA THR B 55 40.07 8.89 -27.01
C THR B 55 40.71 9.62 -25.83
N ALA B 56 42.01 9.34 -25.64
CA ALA B 56 42.75 9.91 -24.53
C ALA B 56 43.01 11.40 -24.74
N GLN B 57 43.21 12.11 -23.63
CA GLN B 57 43.62 13.50 -23.58
C GLN B 57 42.66 14.45 -24.30
N GLU B 58 41.48 13.97 -24.69
CA GLU B 58 40.51 14.77 -25.42
C GLU B 58 39.30 14.98 -24.51
N ASN B 59 39.32 16.06 -23.73
CA ASN B 59 38.24 16.33 -22.81
C ASN B 59 36.98 16.85 -23.51
N ARG B 60 37.11 17.26 -24.77
CA ARG B 60 35.95 17.73 -25.51
C ARG B 60 35.23 16.56 -26.18
N ILE B 61 33.93 16.43 -25.92
CA ILE B 61 33.09 15.41 -26.54
C ILE B 61 31.94 16.09 -27.26
N PRO B 62 31.80 15.92 -28.57
CA PRO B 62 30.72 16.60 -29.30
C PRO B 62 29.35 16.08 -28.90
N VAL B 63 28.34 16.90 -29.17
CA VAL B 63 26.96 16.52 -28.84
C VAL B 63 26.54 15.36 -29.73
N PRO B 64 25.78 14.40 -29.23
CA PRO B 64 25.22 13.37 -30.10
C PRO B 64 24.27 13.98 -31.13
N ARG B 65 24.20 13.33 -32.29
CA ARG B 65 23.41 13.87 -33.39
C ARG B 65 21.93 13.85 -33.06
N GLY B 66 21.20 14.83 -33.59
CA GLY B 66 19.77 14.92 -33.37
C GLY B 66 19.37 15.16 -31.93
N PHE B 67 20.29 15.57 -31.07
CA PHE B 67 19.99 15.75 -29.66
C PHE B 67 19.13 16.99 -29.45
N ILE B 68 18.26 16.93 -28.44
CA ILE B 68 17.50 18.10 -28.04
C ILE B 68 17.72 18.38 -26.56
N ARG B 69 17.32 17.43 -25.71
CA ARG B 69 17.44 17.61 -24.26
C ARG B 69 17.55 16.24 -23.61
N GLU B 70 18.37 16.16 -22.57
CA GLU B 70 18.57 14.89 -21.88
C GLU B 70 17.34 14.48 -21.10
N TYR B 71 17.34 13.24 -20.64
CA TYR B 71 16.24 12.70 -19.85
C TYR B 71 16.43 13.06 -18.40
N GLU B 72 15.40 13.63 -17.78
CA GLU B 72 15.58 14.27 -16.48
C GLU B 72 15.96 13.28 -15.39
N GLU B 73 15.11 12.27 -15.12
CA GLU B 73 15.55 11.26 -14.18
C GLU B 73 16.42 10.24 -14.90
N GLY B 74 17.35 10.77 -15.70
CA GLY B 74 18.43 9.98 -16.26
C GLY B 74 19.67 10.84 -16.26
N SER B 75 20.82 10.20 -16.29
CA SER B 75 22.04 10.97 -16.17
C SER B 75 23.19 10.23 -16.84
N LEU B 76 24.25 10.98 -17.11
CA LEU B 76 25.39 10.41 -17.82
C LEU B 76 26.09 9.35 -17.00
N TYR B 77 26.34 8.21 -17.62
CA TYR B 77 26.87 7.03 -16.94
C TYR B 77 28.21 6.65 -17.52
N LEU B 78 29.17 6.36 -16.66
CA LEU B 78 30.50 5.95 -17.06
C LEU B 78 30.63 4.44 -16.87
N ARG B 79 30.98 3.75 -17.94
CA ARG B 79 31.12 2.29 -17.93
C ARG B 79 32.59 1.94 -18.06
N ARG B 80 33.09 1.14 -17.14
CA ARG B 80 34.48 0.71 -17.14
C ARG B 80 34.60 -0.69 -17.74
N VAL B 81 35.83 -1.04 -18.12
CA VAL B 81 36.08 -2.31 -18.78
C VAL B 81 35.76 -3.50 -17.87
N ALA B 82 35.87 -3.32 -16.55
CA ALA B 82 35.61 -4.41 -15.62
C ALA B 82 34.12 -4.68 -15.43
N GLY B 83 33.25 -4.01 -16.18
CA GLY B 83 31.83 -4.14 -16.00
C GLY B 83 31.24 -3.24 -14.94
N THR B 84 32.08 -2.68 -14.08
CA THR B 84 31.63 -1.72 -13.08
C THR B 84 31.35 -0.38 -13.71
N GLY B 85 30.44 0.38 -13.10
CA GLY B 85 29.98 1.64 -13.67
C GLY B 85 29.75 2.68 -12.59
N LYS B 86 29.37 3.88 -13.05
CA LYS B 86 29.18 5.01 -12.17
C LYS B 86 28.41 6.08 -12.93
N CYS B 87 27.75 7.00 -12.22
CA CYS B 87 27.00 8.09 -12.85
C CYS B 87 27.59 9.48 -12.62
N LEU B 88 28.10 10.13 -13.66
CA LEU B 88 28.74 11.42 -13.48
C LEU B 88 27.78 12.55 -13.12
N ILE B 89 28.25 13.56 -12.38
CA ILE B 89 27.38 14.65 -11.91
C ILE B 89 27.42 15.87 -12.80
N LYS B 90 26.43 16.76 -12.69
CA LYS B 90 26.37 17.91 -13.59
C LYS B 90 26.51 19.19 -12.88
N LYS B 91 27.39 20.04 -13.36
CA LYS B 91 27.52 21.33 -12.76
C LYS B 91 27.86 22.34 -13.80
N SER B 92 27.73 23.61 -13.47
CA SER B 92 27.99 24.66 -14.43
C SER B 92 29.43 24.70 -14.64
N GLN B 93 29.86 25.30 -15.73
CA GLN B 93 31.27 25.27 -16.06
C GLN B 93 32.02 25.92 -14.95
N ASP B 94 31.46 26.99 -14.43
CA ASP B 94 32.22 27.70 -13.46
C ASP B 94 32.54 26.87 -12.26
N GLN B 95 31.58 26.13 -11.76
CA GLN B 95 31.82 25.37 -10.54
C GLN B 95 32.87 24.37 -10.85
N LEU B 96 32.83 23.85 -12.04
CA LEU B 96 33.72 22.77 -12.35
C LEU B 96 35.07 23.13 -12.88
N LEU B 97 35.41 24.40 -13.01
CA LEU B 97 36.75 24.66 -13.50
C LEU B 97 37.83 24.17 -12.57
N LYS B 98 37.64 24.27 -11.27
CA LYS B 98 38.69 23.90 -10.33
C LYS B 98 39.49 22.66 -10.69
N TYR B 99 38.83 21.57 -11.03
CA TYR B 99 39.51 20.31 -11.27
C TYR B 99 40.54 20.35 -12.37
N GLU B 100 40.59 21.42 -13.16
CA GLU B 100 41.61 21.55 -14.18
C GLU B 100 42.99 21.00 -13.82
N GLY B 101 43.25 19.72 -14.11
CA GLY B 101 44.54 19.13 -13.83
C GLY B 101 44.48 17.96 -12.88
N MET B 102 43.30 17.52 -12.46
CA MET B 102 43.15 16.37 -11.58
C MET B 102 42.91 15.13 -12.44
N THR B 103 43.82 14.16 -12.32
CA THR B 103 43.81 12.97 -13.15
C THR B 103 43.13 11.82 -12.43
N GLY B 104 42.44 10.97 -13.17
CA GLY B 104 41.77 9.83 -12.59
C GLY B 104 40.47 9.54 -13.33
N GLU B 105 39.53 8.97 -12.60
CA GLU B 105 38.23 8.66 -13.17
C GLU B 105 37.46 9.95 -13.47
N PRO B 106 36.73 9.99 -14.58
CA PRO B 106 35.83 11.11 -14.84
C PRO B 106 34.74 11.18 -13.79
N SER B 107 34.33 12.41 -13.43
CA SER B 107 33.30 12.56 -12.41
C SER B 107 32.18 13.53 -12.77
N HIS B 108 32.48 14.55 -13.58
CA HIS B 108 31.53 15.63 -13.80
C HIS B 108 31.51 16.02 -15.28
N TYR B 109 30.61 16.94 -15.61
CA TYR B 109 30.49 17.44 -16.97
C TYR B 109 29.67 18.72 -16.96
N SER B 110 29.63 19.38 -18.13
CA SER B 110 28.77 20.53 -18.35
C SER B 110 28.18 20.46 -19.75
N LEU B 111 26.98 21.03 -19.91
CA LEU B 111 26.34 21.05 -21.21
C LEU B 111 27.11 21.91 -22.19
N THR B 112 27.56 23.08 -21.75
CA THR B 112 28.28 24.05 -22.58
C THR B 112 27.36 24.36 -23.76
N ASN B 113 27.87 24.43 -25.00
CA ASN B 113 27.07 24.83 -26.14
C ASN B 113 26.79 23.69 -27.10
N GLN B 114 27.82 22.97 -27.55
CA GLN B 114 27.64 21.83 -28.44
C GLN B 114 28.51 20.65 -28.08
N TYR B 115 29.35 20.76 -27.07
CA TYR B 115 30.36 19.75 -26.78
C TYR B 115 30.39 19.44 -25.29
N PHE B 116 30.51 18.15 -24.96
CA PHE B 116 30.65 17.71 -23.58
C PHE B 116 32.11 17.81 -23.17
N ARG B 117 32.35 18.31 -21.97
CA ARG B 117 33.69 18.46 -21.42
C ARG B 117 33.77 17.76 -20.06
N ILE B 118 34.76 16.89 -19.90
CA ILE B 118 35.02 16.22 -18.64
C ILE B 118 36.39 16.69 -18.15
N TYR B 119 36.39 17.34 -17.00
CA TYR B 119 37.58 17.95 -16.43
C TYR B 119 38.48 16.94 -15.72
N PRO B 120 37.95 15.91 -15.07
CA PRO B 120 38.82 14.77 -14.77
C PRO B 120 39.12 14.05 -16.06
N VAL B 121 40.33 14.24 -16.59
CA VAL B 121 40.67 13.84 -17.95
C VAL B 121 41.46 12.54 -17.87
N PRO B 122 40.93 11.42 -18.38
CA PRO B 122 41.70 10.18 -18.39
C PRO B 122 42.81 10.25 -19.43
N GLN B 123 43.77 9.34 -19.27
CA GLN B 123 44.93 9.26 -20.15
C GLN B 123 44.82 8.13 -21.17
N GLU B 124 43.65 7.48 -21.24
CA GLU B 124 43.44 6.39 -22.17
C GLU B 124 42.08 6.59 -22.86
N ASP B 125 41.78 5.71 -23.80
CA ASP B 125 40.45 5.72 -24.39
C ASP B 125 39.44 5.26 -23.36
N PHE B 126 38.18 5.67 -23.55
CA PHE B 126 37.14 5.41 -22.56
C PHE B 126 35.77 5.42 -23.21
N LYS B 127 34.85 4.66 -22.62
CA LYS B 127 33.50 4.48 -23.16
C LYS B 127 32.50 5.19 -22.26
N VAL B 128 31.42 5.67 -22.86
CA VAL B 128 30.39 6.42 -22.15
C VAL B 128 29.03 5.84 -22.50
N GLU B 129 28.07 6.06 -21.60
CA GLU B 129 26.67 5.72 -21.82
C GLU B 129 25.82 6.97 -21.72
N LEU B 130 24.80 7.06 -22.57
CA LEU B 130 24.02 8.29 -22.66
C LEU B 130 22.59 7.97 -23.08
N LEU B 131 21.66 8.81 -22.64
CA LEU B 131 20.26 8.76 -23.03
C LEU B 131 19.79 10.18 -23.31
N PHE B 132 18.88 10.34 -24.27
CA PHE B 132 18.41 11.69 -24.58
C PHE B 132 17.14 11.61 -25.42
N TYR B 133 16.63 12.79 -25.78
CA TYR B 133 15.48 12.95 -26.65
C TYR B 133 15.97 13.29 -28.06
N ARG B 134 15.46 12.57 -29.05
CA ARG B 134 15.92 12.73 -30.43
C ARG B 134 14.73 12.98 -31.35
N LYS B 135 15.02 13.67 -32.46
CA LYS B 135 14.01 13.91 -33.48
C LYS B 135 13.63 12.61 -34.18
N SER B 136 12.39 12.56 -34.67
CA SER B 136 11.92 11.36 -35.35
C SER B 136 12.69 11.12 -36.64
N SER B 137 13.25 12.17 -37.22
CA SER B 137 14.03 12.02 -38.44
C SER B 137 15.35 11.28 -38.18
N THR B 138 15.69 11.08 -36.92
CA THR B 138 17.00 10.56 -36.55
C THR B 138 16.92 9.34 -35.64
N LEU B 139 15.74 8.78 -35.42
CA LEU B 139 15.63 7.56 -34.62
C LEU B 139 15.70 6.33 -35.51
N ASN B 140 16.13 5.22 -34.91
CA ASN B 140 16.46 4.02 -35.67
C ASN B 140 15.28 3.06 -35.80
N VAL B 141 14.11 3.38 -35.28
CA VAL B 141 12.96 2.51 -35.44
C VAL B 141 12.32 2.77 -36.81
N GLU B 142 11.70 1.73 -37.37
CA GLU B 142 11.28 1.76 -38.77
C GLU B 142 10.26 2.85 -39.04
N ASP B 143 9.26 2.97 -38.18
CA ASP B 143 8.12 3.86 -38.43
C ASP B 143 8.26 5.15 -37.64
N ASN B 144 7.64 6.21 -38.20
CA ASN B 144 7.61 7.52 -37.54
C ASN B 144 6.59 7.44 -36.47
N PRO B 145 6.99 7.67 -35.25
CA PRO B 145 6.07 7.53 -34.13
C PRO B 145 4.96 8.51 -34.14
N TRP B 146 5.21 9.71 -34.62
CA TRP B 146 4.20 10.72 -34.51
C TRP B 146 2.93 10.35 -35.19
N TYR B 147 2.97 9.66 -36.30
CA TYR B 147 1.73 9.40 -36.97
C TYR B 147 0.87 8.56 -36.07
N GLU B 148 1.47 7.57 -35.43
CA GLU B 148 0.68 6.64 -34.65
C GLU B 148 -0.04 7.21 -33.47
N TYR B 149 0.63 8.07 -32.75
CA TYR B 149 0.02 8.61 -31.58
C TYR B 149 -0.10 10.06 -31.90
N ALA B 150 -1.15 10.71 -31.48
CA ALA B 150 -1.37 12.12 -31.83
C ALA B 150 -1.52 12.47 -33.27
N ALA B 151 -2.25 11.68 -34.01
CA ALA B 151 -2.49 12.02 -35.38
C ALA B 151 -3.22 13.28 -35.45
N GLU B 152 -4.15 13.49 -34.54
CA GLU B 152 -4.99 14.66 -34.67
C GLU B 152 -4.23 15.94 -34.63
N LEU B 153 -3.23 16.02 -33.79
CA LEU B 153 -2.54 17.24 -33.77
C LEU B 153 -2.02 17.37 -35.14
N LEU B 154 -1.50 16.30 -35.70
CA LEU B 154 -0.90 16.44 -36.99
C LEU B 154 -1.95 16.79 -38.03
N VAL B 155 -3.17 16.31 -37.88
CA VAL B 155 -4.15 16.62 -38.87
C VAL B 155 -4.49 18.07 -38.73
N ALA B 156 -4.67 18.53 -37.53
CA ALA B 156 -5.08 19.89 -37.39
C ALA B 156 -4.07 20.89 -37.78
N GLU B 157 -2.84 20.71 -37.36
CA GLU B 157 -1.86 21.73 -37.62
C GLU B 157 -1.60 21.88 -39.10
N THR B 158 -1.50 20.81 -39.84
CA THR B 158 -1.29 21.01 -41.25
C THR B 158 -2.49 21.71 -41.83
N ILE B 159 -3.68 21.33 -41.42
CA ILE B 159 -4.80 22.04 -41.93
C ILE B 159 -4.74 23.46 -41.46
N TRP B 160 -4.53 23.70 -40.16
CA TRP B 160 -4.47 25.11 -39.82
C TRP B 160 -3.50 25.85 -40.74
N ALA B 161 -2.34 25.28 -40.99
CA ALA B 161 -1.37 25.94 -41.86
C ALA B 161 -1.91 26.07 -43.28
N MET B 162 -2.46 24.98 -43.81
CA MET B 162 -3.00 25.01 -45.17
C MET B 162 -4.10 26.05 -45.30
N LEU B 163 -5.01 26.11 -44.32
CA LEU B 163 -6.11 27.05 -44.41
C LEU B 163 -5.66 28.48 -44.19
N SER B 164 -4.75 28.72 -43.24
CA SER B 164 -4.23 30.06 -43.02
C SER B 164 -3.51 30.57 -44.25
N ALA B 165 -3.06 29.71 -45.14
CA ALA B 165 -2.33 30.24 -46.27
C ALA B 165 -3.19 30.93 -47.27
N ARG B 166 -4.45 30.58 -47.31
CA ARG B 166 -5.32 31.12 -48.32
C ARG B 166 -6.06 32.27 -47.76
N ARG B 167 -5.64 32.75 -46.60
CA ARG B 167 -6.32 33.85 -45.96
C ARG B 167 -7.77 33.64 -45.63
N ASP B 168 -8.08 32.52 -44.98
CA ASP B 168 -9.46 32.19 -44.62
C ASP B 168 -9.77 32.21 -43.12
N LYS B 169 -10.84 32.88 -42.72
CA LYS B 169 -11.24 33.01 -41.32
C LYS B 169 -11.08 31.85 -40.36
N MET B 170 -11.60 30.69 -40.68
CA MET B 170 -11.55 29.46 -39.89
C MET B 170 -10.14 29.16 -39.39
N ALA B 171 -9.15 29.97 -39.76
CA ALA B 171 -7.79 29.75 -39.27
C ALA B 171 -7.72 29.82 -37.75
N ASP B 172 -8.38 30.82 -37.16
CA ASP B 172 -8.40 30.92 -35.70
C ASP B 172 -9.07 29.70 -35.09
N TYR B 173 -10.17 29.24 -35.69
CA TYR B 173 -10.88 28.09 -35.17
C TYR B 173 -10.00 26.84 -35.17
N TRP B 174 -9.33 26.57 -36.28
CA TRP B 174 -8.47 25.40 -36.35
C TRP B 174 -7.28 25.54 -35.40
N LYS B 175 -6.73 26.75 -35.26
CA LYS B 175 -5.63 26.95 -34.33
C LYS B 175 -6.08 26.68 -32.91
N SER B 176 -7.30 27.08 -32.55
CA SER B 176 -7.83 26.77 -31.24
C SER B 176 -7.98 25.27 -31.05
N VAL B 177 -8.44 24.57 -32.10
CA VAL B 177 -8.54 23.12 -32.04
C VAL B 177 -7.19 22.50 -31.73
N ALA B 178 -6.16 22.96 -32.45
CA ALA B 178 -4.82 22.43 -32.24
C ALA B 178 -4.32 22.72 -30.83
N ALA B 179 -4.61 23.92 -30.32
CA ALA B 179 -4.20 24.27 -28.97
C ALA B 179 -4.85 23.36 -27.93
N ASP B 180 -6.15 23.12 -28.07
CA ASP B 180 -6.84 22.21 -27.16
C ASP B 180 -6.21 20.82 -27.21
N GLN B 181 -5.91 20.34 -28.42
CA GLN B 181 -5.30 19.03 -28.55
C GLN B 181 -3.93 18.98 -27.89
N MET B 182 -3.14 20.06 -28.03
CA MET B 182 -1.83 20.09 -27.40
C MET B 182 -1.94 20.06 -25.89
N ARG B 183 -2.90 20.80 -25.33
CA ARG B 183 -3.09 20.76 -23.89
C ARG B 183 -3.48 19.36 -23.44
N ARG B 184 -4.34 18.71 -24.22
CA ARG B 184 -4.71 17.33 -23.93
C ARG B 184 -3.50 16.42 -23.89
N LEU B 185 -2.63 16.50 -24.90
CA LEU B 185 -1.48 15.60 -24.93
C LEU B 185 -0.50 15.92 -23.79
N THR B 186 -0.38 17.20 -23.44
CA THR B 186 0.47 17.56 -22.32
C THR B 186 -0.04 16.94 -21.03
N ILE B 187 -1.36 16.92 -20.85
CA ILE B 187 -1.94 16.23 -19.69
C ILE B 187 -1.62 14.75 -19.76
N LEU B 188 -1.79 14.15 -20.94
CA LEU B 188 -1.56 12.71 -21.09
C LEU B 188 -0.11 12.32 -20.81
N ASP B 189 0.85 13.18 -21.10
CA ASP B 189 2.25 12.86 -20.77
C ASP B 189 2.41 12.61 -19.28
N ALA B 190 1.95 13.54 -18.46
CA ALA B 190 1.99 13.35 -17.02
C ALA B 190 1.11 12.17 -16.59
N GLU B 191 0.07 11.86 -17.36
CA GLU B 191 -0.71 10.68 -17.06
C GLU B 191 0.14 9.42 -17.05
N ARG B 192 1.18 9.34 -17.88
CA ARG B 192 2.01 8.16 -17.97
C ARG B 192 3.28 8.26 -17.13
N ARG B 193 3.93 9.43 -17.10
CA ARG B 193 5.21 9.53 -16.39
C ARG B 193 5.04 9.17 -14.92
N LEU B 194 3.97 9.66 -14.30
CA LEU B 194 3.65 9.36 -12.91
C LEU B 194 2.46 8.44 -12.79
N ALA B 195 2.35 7.47 -13.69
CA ALA B 195 1.17 6.62 -13.77
C ALA B 195 0.89 5.87 -12.47
N ASN B 196 1.79 4.97 -12.09
CA ASN B 196 1.60 4.19 -10.88
C ASN B 196 2.83 4.24 -9.98
N GLN B 197 3.55 5.34 -9.92
CA GLN B 197 4.68 5.43 -8.97
C GLN B 197 4.21 5.50 -7.53
N GLU B 198 5.01 5.00 -6.60
CA GLU B 198 4.66 5.12 -5.19
C GLU B 198 5.73 5.93 -4.53
N ILE B 199 5.38 6.91 -3.72
CA ILE B 199 6.41 7.76 -3.18
C ILE B 199 6.33 7.83 -1.71
N PHE B 200 7.45 8.07 -1.05
CA PHE B 200 7.43 8.31 0.37
C PHE B 200 8.61 9.22 0.56
N MET B 201 8.63 10.03 1.59
CA MET B 201 9.80 10.84 1.82
C MET B 201 10.89 9.84 2.14
N GLY B 202 12.12 10.13 1.77
CA GLY B 202 13.21 9.19 1.98
C GLY B 202 12.83 7.72 1.99
N MET C 1 -26.81 -0.66 -29.24
CA MET C 1 -26.61 -0.09 -30.55
C MET C 1 -25.77 -1.05 -31.39
N ASP C 2 -26.13 -1.21 -32.67
CA ASP C 2 -25.64 -2.32 -33.48
C ASP C 2 -24.75 -1.86 -34.64
N LYS C 3 -24.09 -0.71 -34.52
CA LYS C 3 -23.17 -0.21 -35.54
C LYS C 3 -23.91 0.15 -36.82
N ALA C 4 -25.21 -0.13 -36.86
CA ALA C 4 -26.08 0.23 -37.96
C ALA C 4 -27.09 1.30 -37.57
N THR C 5 -27.65 1.20 -36.36
CA THR C 5 -28.48 2.28 -35.86
C THR C 5 -27.69 3.57 -35.72
N LEU C 6 -26.36 3.46 -35.57
CA LEU C 6 -25.52 4.66 -35.50
C LEU C 6 -25.57 5.43 -36.82
N VAL C 7 -25.37 4.75 -37.95
CA VAL C 7 -25.36 5.45 -39.22
C VAL C 7 -26.75 5.96 -39.55
N LYS C 8 -27.78 5.19 -39.20
CA LYS C 8 -29.15 5.65 -39.39
C LYS C 8 -29.42 6.90 -38.58
N THR C 9 -28.96 6.92 -37.32
CA THR C 9 -29.12 8.11 -36.50
C THR C 9 -28.36 9.28 -37.07
N ILE C 10 -27.17 9.04 -37.61
CA ILE C 10 -26.38 10.12 -38.19
C ILE C 10 -27.12 10.74 -39.37
N ALA C 11 -27.66 9.89 -40.24
CA ALA C 11 -28.45 10.39 -41.35
C ALA C 11 -29.68 11.15 -40.86
N TYR C 12 -30.39 10.59 -39.89
CA TYR C 12 -31.65 11.19 -39.44
C TYR C 12 -31.40 12.55 -38.80
N ARG C 13 -30.47 12.63 -37.87
CA ARG C 13 -30.19 13.90 -37.19
C ARG C 13 -29.51 14.90 -38.12
N MET C 14 -28.66 14.41 -39.04
CA MET C 14 -27.98 15.30 -39.96
C MET C 14 -28.94 15.92 -40.97
N GLY C 15 -30.13 15.36 -41.13
CA GLY C 15 -31.08 15.89 -42.08
C GLY C 15 -31.58 14.89 -43.11
N ASN C 16 -31.57 13.61 -42.75
CA ASN C 16 -32.05 12.53 -43.61
C ASN C 16 -31.22 12.43 -44.89
N VAL C 17 -29.90 12.51 -44.72
CA VAL C 17 -29.00 12.30 -45.84
C VAL C 17 -29.05 10.83 -46.26
N LYS C 18 -28.77 10.58 -47.54
CA LYS C 18 -28.97 9.25 -48.10
C LYS C 18 -27.67 8.58 -48.54
N GLY C 19 -26.91 9.21 -49.44
CA GLY C 19 -25.87 8.50 -50.16
C GLY C 19 -24.47 8.60 -49.62
N GLN C 20 -24.31 8.92 -48.35
CA GLN C 20 -23.00 9.10 -47.75
C GLN C 20 -22.58 7.92 -46.87
N ASP C 21 -23.21 6.75 -47.05
CA ASP C 21 -23.06 5.66 -46.09
C ASP C 21 -21.61 5.23 -45.95
N THR C 22 -20.86 5.28 -47.04
CA THR C 22 -19.45 4.94 -46.96
C THR C 22 -18.73 5.98 -46.17
N ALA C 23 -19.09 7.23 -46.42
CA ALA C 23 -18.48 8.30 -45.68
C ALA C 23 -18.84 8.18 -44.23
N ILE C 24 -20.07 7.80 -43.94
CA ILE C 24 -20.42 7.75 -42.56
C ILE C 24 -19.51 6.77 -41.92
N ASP C 25 -19.31 5.64 -42.57
CA ASP C 25 -18.51 4.60 -41.97
C ASP C 25 -17.10 5.00 -41.77
N PHE C 26 -16.54 5.69 -42.74
CA PHE C 26 -15.15 6.01 -42.61
C PHE C 26 -15.07 6.84 -41.40
N GLU C 27 -15.97 7.79 -41.29
CA GLU C 27 -15.84 8.70 -40.17
C GLU C 27 -16.06 8.10 -38.83
N LEU C 28 -17.02 7.21 -38.68
CA LEU C 28 -17.26 6.73 -37.33
C LEU C 28 -15.98 6.07 -36.90
N ALA C 29 -15.36 5.32 -37.78
CA ALA C 29 -14.13 4.68 -37.41
C ALA C 29 -13.04 5.67 -37.16
N LEU C 30 -13.04 6.75 -37.86
CA LEU C 30 -11.94 7.61 -37.61
C LEU C 30 -12.13 8.10 -36.22
N SER C 31 -13.37 8.26 -35.83
CA SER C 31 -13.65 8.81 -34.52
C SER C 31 -13.31 8.06 -33.29
N ILE C 32 -13.58 6.76 -33.30
CA ILE C 32 -13.37 5.97 -32.10
C ILE C 32 -11.90 6.04 -31.79
N GLU C 33 -11.06 5.97 -32.80
CA GLU C 33 -9.69 6.06 -32.47
C GLU C 33 -9.36 7.42 -31.86
N ARG C 34 -9.92 8.50 -32.35
CA ARG C 34 -9.50 9.77 -31.82
C ARG C 34 -9.82 9.85 -30.38
N LEU C 35 -11.01 9.43 -30.03
CA LEU C 35 -11.44 9.56 -28.65
C LEU C 35 -10.54 8.68 -27.79
N GLU C 36 -10.12 7.55 -28.34
CA GLU C 36 -9.23 6.66 -27.63
C GLU C 36 -7.90 7.32 -27.34
N GLY C 37 -7.39 8.08 -28.27
CA GLY C 37 -6.15 8.80 -28.07
C GLY C 37 -6.25 9.84 -26.98
N GLN C 38 -7.45 10.29 -26.69
CA GLN C 38 -7.68 11.30 -25.67
C GLN C 38 -7.00 11.00 -24.36
N GLU C 39 -6.90 12.00 -23.52
CA GLU C 39 -6.16 11.82 -22.26
C GLU C 39 -6.98 11.08 -21.24
N PHE C 40 -8.29 11.33 -21.16
CA PHE C 40 -9.16 10.56 -20.29
C PHE C 40 -9.34 9.16 -20.87
N VAL C 41 -9.55 8.18 -19.99
CA VAL C 41 -9.82 6.81 -20.38
C VAL C 41 -11.05 6.30 -19.65
N PRO C 42 -12.03 5.75 -20.34
CA PRO C 42 -13.21 5.21 -19.66
C PRO C 42 -12.92 3.90 -18.95
N TRP C 43 -13.94 3.20 -18.45
CA TRP C 43 -13.76 1.99 -17.65
C TRP C 43 -13.84 0.64 -18.27
N PHE C 44 -14.13 0.57 -19.54
CA PHE C 44 -14.31 -0.72 -20.15
C PHE C 44 -13.09 -1.17 -20.90
N LEU C 45 -11.99 -0.45 -20.79
CA LEU C 45 -10.85 -0.77 -21.59
C LEU C 45 -9.72 -1.49 -20.89
N LEU C 46 -9.93 -1.99 -19.69
CA LEU C 46 -8.87 -2.77 -19.05
C LEU C 46 -8.86 -4.19 -19.54
N SER C 47 -7.71 -4.68 -19.95
CA SER C 47 -7.63 -6.02 -20.51
C SER C 47 -7.69 -7.09 -19.50
N GLU C 48 -7.95 -8.30 -19.92
CA GLU C 48 -7.91 -9.37 -19.00
C GLU C 48 -6.47 -9.55 -18.70
N ASN C 49 -6.16 -10.19 -17.59
CA ASN C 49 -4.78 -10.28 -17.21
C ASN C 49 -4.02 -10.91 -18.31
N ASN C 50 -2.93 -10.28 -18.73
CA ASN C 50 -2.13 -10.80 -19.80
C ASN C 50 -0.81 -10.98 -19.19
N PHE C 51 -0.12 -12.03 -19.57
CA PHE C 51 1.23 -12.22 -19.07
C PHE C 51 2.23 -12.33 -20.22
N PHE C 52 3.50 -12.08 -19.90
CA PHE C 52 4.60 -12.11 -20.84
C PHE C 52 5.67 -13.06 -20.32
N GLU C 53 6.32 -13.76 -21.24
CA GLU C 53 7.40 -14.68 -20.90
C GLU C 53 8.73 -14.03 -21.27
N GLY C 54 9.63 -13.94 -20.29
CA GLY C 54 10.90 -13.25 -20.46
C GLY C 54 12.06 -14.25 -20.46
N THR C 55 12.99 -14.02 -21.38
CA THR C 55 14.17 -14.86 -21.48
C THR C 55 15.30 -14.28 -20.63
N ALA C 56 16.15 -15.16 -20.12
CA ALA C 56 17.19 -14.77 -19.18
C ALA C 56 18.22 -13.86 -19.85
N GLN C 57 19.00 -13.18 -19.00
CA GLN C 57 20.10 -12.29 -19.37
C GLN C 57 19.65 -11.03 -20.07
N GLU C 58 18.35 -10.74 -20.10
CA GLU C 58 17.82 -9.56 -20.77
C GLU C 58 17.03 -8.73 -19.77
N ASN C 59 17.30 -7.42 -19.74
CA ASN C 59 16.59 -6.56 -18.80
C ASN C 59 15.34 -5.92 -19.41
N ARG C 60 15.46 -5.35 -20.61
CA ARG C 60 14.33 -4.68 -21.22
C ARG C 60 13.23 -5.66 -21.57
N ILE C 61 11.98 -5.22 -21.44
CA ILE C 61 10.82 -6.03 -21.75
C ILE C 61 9.93 -5.26 -22.71
N PRO C 62 9.54 -5.82 -23.85
CA PRO C 62 8.69 -5.08 -24.78
C PRO C 62 7.34 -4.75 -24.18
N VAL C 63 6.84 -3.57 -24.51
CA VAL C 63 5.54 -3.09 -24.03
C VAL C 63 4.46 -3.90 -24.72
N PRO C 64 3.31 -4.14 -24.08
CA PRO C 64 2.23 -4.85 -24.78
C PRO C 64 1.76 -4.07 -26.01
N ARG C 65 1.22 -4.83 -26.97
CA ARG C 65 0.72 -4.22 -28.20
C ARG C 65 -0.35 -3.18 -27.90
N GLY C 66 -0.19 -2.00 -28.48
CA GLY C 66 -1.18 -0.95 -28.32
C GLY C 66 -1.39 -0.50 -26.88
N PHE C 67 -0.35 -0.40 -26.11
CA PHE C 67 -0.52 -0.09 -24.72
C PHE C 67 -0.91 1.35 -24.56
N ILE C 68 -1.61 1.68 -23.50
CA ILE C 68 -1.93 3.07 -23.21
C ILE C 68 -1.34 3.48 -21.88
N ARG C 69 -1.73 2.80 -20.80
CA ARG C 69 -1.22 3.10 -19.46
C ARG C 69 -1.40 1.92 -18.51
N GLU C 70 -0.69 1.90 -17.39
CA GLU C 70 -0.84 0.83 -16.43
C GLU C 70 -2.09 1.03 -15.61
N TYR C 71 -2.36 0.13 -14.68
CA TYR C 71 -3.54 0.23 -13.85
C TYR C 71 -3.14 0.85 -12.57
N GLU C 72 -3.89 1.82 -12.09
CA GLU C 72 -3.50 2.54 -10.90
C GLU C 72 -3.32 1.62 -9.73
N GLU C 73 -4.19 0.63 -9.62
CA GLU C 73 -4.13 -0.28 -8.48
C GLU C 73 -3.54 -1.66 -8.74
N GLY C 74 -2.99 -1.91 -9.91
CA GLY C 74 -2.51 -3.24 -10.22
C GLY C 74 -1.07 -3.17 -10.59
N SER C 75 -0.32 -4.20 -10.30
CA SER C 75 1.10 -4.11 -10.54
C SER C 75 1.61 -5.36 -11.13
N LEU C 76 2.82 -5.29 -11.67
CA LEU C 76 3.41 -6.49 -12.22
C LEU C 76 3.58 -7.49 -11.12
N TYR C 77 3.28 -8.74 -11.39
CA TYR C 77 3.42 -9.78 -10.39
C TYR C 77 4.22 -10.88 -11.06
N LEU C 78 5.12 -11.52 -10.35
CA LEU C 78 5.87 -12.62 -10.90
C LEU C 78 5.27 -13.90 -10.30
N ARG C 79 5.07 -14.97 -11.05
CA ARG C 79 4.58 -16.24 -10.55
C ARG C 79 5.71 -17.26 -10.66
N ARG C 80 6.18 -17.74 -9.51
CA ARG C 80 7.30 -18.65 -9.46
C ARG C 80 6.85 -20.06 -9.80
N VAL C 81 7.76 -21.02 -9.66
CA VAL C 81 7.43 -22.40 -9.95
C VAL C 81 6.39 -22.92 -8.96
N ALA C 82 6.45 -22.49 -7.71
CA ALA C 82 5.51 -22.96 -6.70
C ALA C 82 4.12 -22.38 -6.87
N GLY C 83 3.94 -21.40 -7.74
CA GLY C 83 2.66 -20.76 -7.96
C GLY C 83 2.48 -19.45 -7.24
N THR C 84 3.30 -19.17 -6.24
CA THR C 84 3.24 -17.91 -5.52
C THR C 84 4.24 -16.91 -6.09
N GLY C 85 4.14 -15.67 -5.64
CA GLY C 85 5.02 -14.63 -6.11
C GLY C 85 5.20 -13.47 -5.16
N LYS C 86 5.42 -12.27 -5.71
CA LYS C 86 5.69 -11.09 -4.91
C LYS C 86 5.33 -9.86 -5.72
N CYS C 87 4.89 -8.73 -5.17
CA CYS C 87 4.62 -7.55 -6.03
C CYS C 87 5.83 -6.62 -6.32
N LEU C 88 6.25 -6.46 -7.57
CA LEU C 88 7.42 -5.64 -7.87
C LEU C 88 7.15 -4.16 -7.71
N ILE C 89 8.16 -3.35 -7.45
CA ILE C 89 7.99 -1.92 -7.16
C ILE C 89 8.63 -1.05 -8.22
N LYS C 90 8.09 0.14 -8.49
CA LYS C 90 8.63 0.96 -9.57
C LYS C 90 9.26 2.21 -9.13
N LYS C 91 10.27 2.61 -9.87
CA LYS C 91 10.99 3.78 -9.49
C LYS C 91 11.61 4.34 -10.73
N SER C 92 12.05 5.59 -10.65
CA SER C 92 12.62 6.23 -11.79
C SER C 92 13.87 5.54 -12.10
N GLN C 93 14.28 5.60 -13.35
CA GLN C 93 15.44 4.85 -13.73
C GLN C 93 16.60 5.29 -12.90
N ASP C 94 16.67 6.56 -12.62
CA ASP C 94 17.83 6.97 -11.91
C ASP C 94 17.95 6.27 -10.59
N GLN C 95 16.87 6.15 -9.84
CA GLN C 95 17.00 5.55 -8.51
C GLN C 95 17.34 4.11 -8.64
N LEU C 96 17.20 3.56 -9.83
CA LEU C 96 17.39 2.13 -9.95
C LEU C 96 18.73 1.76 -10.49
N LEU C 97 19.57 2.73 -10.72
CA LEU C 97 20.90 2.44 -11.21
C LEU C 97 21.72 1.64 -10.22
N LYS C 98 21.46 1.81 -8.93
CA LYS C 98 22.31 1.18 -7.93
C LYS C 98 22.40 -0.34 -8.02
N TYR C 99 21.33 -1.00 -8.38
CA TYR C 99 21.32 -2.47 -8.37
C TYR C 99 21.97 -3.04 -9.60
N GLU C 100 22.56 -2.18 -10.41
CA GLU C 100 23.24 -2.66 -11.58
C GLU C 100 24.35 -3.59 -11.15
N GLY C 101 24.60 -4.64 -11.93
CA GLY C 101 25.59 -5.61 -11.54
C GLY C 101 25.34 -6.35 -10.25
N MET C 102 24.11 -6.79 -10.01
CA MET C 102 23.75 -7.49 -8.78
C MET C 102 23.00 -8.78 -9.08
N THR C 103 22.84 -9.66 -8.10
CA THR C 103 22.19 -10.95 -8.34
C THR C 103 20.91 -11.26 -7.54
N GLY C 104 19.87 -11.76 -8.19
CA GLY C 104 18.63 -12.13 -7.49
C GLY C 104 17.33 -12.23 -8.27
N GLU C 105 16.18 -12.24 -7.59
CA GLU C 105 14.90 -12.22 -8.29
C GLU C 105 14.67 -10.79 -8.74
N PRO C 106 13.83 -10.56 -9.76
CA PRO C 106 13.66 -9.16 -10.05
C PRO C 106 13.03 -8.39 -8.89
N SER C 107 13.20 -7.07 -8.83
CA SER C 107 12.59 -6.26 -7.79
C SER C 107 12.08 -4.94 -8.35
N HIS C 108 12.74 -4.35 -9.31
CA HIS C 108 12.23 -3.05 -9.70
C HIS C 108 11.91 -2.87 -11.14
N TYR C 109 10.83 -2.17 -11.41
CA TYR C 109 10.42 -1.96 -12.78
C TYR C 109 10.38 -0.52 -13.21
N SER C 110 10.94 -0.21 -14.37
CA SER C 110 10.92 1.15 -14.87
C SER C 110 10.38 1.30 -16.27
N LEU C 111 9.68 2.38 -16.57
CA LEU C 111 9.06 2.57 -17.89
C LEU C 111 9.86 2.78 -19.13
N THR C 112 10.92 3.58 -19.07
CA THR C 112 11.66 3.94 -20.27
C THR C 112 10.65 4.51 -21.26
N ASN C 113 10.63 4.05 -22.52
CA ASN C 113 9.61 4.54 -23.46
C ASN C 113 8.78 3.43 -23.97
N GLN C 114 9.44 2.48 -24.58
CA GLN C 114 8.74 1.36 -25.12
C GLN C 114 9.13 0.13 -24.37
N TYR C 115 10.12 0.23 -23.50
CA TYR C 115 10.57 -0.97 -22.83
C TYR C 115 10.58 -0.89 -21.34
N PHE C 116 10.06 -1.90 -20.65
CA PHE C 116 10.10 -1.95 -19.20
C PHE C 116 11.49 -2.33 -18.94
N ARG C 117 11.96 -2.24 -17.72
CA ARG C 117 13.31 -2.71 -17.51
C ARG C 117 13.49 -3.48 -16.23
N ILE C 118 14.27 -4.57 -16.22
CA ILE C 118 14.47 -5.18 -14.92
C ILE C 118 15.96 -5.12 -14.60
N TYR C 119 16.33 -4.29 -13.62
CA TYR C 119 17.73 -4.15 -13.26
C TYR C 119 18.28 -5.27 -12.39
N PRO C 120 17.54 -5.80 -11.41
CA PRO C 120 18.00 -7.05 -10.80
C PRO C 120 17.79 -8.16 -11.82
N VAL C 121 18.85 -8.56 -12.50
CA VAL C 121 18.71 -9.35 -13.71
C VAL C 121 18.32 -10.77 -13.35
N PRO C 122 17.21 -11.29 -13.85
CA PRO C 122 16.86 -12.68 -13.60
C PRO C 122 17.71 -13.60 -14.47
N GLN C 123 18.59 -14.37 -13.83
CA GLN C 123 19.53 -15.22 -14.53
C GLN C 123 18.87 -16.38 -15.26
N GLU C 124 17.58 -16.62 -15.03
CA GLU C 124 16.89 -17.75 -15.62
C GLU C 124 15.61 -17.26 -16.26
N ASP C 125 14.86 -18.20 -16.84
CA ASP C 125 13.60 -17.86 -17.49
C ASP C 125 12.55 -17.47 -16.46
N PHE C 126 11.69 -16.52 -16.83
CA PHE C 126 10.80 -15.88 -15.89
C PHE C 126 9.57 -15.38 -16.63
N LYS C 127 8.51 -15.08 -15.85
CA LYS C 127 7.29 -14.55 -16.41
C LYS C 127 6.65 -13.61 -15.41
N VAL C 128 5.95 -12.59 -15.93
CA VAL C 128 5.15 -11.69 -15.11
C VAL C 128 3.81 -11.47 -15.77
N GLU C 129 2.84 -11.05 -14.97
CA GLU C 129 1.50 -10.75 -15.45
C GLU C 129 1.17 -9.30 -15.08
N LEU C 130 0.35 -8.66 -15.93
CA LEU C 130 0.06 -7.25 -15.79
C LEU C 130 -1.42 -7.01 -15.94
N LEU C 131 -1.85 -5.82 -15.51
CA LEU C 131 -3.19 -5.33 -15.76
C LEU C 131 -3.09 -3.94 -16.36
N PHE C 132 -3.44 -3.81 -17.63
CA PHE C 132 -3.19 -2.56 -18.34
C PHE C 132 -4.37 -2.21 -19.23
N TYR C 133 -4.49 -0.91 -19.49
CA TYR C 133 -5.56 -0.44 -20.32
C TYR C 133 -5.04 -0.58 -21.69
N ARG C 134 -5.87 -1.01 -22.60
CA ARG C 134 -5.36 -1.28 -23.91
C ARG C 134 -6.22 -0.69 -24.93
N LYS C 135 -5.68 -0.58 -26.13
CA LYS C 135 -6.42 -0.01 -27.20
C LYS C 135 -7.62 -0.88 -27.49
N SER C 136 -8.70 -0.29 -27.99
CA SER C 136 -9.94 -1.04 -28.19
C SER C 136 -9.77 -2.19 -29.14
N SER C 137 -9.05 -1.98 -30.21
CA SER C 137 -8.94 -3.01 -31.20
C SER C 137 -8.31 -4.22 -30.64
N THR C 138 -7.28 -4.04 -29.87
CA THR C 138 -6.54 -5.20 -29.42
C THR C 138 -7.37 -6.12 -28.55
N LEU C 139 -8.26 -5.58 -27.75
CA LEU C 139 -8.98 -6.42 -26.82
C LEU C 139 -9.77 -7.49 -27.53
N ASN C 140 -9.78 -8.68 -26.97
CA ASN C 140 -10.49 -9.78 -27.58
C ASN C 140 -11.97 -9.56 -27.69
N VAL C 141 -12.60 -8.97 -26.68
CA VAL C 141 -14.06 -8.83 -26.65
C VAL C 141 -14.73 -8.86 -28.00
N GLU C 142 -15.60 -9.84 -28.23
CA GLU C 142 -16.21 -10.04 -29.54
C GLU C 142 -16.57 -8.72 -30.21
N ASP C 143 -17.11 -7.76 -29.46
CA ASP C 143 -17.63 -6.55 -30.04
C ASP C 143 -17.02 -5.33 -29.34
N ASN C 144 -17.10 -4.19 -30.02
CA ASN C 144 -16.61 -2.94 -29.47
C ASN C 144 -17.47 -2.52 -28.28
N PRO C 145 -16.88 -2.38 -27.08
CA PRO C 145 -17.67 -1.86 -25.97
C PRO C 145 -18.11 -0.42 -26.18
N TRP C 146 -17.32 0.38 -26.89
CA TRP C 146 -17.72 1.76 -27.17
C TRP C 146 -19.08 1.80 -27.85
N TYR C 147 -19.37 0.80 -28.67
CA TYR C 147 -20.69 0.72 -29.29
C TYR C 147 -21.77 0.63 -28.22
N GLU C 148 -21.59 -0.23 -27.23
CA GLU C 148 -22.59 -0.38 -26.18
C GLU C 148 -22.63 0.85 -25.28
N TYR C 149 -21.47 1.31 -24.83
CA TYR C 149 -21.41 2.30 -23.77
C TYR C 149 -21.22 3.69 -24.36
N ALA C 150 -22.10 4.61 -23.95
CA ALA C 150 -22.04 6.02 -24.36
C ALA C 150 -22.08 6.17 -25.88
N ALA C 151 -22.97 5.40 -26.51
CA ALA C 151 -23.13 5.50 -27.97
C ALA C 151 -23.51 6.91 -28.37
N GLU C 152 -24.14 7.62 -27.46
CA GLU C 152 -24.44 8.99 -27.76
C GLU C 152 -23.18 9.83 -27.93
N LEU C 153 -22.14 9.55 -27.18
CA LEU C 153 -21.00 10.37 -27.35
C LEU C 153 -20.55 10.12 -28.72
N LEU C 154 -20.54 8.87 -29.11
CA LEU C 154 -20.00 8.57 -30.40
C LEU C 154 -20.83 9.22 -31.48
N VAL C 155 -22.14 9.21 -31.34
CA VAL C 155 -22.94 9.75 -32.40
C VAL C 155 -22.61 11.19 -32.56
N ALA C 156 -22.51 11.88 -31.45
CA ALA C 156 -22.31 13.29 -31.58
C ALA C 156 -21.04 13.69 -32.19
N GLU C 157 -19.99 13.08 -31.74
CA GLU C 157 -18.71 13.52 -32.20
C GLU C 157 -18.52 13.30 -33.69
N THR C 158 -18.93 12.17 -34.24
CA THR C 158 -18.78 12.03 -35.67
C THR C 158 -19.60 13.06 -36.40
N ILE C 159 -20.80 13.34 -35.92
CA ILE C 159 -21.61 14.26 -36.67
C ILE C 159 -20.83 15.55 -36.78
N TRP C 160 -20.07 15.89 -35.76
CA TRP C 160 -19.38 17.14 -35.81
C TRP C 160 -18.44 17.07 -36.93
N ALA C 161 -17.81 15.94 -37.09
CA ALA C 161 -16.77 15.91 -38.07
C ALA C 161 -17.23 16.19 -39.46
N MET C 162 -18.28 15.54 -39.89
CA MET C 162 -18.68 15.74 -41.25
C MET C 162 -19.10 17.17 -41.34
N LEU C 163 -19.82 17.63 -40.33
CA LEU C 163 -20.33 18.96 -40.39
C LEU C 163 -19.18 19.92 -40.47
N SER C 164 -18.07 19.68 -39.76
CA SER C 164 -16.95 20.59 -39.95
C SER C 164 -16.51 20.62 -41.41
N ALA C 165 -16.41 19.46 -42.04
CA ALA C 165 -16.10 19.41 -43.46
C ALA C 165 -17.16 20.08 -44.32
N ARG C 166 -18.36 20.27 -43.78
CA ARG C 166 -19.44 20.93 -44.50
C ARG C 166 -19.55 22.42 -44.19
N ARG C 167 -18.61 22.97 -43.42
CA ARG C 167 -18.54 24.40 -43.07
C ARG C 167 -19.91 24.97 -42.70
N ASP C 168 -20.64 24.22 -41.88
CA ASP C 168 -21.93 24.66 -41.39
C ASP C 168 -21.82 25.07 -39.93
N LYS C 169 -22.70 25.98 -39.52
CA LYS C 169 -22.58 26.63 -38.22
C LYS C 169 -22.74 25.67 -37.05
N MET C 170 -23.71 24.79 -37.15
CA MET C 170 -24.01 23.91 -36.06
C MET C 170 -22.94 22.87 -35.76
N ALA C 171 -21.73 23.02 -36.27
CA ALA C 171 -20.74 22.06 -35.92
C ALA C 171 -20.54 22.16 -34.44
N ASP C 172 -20.50 23.38 -33.92
CA ASP C 172 -20.30 23.57 -32.51
C ASP C 172 -21.40 23.00 -31.66
N TYR C 173 -22.63 23.06 -32.12
CA TYR C 173 -23.72 22.63 -31.27
C TYR C 173 -23.46 21.24 -30.97
N TRP C 174 -23.08 20.49 -31.97
CA TRP C 174 -22.72 19.13 -31.67
C TRP C 174 -21.46 19.02 -30.82
N LYS C 175 -20.48 19.87 -31.01
CA LYS C 175 -19.27 19.69 -30.24
C LYS C 175 -19.62 19.83 -28.83
N SER C 176 -20.44 20.81 -28.51
CA SER C 176 -20.73 21.04 -27.12
C SER C 176 -21.44 19.84 -26.58
N VAL C 177 -22.28 19.23 -27.39
CA VAL C 177 -23.01 18.09 -26.93
C VAL C 177 -22.04 17.00 -26.55
N ALA C 178 -20.98 16.84 -27.30
CA ALA C 178 -20.08 15.78 -26.98
C ALA C 178 -19.56 16.03 -25.63
N ALA C 179 -19.25 17.26 -25.33
CA ALA C 179 -18.61 17.54 -24.06
C ALA C 179 -19.45 17.17 -22.86
N ASP C 180 -20.73 17.47 -22.90
CA ASP C 180 -21.54 17.19 -21.75
C ASP C 180 -21.46 15.73 -21.57
N GLN C 181 -21.61 15.00 -22.65
CA GLN C 181 -21.61 13.58 -22.50
C GLN C 181 -20.26 13.14 -21.94
N MET C 182 -19.17 13.72 -22.41
CA MET C 182 -17.87 13.28 -21.94
C MET C 182 -17.71 13.52 -20.47
N ARG C 183 -18.15 14.67 -20.00
CA ARG C 183 -18.05 14.95 -18.60
C ARG C 183 -18.86 13.95 -17.81
N ARG C 184 -20.05 13.66 -18.31
CA ARG C 184 -20.90 12.78 -17.57
C ARG C 184 -20.21 11.47 -17.50
N LEU C 185 -19.56 11.07 -18.56
CA LEU C 185 -18.97 9.77 -18.58
C LEU C 185 -17.94 9.72 -17.48
N THR C 186 -17.17 10.77 -17.29
CA THR C 186 -16.14 10.70 -16.29
C THR C 186 -16.78 10.55 -14.95
N ILE C 187 -17.91 11.21 -14.76
CA ILE C 187 -18.60 11.07 -13.50
C ILE C 187 -19.01 9.62 -13.32
N LEU C 188 -19.49 8.94 -14.35
CA LEU C 188 -19.88 7.58 -14.12
C LEU C 188 -18.68 6.82 -13.73
N ASP C 189 -17.58 7.03 -14.40
CA ASP C 189 -16.44 6.23 -14.10
C ASP C 189 -16.07 6.52 -12.70
N ALA C 190 -15.96 7.79 -12.32
CA ALA C 190 -15.49 7.98 -10.96
C ALA C 190 -16.52 7.48 -9.95
N GLU C 191 -17.81 7.72 -10.23
CA GLU C 191 -18.85 7.23 -9.35
C GLU C 191 -18.73 5.73 -9.15
N ARG C 192 -18.42 4.96 -10.17
CA ARG C 192 -18.42 3.49 -10.02
C ARG C 192 -17.27 2.87 -9.26
N ARG C 193 -16.09 3.44 -9.35
CA ARG C 193 -14.94 2.80 -8.71
C ARG C 193 -15.12 2.73 -7.23
N LEU C 194 -15.69 3.75 -6.63
CA LEU C 194 -15.77 3.80 -5.18
C LEU C 194 -17.08 3.41 -4.65
N ALA C 195 -17.84 2.66 -5.42
CA ALA C 195 -19.20 2.39 -5.00
C ALA C 195 -19.41 1.72 -3.69
N ASN C 196 -18.71 0.66 -3.39
CA ASN C 196 -18.94 0.11 -2.09
C ASN C 196 -17.65 -0.21 -1.41
N GLN C 197 -16.82 0.78 -1.15
CA GLN C 197 -15.61 0.51 -0.39
C GLN C 197 -15.62 1.38 0.80
N GLU C 198 -15.04 0.89 1.87
CA GLU C 198 -15.04 1.65 3.09
C GLU C 198 -13.61 1.96 3.37
N ILE C 199 -13.33 3.19 3.73
CA ILE C 199 -11.97 3.56 3.91
C ILE C 199 -11.78 3.71 5.37
N PHE C 200 -10.53 3.65 5.82
CA PHE C 200 -10.23 3.87 7.21
C PHE C 200 -8.92 4.60 7.10
N MET C 201 -8.47 5.27 8.14
CA MET C 201 -7.27 6.06 8.01
C MET C 201 -6.12 5.11 8.23
N GLY C 202 -6.39 3.80 8.29
CA GLY C 202 -5.32 2.82 8.36
C GLY C 202 -5.84 1.40 8.51
N MET D 1 -16.83 38.27 -49.54
CA MET D 1 -15.54 38.12 -50.21
C MET D 1 -15.66 37.19 -51.42
N GLU D 2 -16.87 37.03 -51.94
CA GLU D 2 -17.14 36.19 -53.08
C GLU D 2 -18.03 36.94 -54.07
N VAL D 3 -17.88 36.63 -55.35
CA VAL D 3 -18.71 37.21 -56.40
C VAL D 3 -19.31 36.07 -57.22
N THR D 4 -20.62 36.13 -57.42
CA THR D 4 -21.32 35.20 -58.30
C THR D 4 -21.77 35.97 -59.54
N HIS D 5 -21.41 35.45 -60.71
CA HIS D 5 -21.73 36.10 -61.97
C HIS D 5 -22.48 35.13 -62.87
N LYS D 6 -23.39 35.68 -63.67
CA LYS D 6 -24.34 34.90 -64.44
C LYS D 6 -24.28 35.32 -65.90
N GLN D 7 -24.79 34.46 -66.77
CA GLN D 7 -24.68 34.67 -68.22
C GLN D 7 -26.03 34.59 -68.91
N PHE D 8 -27.05 35.26 -68.38
CA PHE D 8 -28.33 35.33 -69.04
C PHE D 8 -28.90 36.73 -69.12
N ASP D 9 -28.07 37.76 -68.95
CA ASP D 9 -28.51 39.11 -69.28
C ASP D 9 -28.43 39.38 -70.78
N LEU D 10 -27.93 38.42 -71.55
CA LEU D 10 -27.97 38.45 -73.01
C LEU D 10 -27.15 39.61 -73.57
N SER D 11 -25.86 39.61 -73.26
CA SER D 11 -24.91 40.48 -73.94
C SER D 11 -24.36 39.74 -75.15
N GLY D 12 -23.95 40.52 -76.16
CA GLY D 12 -23.48 39.96 -77.40
C GLY D 12 -22.00 39.65 -77.40
N PHE D 13 -21.50 39.25 -78.57
CA PHE D 13 -20.08 39.08 -78.79
C PHE D 13 -19.45 40.46 -78.82
N LEU D 14 -18.71 40.82 -77.77
CA LEU D 14 -18.29 42.19 -77.54
C LEU D 14 -16.77 42.25 -77.35
N PRO D 15 -16.01 42.16 -78.45
CA PRO D 15 -14.56 42.28 -78.32
C PRO D 15 -14.05 43.72 -78.40
N ASP D 16 -14.81 44.63 -78.99
CA ASP D 16 -14.29 45.97 -79.24
C ASP D 16 -14.27 46.85 -77.99
N GLN D 17 -15.14 46.59 -77.02
CA GLN D 17 -15.20 47.42 -75.83
C GLN D 17 -13.93 47.28 -74.99
N ALA D 18 -13.79 48.16 -74.02
CA ALA D 18 -12.71 48.02 -73.04
C ALA D 18 -12.98 46.75 -72.25
N PRO D 19 -12.21 45.69 -72.50
CA PRO D 19 -12.64 44.36 -72.05
C PRO D 19 -12.75 44.23 -70.55
N ASP D 20 -12.02 45.03 -69.78
CA ASP D 20 -12.09 44.91 -68.34
C ASP D 20 -13.42 45.43 -67.79
N THR D 21 -14.01 46.44 -68.43
CA THR D 21 -15.25 47.04 -67.95
C THR D 21 -16.48 46.31 -68.44
N LEU D 22 -16.32 45.17 -69.13
CA LEU D 22 -17.47 44.44 -69.62
C LEU D 22 -18.36 43.97 -68.48
N LYS D 23 -19.66 44.03 -68.72
CA LYS D 23 -20.63 43.62 -67.71
C LYS D 23 -20.59 42.11 -67.52
N SER D 24 -21.41 41.64 -66.58
CA SER D 24 -21.42 40.23 -66.24
C SER D 24 -21.88 39.40 -67.43
N GLY D 25 -21.15 38.33 -67.71
CA GLY D 25 -21.47 37.43 -68.80
C GLY D 25 -20.94 37.84 -70.15
N ALA D 26 -20.33 39.01 -70.27
CA ALA D 26 -19.81 39.44 -71.55
C ALA D 26 -18.62 38.59 -71.95
N ILE D 27 -18.45 38.41 -73.26
CA ILE D 27 -17.42 37.55 -73.82
C ILE D 27 -16.28 38.41 -74.35
N SER D 28 -15.05 38.05 -73.97
CA SER D 28 -13.87 38.71 -74.52
C SER D 28 -13.50 38.13 -75.88
N ARG D 29 -13.16 36.85 -75.90
CA ARG D 29 -12.86 36.12 -77.13
C ARG D 29 -13.76 34.89 -77.18
N GLY D 30 -14.40 34.68 -78.33
CA GLY D 30 -15.33 33.58 -78.50
C GLY D 30 -14.85 32.58 -79.53
N PHE D 31 -15.32 31.34 -79.38
CA PHE D 31 -15.09 30.26 -80.35
C PHE D 31 -16.42 29.53 -80.54
N ASN D 32 -17.17 29.94 -81.56
CA ASN D 32 -18.37 29.27 -82.06
C ASN D 32 -19.29 28.75 -80.96
N VAL D 33 -19.38 29.44 -79.84
CA VAL D 33 -20.36 29.10 -78.82
C VAL D 33 -21.49 30.11 -78.87
N LYS D 34 -22.72 29.62 -78.84
CA LYS D 34 -23.89 30.44 -79.12
C LYS D 34 -24.44 31.02 -77.84
N PRO D 35 -24.54 32.34 -77.70
CA PRO D 35 -25.23 32.92 -76.54
C PRO D 35 -26.73 32.85 -76.75
N THR D 36 -27.43 32.25 -75.80
CA THR D 36 -28.87 32.05 -75.91
C THR D 36 -29.56 32.56 -74.65
N ILE D 37 -30.88 32.39 -74.61
CA ILE D 37 -31.67 32.88 -73.49
C ILE D 37 -31.28 32.16 -72.21
N LEU D 38 -31.26 30.82 -72.24
CA LEU D 38 -30.92 30.07 -71.05
C LEU D 38 -29.46 30.25 -70.69
N GLY D 39 -28.60 30.41 -71.70
CA GLY D 39 -27.19 30.59 -71.46
C GLY D 39 -26.39 30.28 -72.71
N TRP D 40 -25.08 30.15 -72.51
CA TRP D 40 -24.19 29.82 -73.62
C TRP D 40 -24.52 28.43 -74.15
N GLU D 41 -24.56 28.32 -75.48
CA GLU D 41 -24.97 27.09 -76.16
C GLU D 41 -23.98 26.73 -77.25
N LYS D 42 -23.94 25.46 -77.62
CA LYS D 42 -23.14 25.03 -78.75
C LYS D 42 -23.99 24.98 -80.00
N SER D 43 -23.57 25.73 -81.02
CA SER D 43 -24.26 25.76 -82.32
C SER D 43 -23.35 25.11 -83.34
N GLY D 44 -23.40 23.80 -83.43
CA GLY D 44 -22.54 23.07 -84.34
C GLY D 44 -22.97 21.62 -84.44
N GLY D 45 -22.33 20.93 -85.38
CA GLY D 45 -22.74 19.57 -85.70
C GLY D 45 -23.43 19.57 -87.05
N PHE D 46 -23.13 18.55 -87.84
CA PHE D 46 -23.53 18.56 -89.24
C PHE D 46 -23.92 17.15 -89.66
N ARG D 47 -25.12 17.00 -90.22
CA ARG D 47 -25.48 15.77 -90.90
C ARG D 47 -24.98 15.77 -92.33
N GLU D 48 -24.79 14.58 -92.88
CA GLU D 48 -24.36 14.41 -94.26
C GLU D 48 -25.60 14.28 -95.13
N THR D 49 -25.80 15.24 -96.03
CA THR D 49 -26.98 15.25 -96.90
C THR D 49 -26.71 14.47 -98.17
N ASN D 50 -27.79 14.23 -98.92
CA ASN D 50 -27.75 13.24 -99.99
C ASN D 50 -27.24 13.82 -101.31
N THR D 51 -27.09 15.14 -101.41
CA THR D 51 -26.67 15.73 -102.67
C THR D 51 -25.22 15.36 -103.00
N ALA D 52 -24.93 15.32 -104.30
CA ALA D 52 -23.59 14.98 -104.79
C ALA D 52 -23.37 15.59 -106.17
N PRO D 53 -22.44 16.55 -106.31
CA PRO D 53 -22.26 17.21 -107.61
C PRO D 53 -21.29 16.47 -108.53
N THR D 54 -20.32 15.74 -107.98
CA THR D 54 -19.30 15.03 -108.74
C THR D 54 -18.46 15.97 -109.61
N ASN D 55 -18.44 17.26 -109.27
CA ASN D 55 -17.69 18.25 -110.03
C ASN D 55 -17.34 19.41 -109.11
N GLU D 56 -16.68 20.42 -109.65
CA GLU D 56 -16.37 21.61 -108.88
C GLU D 56 -17.65 22.31 -108.44
N LYS D 57 -17.72 22.67 -107.17
CA LYS D 57 -18.87 23.36 -106.60
C LYS D 57 -18.46 24.79 -106.23
N ASP D 58 -18.73 25.72 -107.15
CA ASP D 58 -18.48 27.13 -106.86
C ASP D 58 -19.75 27.83 -106.39
N PHE D 59 -20.80 27.79 -107.21
CA PHE D 59 -22.09 28.38 -106.88
C PHE D 59 -23.15 27.29 -106.84
N ILE D 60 -23.92 27.26 -105.76
CA ILE D 60 -25.01 26.31 -105.60
C ILE D 60 -26.28 27.09 -105.33
N PHE D 61 -27.42 26.53 -105.74
CA PHE D 61 -28.68 27.24 -105.64
C PHE D 61 -29.83 26.25 -105.69
N PHE D 62 -30.94 26.61 -105.05
CA PHE D 62 -32.13 25.79 -104.98
C PHE D 62 -33.31 26.44 -105.67
N TRP D 63 -34.03 25.64 -106.44
CA TRP D 63 -35.20 26.10 -107.18
C TRP D 63 -36.07 24.88 -107.45
N SER D 64 -37.32 25.15 -107.88
CA SER D 64 -38.23 24.08 -108.19
C SER D 64 -39.10 24.46 -109.38
N PRO D 65 -39.27 23.57 -110.36
CA PRO D 65 -40.25 23.83 -111.43
C PRO D 65 -41.68 23.51 -111.03
N ALA D 66 -41.88 22.70 -109.99
CA ALA D 66 -43.21 22.34 -109.54
C ALA D 66 -43.14 21.91 -108.08
N ILE D 67 -44.30 21.85 -107.45
CA ILE D 67 -44.37 21.39 -106.07
C ILE D 67 -43.91 19.94 -105.99
N GLY D 68 -43.13 19.62 -104.96
CA GLY D 68 -42.61 18.28 -104.78
C GLY D 68 -41.29 18.02 -105.48
N ASP D 69 -40.81 18.96 -106.30
CA ASP D 69 -39.56 18.80 -107.03
C ASP D 69 -38.43 19.57 -106.37
N ASN D 70 -37.25 18.97 -106.37
CA ASN D 70 -36.05 19.57 -105.81
C ASN D 70 -34.92 19.47 -106.83
N ARG D 71 -34.42 20.61 -107.28
CA ARG D 71 -33.34 20.66 -108.27
C ARG D 71 -32.25 21.62 -107.79
N TRP D 72 -30.99 21.31 -108.14
CA TRP D 72 -29.85 22.14 -107.79
C TRP D 72 -28.92 22.23 -109.00
N PHE D 73 -28.22 23.35 -109.12
CA PHE D 73 -27.25 23.56 -110.19
C PHE D 73 -25.89 23.89 -109.62
N SER D 74 -24.87 23.14 -110.05
CA SER D 74 -23.49 23.37 -109.66
C SER D 74 -22.69 23.85 -110.86
N GLY D 75 -22.16 25.06 -110.77
CA GLY D 75 -21.43 25.66 -111.87
C GLY D 75 -19.94 25.73 -111.64
N GLY D 76 -19.18 25.55 -112.72
CA GLY D 76 -17.72 25.64 -112.64
C GLY D 76 -17.19 26.08 -113.98
N ASP D 77 -15.86 25.94 -114.12
CA ASP D 77 -15.22 26.25 -115.40
C ASP D 77 -15.82 25.39 -116.50
N LYS D 78 -16.25 26.04 -117.59
CA LYS D 78 -16.82 25.38 -118.75
C LYS D 78 -18.15 24.69 -118.45
N THR D 79 -18.55 24.64 -117.17
CA THR D 79 -19.49 23.63 -116.73
C THR D 79 -20.50 24.19 -115.74
N VAL D 80 -21.76 23.84 -115.94
CA VAL D 80 -22.81 23.94 -114.94
C VAL D 80 -23.51 22.59 -114.91
N GLN D 81 -24.03 22.20 -113.75
CA GLN D 81 -24.54 20.85 -113.55
C GLN D 81 -25.96 20.87 -113.00
N GLN D 82 -26.51 19.67 -112.83
CA GLN D 82 -27.82 19.45 -112.24
C GLN D 82 -27.68 18.48 -111.07
N VAL D 83 -28.50 18.65 -110.05
CA VAL D 83 -28.56 17.72 -108.93
C VAL D 83 -30.03 17.33 -108.77
N GLU D 84 -30.41 16.18 -109.35
CA GLU D 84 -31.76 15.67 -109.27
C GLU D 84 -31.73 14.20 -109.61
N GLY D 85 -32.67 13.45 -109.04
CA GLY D 85 -32.71 12.02 -109.27
C GLY D 85 -31.39 11.39 -108.88
N ASN D 86 -30.64 10.91 -109.88
CA ASN D 86 -29.33 10.31 -109.66
C ASN D 86 -28.34 10.65 -110.77
N VAL D 87 -28.61 11.67 -111.56
CA VAL D 87 -27.71 12.07 -112.63
C VAL D 87 -27.41 13.55 -112.49
N VAL D 88 -26.23 13.96 -112.98
CA VAL D 88 -25.76 15.32 -112.84
C VAL D 88 -25.31 15.82 -114.20
N SER D 89 -24.85 17.07 -114.23
CA SER D 89 -24.18 17.67 -115.37
C SER D 89 -25.11 17.84 -116.57
N ASP D 90 -24.56 18.30 -117.68
CA ASP D 90 -25.26 18.39 -118.96
C ASP D 90 -26.41 19.38 -118.92
N VAL D 91 -26.15 20.59 -118.39
CA VAL D 91 -27.12 21.68 -118.47
C VAL D 91 -26.41 22.91 -118.99
N SER D 92 -25.09 22.92 -118.90
CA SER D 92 -24.30 24.08 -119.30
C SER D 92 -24.55 24.44 -120.75
N ARG D 93 -24.12 25.64 -121.14
CA ARG D 93 -24.37 26.13 -122.49
C ARG D 93 -23.67 25.24 -123.50
N THR D 94 -24.02 25.44 -124.78
CA THR D 94 -23.59 24.53 -125.83
C THR D 94 -22.08 24.43 -125.89
N GLY D 95 -21.40 25.56 -125.99
CA GLY D 95 -19.94 25.56 -126.00
C GLY D 95 -19.38 25.48 -124.60
N GLY D 96 -18.04 25.42 -124.54
CA GLY D 96 -17.36 25.60 -123.27
C GLY D 96 -17.75 26.94 -122.71
N TYR D 97 -18.15 26.98 -121.44
CA TYR D 97 -19.02 28.06 -120.97
C TYR D 97 -18.35 29.42 -121.15
N THR D 98 -17.13 29.58 -120.61
CA THR D 98 -16.29 30.74 -120.84
C THR D 98 -14.97 30.52 -120.15
N ALA D 99 -14.04 31.45 -120.37
CA ALA D 99 -12.62 31.19 -120.11
C ALA D 99 -12.36 31.09 -118.62
N ALA D 100 -12.49 29.87 -118.09
CA ALA D 100 -12.06 29.51 -116.74
C ALA D 100 -12.70 30.43 -115.69
N ALA D 101 -14.00 30.66 -115.86
CA ALA D 101 -14.76 31.43 -114.89
C ALA D 101 -14.74 30.72 -113.56
N ALA D 102 -14.68 31.50 -112.48
CA ALA D 102 -14.58 30.95 -111.14
C ALA D 102 -15.03 32.00 -110.13
N ALA D 103 -16.04 31.65 -109.33
CA ALA D 103 -16.57 32.53 -108.29
C ALA D 103 -16.92 33.91 -108.85
N ARG D 104 -17.47 33.92 -110.06
CA ARG D 104 -17.77 35.16 -110.75
C ARG D 104 -19.09 35.12 -111.52
N TRP D 105 -19.87 34.05 -111.37
CA TRP D 105 -21.22 34.00 -111.91
C TRP D 105 -22.19 34.73 -110.98
N ASN D 106 -23.48 34.54 -111.24
CA ASN D 106 -24.53 35.06 -110.37
C ASN D 106 -25.83 34.32 -110.67
N ALA D 107 -26.69 34.26 -109.66
CA ALA D 107 -27.98 33.59 -109.76
C ALA D 107 -29.07 34.51 -109.24
N VAL D 108 -30.23 34.51 -109.91
CA VAL D 108 -31.36 35.34 -109.52
C VAL D 108 -32.64 34.53 -109.69
N ASN D 109 -33.71 35.00 -109.03
CA ASN D 109 -35.01 34.35 -109.08
C ASN D 109 -36.03 35.32 -109.64
N PHE D 110 -36.76 34.88 -110.68
CA PHE D 110 -37.79 35.69 -111.33
C PHE D 110 -38.90 34.78 -111.80
N ASN D 111 -40.07 34.90 -111.18
CA ASN D 111 -41.20 33.99 -111.41
C ASN D 111 -40.68 32.57 -111.16
N GLY D 112 -40.97 31.61 -112.04
CA GLY D 112 -40.46 30.26 -111.85
C GLY D 112 -39.22 29.97 -112.68
N VAL D 113 -38.97 30.82 -113.68
CA VAL D 113 -37.82 30.60 -114.57
C VAL D 113 -36.55 30.94 -113.83
N LEU D 114 -35.56 30.04 -113.92
CA LEU D 114 -34.27 30.25 -113.28
C LEU D 114 -33.35 30.98 -114.25
N LEU D 115 -32.60 31.96 -113.73
CA LEU D 115 -31.73 32.80 -114.55
C LEU D 115 -30.32 32.78 -113.96
N MET D 116 -29.33 32.67 -114.84
CA MET D 116 -27.92 32.73 -114.44
C MET D 116 -27.19 33.72 -115.33
N ASN D 117 -26.32 34.53 -114.73
CA ASN D 117 -25.48 35.47 -115.46
C ASN D 117 -24.06 35.37 -114.97
N ASN D 118 -23.10 35.55 -115.88
CA ASN D 118 -21.69 35.49 -115.58
C ASN D 118 -20.99 36.69 -116.19
N GLU D 119 -19.86 37.05 -115.60
CA GLU D 119 -19.08 38.18 -116.10
C GLU D 119 -18.56 37.91 -117.50
N LEU D 120 -18.06 36.71 -117.76
CA LEU D 120 -17.36 36.43 -119.00
C LEU D 120 -18.24 35.83 -120.08
N ASP D 121 -19.50 35.50 -119.78
CA ASP D 121 -20.39 34.89 -120.76
C ASP D 121 -21.72 35.63 -120.78
N SER D 122 -22.37 35.60 -121.93
CA SER D 122 -23.70 36.16 -122.07
C SER D 122 -24.69 35.38 -121.20
N PRO D 123 -25.75 36.02 -120.74
CA PRO D 123 -26.71 35.31 -119.87
C PRO D 123 -27.48 34.25 -120.63
N GLN D 124 -27.52 33.07 -120.04
CA GLN D 124 -28.29 31.95 -120.57
C GLN D 124 -29.38 31.58 -119.58
N TYR D 125 -30.55 31.22 -120.10
CA TYR D 125 -31.66 30.82 -119.26
C TYR D 125 -31.98 29.35 -119.53
N LEU D 126 -32.60 28.71 -118.56
CA LEU D 126 -32.97 27.31 -118.69
C LEU D 126 -34.43 27.19 -119.13
N ALA D 127 -34.66 26.33 -120.12
CA ALA D 127 -36.01 26.10 -120.63
C ALA D 127 -36.33 24.62 -120.64
N ALA D 128 -37.45 24.25 -121.28
CA ALA D 128 -37.86 22.85 -121.34
C ALA D 128 -36.84 21.96 -122.04
N SER D 129 -35.97 22.53 -122.88
CA SER D 129 -34.95 21.74 -123.53
C SER D 129 -33.93 21.16 -122.56
N GLY D 130 -33.83 21.74 -121.37
CA GLY D 130 -32.83 21.31 -120.43
C GLY D 130 -31.46 21.89 -120.66
N LYS D 131 -31.29 22.74 -121.67
CA LYS D 131 -30.02 23.36 -121.97
C LYS D 131 -30.14 24.87 -121.77
N LEU D 132 -29.22 25.44 -121.01
CA LEU D 132 -29.16 26.89 -120.85
C LEU D 132 -28.95 27.55 -122.20
N GLU D 133 -29.72 28.60 -122.47
CA GLU D 133 -29.69 29.26 -123.78
C GLU D 133 -29.86 30.76 -123.60
N ASP D 134 -29.33 31.51 -124.56
CA ASP D 134 -29.36 32.97 -124.47
C ASP D 134 -30.78 33.49 -124.66
N PHE D 135 -30.97 34.76 -124.29
CA PHE D 135 -32.27 35.37 -124.39
C PHE D 135 -32.67 35.52 -125.87
N PRO D 136 -33.97 35.54 -126.18
CA PRO D 136 -34.38 35.42 -127.59
C PRO D 136 -33.90 36.54 -128.49
N ASN D 137 -34.25 37.80 -128.21
CA ASN D 137 -33.92 38.90 -129.09
C ASN D 137 -32.72 39.71 -128.62
N LEU D 138 -32.04 39.26 -127.57
CA LEU D 138 -30.86 39.98 -127.11
C LEU D 138 -29.74 39.76 -128.11
N PRO D 139 -29.14 40.81 -128.68
CA PRO D 139 -28.08 40.59 -129.68
C PRO D 139 -26.85 39.95 -129.09
N SER D 140 -26.07 39.30 -129.97
CA SER D 140 -25.00 38.42 -129.53
C SER D 140 -23.81 39.21 -128.98
N ASN D 141 -23.66 40.47 -129.41
CA ASN D 141 -22.46 41.23 -129.07
C ASN D 141 -22.34 41.45 -127.58
N VAL D 142 -23.45 41.32 -126.85
CA VAL D 142 -23.52 41.79 -125.47
C VAL D 142 -22.66 40.92 -124.57
N ARG D 143 -22.20 41.50 -123.46
CA ARG D 143 -21.54 40.77 -122.40
C ARG D 143 -21.80 41.50 -121.09
N PHE D 144 -22.10 40.74 -120.04
CA PHE D 144 -22.84 41.28 -118.91
C PHE D 144 -22.15 40.93 -117.60
N ARG D 145 -22.34 41.80 -116.60
CA ARG D 145 -21.74 41.55 -115.30
C ARG D 145 -22.74 40.93 -114.32
N THR D 146 -23.81 41.65 -114.00
CA THR D 146 -24.74 41.25 -112.97
C THR D 146 -26.16 41.57 -113.40
N VAL D 147 -27.12 40.76 -112.89
CA VAL D 147 -28.52 40.88 -113.27
C VAL D 147 -29.37 40.92 -112.01
N ALA D 148 -30.60 41.43 -112.16
CA ALA D 148 -31.50 41.59 -111.03
C ALA D 148 -32.94 41.46 -111.50
N VAL D 149 -33.87 41.50 -110.53
CA VAL D 149 -35.28 41.25 -110.78
C VAL D 149 -36.11 42.35 -110.11
N TYR D 150 -37.35 42.47 -110.55
CA TYR D 150 -38.32 43.39 -109.96
C TYR D 150 -39.73 42.98 -110.40
N LYS D 151 -40.71 43.79 -110.04
CA LYS D 151 -42.12 43.48 -110.26
C LYS D 151 -42.43 43.32 -111.75
N ASN D 152 -42.65 42.09 -112.19
CA ASN D 152 -42.98 41.77 -113.58
C ASN D 152 -41.95 42.32 -114.56
N PHE D 153 -40.77 42.69 -114.07
CA PHE D 153 -39.75 43.34 -114.89
C PHE D 153 -38.43 42.62 -114.70
N ILE D 154 -38.09 41.75 -115.64
CA ILE D 154 -36.85 40.99 -115.57
C ILE D 154 -35.67 41.87 -115.99
N LEU D 155 -34.49 41.50 -115.49
CA LEU D 155 -33.23 42.15 -115.86
C LEU D 155 -33.20 43.62 -115.43
N GLY D 156 -33.28 43.83 -114.12
CA GLY D 156 -33.03 45.14 -113.55
C GLY D 156 -31.55 45.35 -113.31
N LEU D 157 -30.76 45.31 -114.38
CA LEU D 157 -29.31 45.24 -114.32
C LEU D 157 -28.67 46.56 -114.70
N GLY D 158 -27.34 46.60 -114.65
CA GLY D 158 -26.63 47.85 -114.88
C GLY D 158 -25.34 47.81 -115.69
N VAL D 159 -25.24 46.93 -116.69
CA VAL D 159 -24.04 46.84 -117.51
C VAL D 159 -24.44 46.69 -118.98
N ASN D 160 -23.75 47.43 -119.85
CA ASN D 160 -24.05 47.43 -121.28
C ASN D 160 -23.35 46.27 -121.98
N PHE D 161 -23.46 46.27 -123.30
CA PHE D 161 -23.05 45.16 -124.15
C PHE D 161 -21.54 44.94 -124.17
N GLY D 162 -20.76 46.01 -124.30
CA GLY D 162 -19.32 45.90 -124.50
C GLY D 162 -18.71 47.24 -124.85
N SER D 163 -17.45 47.43 -124.43
CA SER D 163 -16.69 48.68 -124.61
C SER D 163 -17.23 49.76 -123.69
N GLY D 164 -18.30 49.44 -122.97
CA GLY D 164 -18.94 50.37 -122.05
C GLY D 164 -19.34 49.72 -120.75
N PHE D 165 -18.51 48.79 -120.27
CA PHE D 165 -18.84 48.01 -119.09
C PHE D 165 -18.98 48.82 -117.81
N LEU D 166 -18.77 50.14 -117.86
CA LEU D 166 -18.52 50.88 -116.63
C LEU D 166 -19.81 51.17 -115.86
N ASP D 167 -20.69 51.97 -116.43
CA ASP D 167 -21.86 52.49 -115.71
C ASP D 167 -23.07 52.48 -116.63
N ASP D 168 -24.01 51.59 -116.35
CA ASP D 168 -25.10 51.32 -117.28
C ASP D 168 -26.36 50.98 -116.48
N GLU D 169 -27.48 50.93 -117.20
CA GLU D 169 -28.66 50.15 -116.80
C GLU D 169 -29.65 50.19 -117.96
N ILE D 170 -30.40 49.11 -118.14
CA ILE D 170 -31.37 49.00 -119.22
C ILE D 170 -32.63 48.29 -118.72
N TYR D 171 -33.80 48.83 -119.06
CA TYR D 171 -35.07 48.18 -118.77
C TYR D 171 -35.30 47.15 -119.86
N TRP D 172 -34.58 46.04 -119.78
CA TRP D 172 -34.60 45.06 -120.86
C TRP D 172 -36.01 44.56 -121.14
N SER D 173 -36.86 44.55 -120.11
CA SER D 173 -38.17 43.93 -120.25
C SER D 173 -39.23 44.95 -120.63
N HIS D 174 -40.45 44.42 -120.83
CA HIS D 174 -41.69 45.16 -120.91
C HIS D 174 -42.62 44.52 -119.88
N GLN D 175 -43.92 44.80 -119.95
CA GLN D 175 -44.83 44.11 -119.06
C GLN D 175 -44.79 42.65 -119.44
N ALA D 176 -44.05 41.86 -118.67
CA ALA D 176 -43.67 40.53 -119.08
C ALA D 176 -44.82 39.55 -118.88
N ASP D 177 -44.74 38.43 -119.57
CA ASP D 177 -45.67 37.33 -119.35
C ASP D 177 -45.06 36.35 -118.34
N PRO D 178 -45.73 36.09 -117.21
CA PRO D 178 -45.12 35.23 -116.18
C PRO D 178 -44.73 33.87 -116.72
N GLY D 179 -43.44 33.58 -116.71
CA GLY D 179 -42.91 32.33 -117.22
C GLY D 179 -42.09 32.45 -118.49
N THR D 180 -42.06 33.62 -119.12
CA THR D 180 -41.23 33.84 -120.30
C THR D 180 -40.86 35.31 -120.36
N MET D 181 -39.63 35.58 -120.79
CA MET D 181 -39.18 36.95 -120.97
C MET D 181 -39.98 37.61 -122.10
N PRO D 182 -40.06 38.93 -122.10
CA PRO D 182 -40.93 39.62 -123.07
C PRO D 182 -40.55 39.26 -124.49
N PRO D 183 -41.54 39.16 -125.39
CA PRO D 183 -41.25 38.70 -126.75
C PRO D 183 -40.23 39.54 -127.47
N ASN D 184 -40.15 40.84 -127.17
CA ASN D 184 -39.05 41.69 -127.62
C ASN D 184 -38.51 42.43 -126.41
N TRP D 185 -37.46 43.23 -126.63
CA TRP D 185 -36.88 43.98 -125.53
C TRP D 185 -36.57 45.42 -125.91
N ASP D 186 -36.69 45.77 -127.19
CA ASP D 186 -36.15 46.99 -127.78
C ASP D 186 -36.27 48.22 -126.87
N TYR D 187 -35.15 48.92 -126.68
CA TYR D 187 -35.17 50.10 -125.82
C TYR D 187 -35.33 51.39 -126.64
N ALA D 188 -34.52 51.56 -127.68
CA ALA D 188 -34.57 52.79 -128.46
C ALA D 188 -35.89 52.92 -129.21
N ASN D 189 -36.36 51.81 -129.79
CA ASN D 189 -37.62 51.85 -130.52
C ASN D 189 -38.78 52.08 -129.55
N ALA D 190 -39.81 52.75 -130.05
CA ALA D 190 -40.94 53.17 -129.23
C ALA D 190 -42.13 52.21 -129.36
N ALA D 191 -41.85 50.92 -129.52
CA ALA D 191 -42.93 49.95 -129.65
C ALA D 191 -43.79 49.88 -128.39
N SER D 192 -43.16 49.89 -127.22
CA SER D 192 -43.90 49.78 -125.96
C SER D 192 -43.20 50.51 -124.83
N ASP D 193 -42.56 49.77 -123.93
CA ASP D 193 -41.93 50.34 -122.74
C ASP D 193 -40.59 49.68 -122.49
N SER D 194 -39.52 50.45 -122.70
CA SER D 194 -38.15 50.06 -122.38
C SER D 194 -37.24 51.24 -122.68
N GLY D 195 -36.04 51.22 -122.12
CA GLY D 195 -35.10 52.30 -122.36
C GLY D 195 -33.78 52.05 -121.66
N ARG D 196 -32.87 52.99 -121.87
CA ARG D 196 -31.56 52.98 -121.22
C ARG D 196 -31.42 54.27 -120.44
N THR D 197 -30.85 54.18 -119.24
CA THR D 197 -30.74 55.31 -118.34
C THR D 197 -29.31 55.38 -117.81
N PRO D 198 -28.74 56.57 -117.65
CA PRO D 198 -27.40 56.68 -117.05
C PRO D 198 -27.37 56.38 -115.55
N LEU D 199 -28.26 57.03 -114.80
CA LEU D 199 -28.15 57.12 -113.34
C LEU D 199 -26.76 57.64 -113.00
N PRO D 200 -26.50 58.94 -113.18
CA PRO D 200 -25.16 59.47 -112.91
C PRO D 200 -24.76 59.26 -111.45
N SER D 201 -23.48 58.96 -111.25
CA SER D 201 -22.88 58.81 -109.93
C SER D 201 -21.39 58.58 -110.11
N GLU D 202 -20.61 58.89 -109.08
CA GLU D 202 -19.17 58.65 -109.15
C GLU D 202 -18.86 57.17 -109.18
N GLY D 203 -19.55 56.36 -108.38
CA GLY D 203 -19.21 54.97 -108.25
C GLY D 203 -19.85 54.11 -109.32
N TYR D 204 -19.46 52.84 -109.33
CA TYR D 204 -19.99 51.88 -110.28
C TYR D 204 -21.09 51.07 -109.61
N CYS D 205 -22.30 51.15 -110.15
CA CYS D 205 -23.34 50.23 -109.71
C CYS D 205 -22.89 48.81 -110.02
N VAL D 206 -22.91 47.96 -108.99
CA VAL D 206 -22.20 46.68 -109.03
C VAL D 206 -23.16 45.51 -109.14
N THR D 207 -24.25 45.51 -108.40
CA THR D 207 -25.07 44.30 -108.30
C THR D 207 -26.55 44.68 -108.24
N SER D 208 -27.36 43.71 -107.82
CA SER D 208 -28.81 43.82 -107.81
C SER D 208 -29.27 45.00 -106.99
N GLU D 209 -30.41 45.56 -107.37
CA GLU D 209 -31.01 46.68 -106.66
C GLU D 209 -31.80 46.24 -105.44
N GLU D 210 -31.55 45.05 -104.91
CA GLU D 210 -31.99 44.64 -103.58
C GLU D 210 -33.52 44.48 -103.61
N LEU D 211 -34.18 44.68 -102.48
CA LEU D 211 -35.56 44.23 -102.35
C LEU D 211 -36.42 45.21 -101.54
N GLY D 212 -37.61 44.77 -101.14
CA GLY D 212 -38.55 45.66 -100.48
C GLY D 212 -39.88 45.70 -101.20
N SER D 213 -40.96 45.43 -100.46
CA SER D 213 -42.29 45.35 -101.07
C SER D 213 -42.63 46.62 -101.83
N MET D 214 -42.48 47.77 -101.18
CA MET D 214 -42.88 49.02 -101.82
C MET D 214 -42.01 49.35 -103.02
N ASN D 215 -40.68 49.19 -102.90
CA ASN D 215 -39.75 49.42 -103.99
C ASN D 215 -38.42 48.79 -103.66
N ILE D 216 -37.51 48.74 -104.64
CA ILE D 216 -36.16 48.24 -104.44
C ILE D 216 -35.18 49.39 -104.60
N VAL D 217 -34.10 49.33 -103.83
CA VAL D 217 -33.10 50.40 -103.78
C VAL D 217 -31.73 49.76 -103.63
N TYR D 218 -30.73 50.45 -104.17
CA TYR D 218 -29.34 50.01 -104.06
C TYR D 218 -28.45 51.19 -104.41
N LYS D 219 -27.16 50.91 -104.59
CA LYS D 219 -26.14 51.95 -104.64
C LYS D 219 -25.00 51.57 -105.57
N SER D 220 -24.36 52.59 -106.12
CA SER D 220 -23.01 52.43 -106.67
C SER D 220 -21.99 52.68 -105.58
N ASP D 221 -22.02 53.86 -104.97
CA ASP D 221 -21.44 54.11 -103.66
C ASP D 221 -22.31 55.04 -102.82
N SER D 222 -23.42 55.50 -103.36
CA SER D 222 -24.49 56.16 -102.62
C SER D 222 -25.82 55.57 -103.07
N ILE D 223 -26.74 55.42 -102.13
CA ILE D 223 -27.94 54.63 -102.39
C ILE D 223 -28.85 55.36 -103.38
N TRP D 224 -29.50 54.58 -104.25
CA TRP D 224 -30.41 55.11 -105.27
C TRP D 224 -31.73 54.36 -105.17
N THR D 225 -32.82 55.02 -105.55
CA THR D 225 -34.15 54.45 -105.42
C THR D 225 -34.80 54.30 -106.79
N MET D 226 -35.68 53.30 -106.91
CA MET D 226 -36.49 53.11 -108.11
C MET D 226 -37.95 52.90 -107.74
N GLN D 227 -38.83 53.64 -108.41
CA GLN D 227 -40.28 53.55 -108.20
C GLN D 227 -41.00 53.77 -109.51
N LEU D 228 -41.87 52.83 -109.89
CA LEU D 228 -42.45 52.78 -111.22
C LEU D 228 -43.83 53.42 -111.30
N ILE D 229 -44.21 54.22 -110.31
CA ILE D 229 -45.58 54.75 -110.26
C ILE D 229 -45.87 55.64 -111.47
N GLY D 230 -44.85 56.36 -111.95
CA GLY D 230 -45.06 57.26 -113.08
C GLY D 230 -45.39 56.52 -114.36
N GLY D 231 -45.88 57.28 -115.34
CA GLY D 231 -46.34 56.69 -116.59
C GLY D 231 -45.67 57.19 -117.86
N GLN D 232 -45.19 58.44 -117.85
CA GLN D 232 -44.57 59.03 -119.04
C GLN D 232 -43.42 58.19 -119.53
N TRP D 233 -42.35 58.15 -118.73
CA TRP D 233 -41.36 57.08 -118.76
C TRP D 233 -41.38 56.46 -117.38
N ILE D 234 -41.81 55.21 -117.31
CA ILE D 234 -41.99 54.55 -116.02
C ILE D 234 -40.68 54.57 -115.24
N PHE D 235 -40.80 54.43 -113.92
CA PHE D 235 -39.70 54.51 -112.95
C PHE D 235 -39.32 55.96 -112.67
N ARG D 236 -38.78 56.24 -111.50
CA ARG D 236 -38.31 57.59 -111.28
C ARG D 236 -36.97 57.52 -110.66
N PHE D 237 -35.98 57.95 -111.43
CA PHE D 237 -34.66 57.88 -110.91
C PHE D 237 -34.59 58.80 -109.70
N GLU D 238 -34.10 58.29 -108.57
CA GLU D 238 -33.95 59.11 -107.35
C GLU D 238 -32.90 58.48 -106.44
N ASN D 239 -32.35 59.24 -105.49
CA ASN D 239 -31.31 58.73 -104.59
C ASN D 239 -31.65 58.98 -103.15
N LYS D 240 -31.05 58.20 -102.25
CA LYS D 240 -31.28 58.45 -100.85
C LYS D 240 -30.07 58.81 -100.02
N PHE D 241 -29.10 57.91 -99.95
CA PHE D 241 -27.98 58.20 -99.07
C PHE D 241 -26.66 58.27 -99.74
N PRO D 242 -26.12 59.48 -99.83
CA PRO D 242 -24.84 59.66 -100.51
C PRO D 242 -23.70 58.96 -99.85
N GLY D 243 -23.69 59.01 -98.53
CA GLY D 243 -22.55 58.46 -97.85
C GLY D 243 -22.30 57.01 -97.96
N GLN D 244 -23.34 56.22 -97.90
CA GLN D 244 -23.09 54.80 -97.82
C GLN D 244 -22.76 54.09 -99.11
N GLY D 245 -21.61 53.42 -99.14
CA GLY D 245 -21.19 52.65 -100.30
C GLY D 245 -20.96 51.23 -99.87
N ILE D 246 -21.01 50.27 -100.79
CA ILE D 246 -20.90 48.87 -100.41
C ILE D 246 -19.64 48.29 -100.97
N LEU D 247 -19.04 47.36 -100.25
CA LEU D 247 -17.75 46.85 -100.70
C LEU D 247 -17.72 45.67 -101.65
N ASN D 248 -18.62 44.71 -101.52
CA ASN D 248 -18.51 43.49 -102.29
C ASN D 248 -19.84 43.10 -102.93
N LYS D 249 -19.76 42.36 -104.03
CA LYS D 249 -20.98 41.90 -104.69
C LYS D 249 -21.79 40.99 -103.80
N LYS D 250 -21.16 39.95 -103.25
CA LYS D 250 -21.91 38.99 -102.45
C LYS D 250 -22.14 39.49 -101.04
N SER D 251 -21.67 40.69 -100.73
CA SER D 251 -21.98 41.35 -99.45
C SER D 251 -23.39 41.91 -99.47
N VAL D 252 -24.35 41.01 -99.67
CA VAL D 252 -25.70 41.38 -100.07
C VAL D 252 -26.52 41.76 -98.84
N VAL D 253 -27.59 42.53 -99.09
CA VAL D 253 -28.55 42.84 -98.04
C VAL D 253 -29.53 41.68 -97.92
N SER D 254 -30.05 41.47 -96.71
CA SER D 254 -30.90 40.32 -96.43
C SER D 254 -32.30 40.51 -97.00
N PHE D 255 -33.02 39.40 -97.10
CA PHE D 255 -34.44 39.38 -97.46
C PHE D 255 -35.36 39.61 -96.27
N GLU D 256 -34.83 39.83 -95.08
CA GLU D 256 -35.68 40.04 -93.91
C GLU D 256 -36.51 41.31 -94.09
N GLY D 257 -37.57 41.42 -93.28
CA GLY D 257 -38.41 42.61 -93.33
C GLY D 257 -37.61 43.89 -93.13
N LYS D 258 -36.56 43.81 -92.34
CA LYS D 258 -35.57 44.88 -92.23
C LYS D 258 -34.41 44.55 -93.16
N HIS D 259 -33.63 45.56 -93.55
CA HIS D 259 -32.52 45.34 -94.46
C HIS D 259 -31.21 45.32 -93.70
N PHE D 260 -30.42 44.27 -93.91
CA PHE D 260 -29.13 44.08 -93.25
C PHE D 260 -28.02 44.46 -94.23
N VAL D 261 -27.36 45.58 -93.97
CA VAL D 261 -26.48 46.21 -94.94
C VAL D 261 -25.06 46.24 -94.39
N VAL D 262 -24.11 45.81 -95.23
CA VAL D 262 -22.69 45.86 -94.91
C VAL D 262 -22.02 46.83 -95.88
N THR D 263 -21.19 47.72 -95.34
CA THR D 263 -20.54 48.77 -96.11
C THR D 263 -19.03 48.68 -95.99
N GLN D 264 -18.34 49.55 -96.72
CA GLN D 264 -16.91 49.69 -96.50
C GLN D 264 -16.63 50.21 -95.09
N LYS D 265 -17.42 51.18 -94.65
CA LYS D 265 -17.16 51.84 -93.38
C LYS D 265 -17.76 51.06 -92.21
N ASP D 266 -19.09 50.91 -92.21
CA ASP D 266 -19.80 50.41 -91.04
C ASP D 266 -20.84 49.39 -91.47
N ILE D 267 -21.60 48.89 -90.51
CA ILE D 267 -22.68 47.95 -90.75
C ILE D 267 -23.98 48.63 -90.31
N ILE D 268 -24.87 48.90 -91.27
CA ILE D 268 -26.00 49.78 -91.05
C ILE D 268 -27.28 49.00 -91.35
N VAL D 269 -28.37 49.35 -90.65
CA VAL D 269 -29.68 48.76 -90.87
C VAL D 269 -30.67 49.87 -91.19
N HIS D 270 -31.51 49.64 -92.20
CA HIS D 270 -32.51 50.63 -92.60
C HIS D 270 -33.57 49.92 -93.43
N ASP D 271 -34.64 50.67 -93.74
CA ASP D 271 -35.66 50.21 -94.68
C ASP D 271 -36.10 51.30 -95.65
N GLY D 272 -35.30 52.35 -95.81
CA GLY D 272 -35.56 53.39 -96.79
C GLY D 272 -35.74 54.78 -96.22
N TYR D 273 -36.33 54.91 -95.03
CA TYR D 273 -36.63 56.24 -94.49
C TYR D 273 -35.75 56.61 -93.30
N GLN D 274 -35.30 55.64 -92.51
CA GLN D 274 -34.46 55.90 -91.35
C GLN D 274 -33.32 54.89 -91.34
N VAL D 275 -32.17 55.33 -90.85
CA VAL D 275 -30.95 54.52 -90.89
C VAL D 275 -30.35 54.45 -89.50
N ARG D 276 -29.58 53.38 -89.26
CA ARG D 276 -28.78 53.26 -88.05
C ARG D 276 -27.83 52.09 -88.21
N SER D 277 -26.64 52.23 -87.63
CA SER D 277 -25.69 51.13 -87.59
C SER D 277 -26.20 50.04 -86.67
N VAL D 278 -26.06 48.78 -87.10
CA VAL D 278 -26.57 47.67 -86.30
C VAL D 278 -25.79 47.54 -85.01
N ALA D 279 -24.46 47.72 -85.07
CA ALA D 279 -23.60 47.67 -83.88
C ALA D 279 -22.41 48.57 -84.16
N ASP D 280 -22.47 49.80 -83.66
CA ASP D 280 -21.39 50.74 -83.86
C ASP D 280 -20.25 50.52 -82.86
N LYS D 281 -20.54 50.65 -81.57
CA LYS D 281 -19.51 50.60 -80.55
C LYS D 281 -19.14 49.19 -80.12
N ARG D 282 -19.77 48.16 -80.70
CA ARG D 282 -19.63 46.79 -80.23
C ARG D 282 -18.91 45.90 -81.23
N VAL D 283 -19.31 45.93 -82.49
CA VAL D 283 -18.84 44.96 -83.48
C VAL D 283 -18.05 45.60 -84.61
N ARG D 284 -18.27 46.89 -84.89
CA ARG D 284 -17.72 47.51 -86.09
C ARG D 284 -16.23 47.29 -86.23
N ASN D 285 -15.48 47.54 -85.16
CA ASN D 285 -14.03 47.53 -85.28
C ASN D 285 -13.49 46.14 -85.56
N PHE D 286 -13.95 45.13 -84.81
CA PHE D 286 -13.35 43.81 -84.90
C PHE D 286 -13.64 43.17 -86.25
N PHE D 287 -14.83 43.39 -86.80
CA PHE D 287 -15.20 42.75 -88.06
C PHE D 287 -14.24 43.15 -89.17
N PHE D 288 -13.99 44.45 -89.31
CA PHE D 288 -13.07 44.91 -90.34
C PHE D 288 -11.62 44.61 -89.98
N THR D 289 -11.21 44.89 -88.74
CA THR D 289 -9.79 44.82 -88.38
C THR D 289 -9.34 43.43 -87.96
N ASP D 290 -10.21 42.41 -88.02
CA ASP D 290 -9.74 41.05 -87.79
C ASP D 290 -8.69 40.69 -88.82
N MET D 291 -8.93 41.04 -90.07
CA MET D 291 -7.88 41.13 -91.07
C MET D 291 -8.32 42.14 -92.12
N ASN D 292 -7.34 42.81 -92.72
CA ASN D 292 -7.58 43.39 -94.03
C ASN D 292 -7.95 42.24 -94.94
N SER D 293 -9.21 42.21 -95.38
CA SER D 293 -9.67 41.08 -96.20
C SER D 293 -8.70 40.82 -97.34
N ASP D 294 -8.33 41.88 -98.06
CA ASP D 294 -7.25 41.85 -99.04
C ASP D 294 -7.62 40.94 -100.20
N TYR D 295 -8.74 40.23 -100.04
CA TYR D 295 -9.51 39.63 -101.12
C TYR D 295 -10.93 40.08 -100.81
N PHE D 296 -11.26 41.29 -101.26
CA PHE D 296 -12.50 41.92 -100.82
C PHE D 296 -13.71 41.07 -101.19
N GLU D 297 -13.75 40.61 -102.44
CA GLU D 297 -14.86 39.80 -102.88
C GLU D 297 -14.76 38.40 -102.27
N ARG D 298 -15.66 37.52 -102.70
CA ARG D 298 -15.89 36.20 -102.15
C ARG D 298 -16.30 36.26 -100.68
N VAL D 299 -16.67 37.44 -100.19
CA VAL D 299 -17.24 37.59 -98.85
C VAL D 299 -18.75 37.67 -99.00
N PHE D 300 -19.45 36.60 -98.63
CA PHE D 300 -20.88 36.48 -98.89
C PHE D 300 -21.63 36.28 -97.59
N VAL D 301 -22.91 36.64 -97.61
CA VAL D 301 -23.78 36.54 -96.45
C VAL D 301 -25.11 35.93 -96.88
N VAL D 302 -25.62 35.02 -96.04
CA VAL D 302 -26.90 34.38 -96.27
C VAL D 302 -27.77 34.58 -95.02
N LYS D 303 -28.97 34.02 -95.07
CA LYS D 303 -29.90 34.10 -93.97
C LYS D 303 -30.18 32.71 -93.40
N ASP D 304 -30.71 32.69 -92.18
CA ASP D 304 -31.15 31.47 -91.52
C ASP D 304 -32.59 31.71 -91.07
N PRO D 305 -33.56 31.40 -91.92
CA PRO D 305 -34.96 31.70 -91.55
C PRO D 305 -35.43 30.99 -90.30
N ARG D 306 -34.93 29.78 -90.04
CA ARG D 306 -35.45 28.98 -88.93
C ARG D 306 -35.22 29.66 -87.58
N VAL D 307 -33.99 30.05 -87.30
CA VAL D 307 -33.64 30.75 -86.07
C VAL D 307 -33.09 32.12 -86.44
N ALA D 308 -33.45 33.13 -85.68
CA ALA D 308 -33.26 34.50 -86.14
C ALA D 308 -31.78 34.88 -86.16
N GLU D 309 -31.04 34.28 -87.08
CA GLU D 309 -29.60 34.47 -87.16
C GLU D 309 -29.19 34.70 -88.61
N VAL D 310 -28.08 35.43 -88.78
CA VAL D 310 -27.52 35.71 -90.10
C VAL D 310 -26.01 35.55 -90.00
N TYR D 311 -25.41 34.93 -91.01
CA TYR D 311 -24.01 34.52 -90.97
C TYR D 311 -23.25 35.21 -92.10
N VAL D 312 -22.14 35.86 -91.75
CA VAL D 312 -21.29 36.55 -92.70
C VAL D 312 -19.94 35.86 -92.73
N PHE D 313 -19.70 35.16 -93.82
CA PHE D 313 -18.54 34.34 -93.90
C PHE D 313 -17.37 35.16 -94.26
N TYR D 314 -16.39 35.17 -93.38
CA TYR D 314 -15.27 36.04 -93.61
C TYR D 314 -13.91 35.40 -93.44
N PRO D 315 -12.96 35.75 -94.32
CA PRO D 315 -11.62 35.16 -94.27
C PRO D 315 -10.84 35.46 -93.03
N SER D 316 -9.99 34.53 -92.67
CA SER D 316 -9.15 34.72 -91.50
C SER D 316 -7.77 35.01 -92.04
N LYS D 317 -7.01 35.82 -91.32
CA LYS D 317 -5.70 36.19 -91.79
C LYS D 317 -4.91 34.93 -91.87
N ASN D 318 -5.14 34.09 -90.88
CA ASN D 318 -4.43 32.85 -90.86
C ASN D 318 -4.79 32.12 -92.11
N SER D 319 -6.06 32.21 -92.53
CA SER D 319 -6.44 31.58 -93.76
C SER D 319 -5.69 32.19 -94.95
N VAL D 320 -5.18 31.35 -95.84
CA VAL D 320 -4.45 31.83 -97.03
C VAL D 320 -5.10 31.53 -98.39
N ASP D 321 -6.05 30.59 -98.43
CA ASP D 321 -6.74 30.26 -99.68
C ASP D 321 -7.70 31.35 -100.06
N GLY D 322 -7.96 32.26 -99.13
CA GLY D 322 -8.93 33.31 -99.39
C GLY D 322 -10.27 32.83 -98.89
N LEU D 323 -10.34 31.58 -98.46
CA LEU D 323 -11.59 31.07 -97.89
C LEU D 323 -11.87 31.63 -96.51
N CYS D 324 -13.14 31.83 -96.19
CA CYS D 324 -13.44 32.47 -94.92
C CYS D 324 -13.03 31.72 -93.68
N ASP D 325 -13.45 30.47 -93.56
CA ASP D 325 -13.08 29.61 -92.43
C ASP D 325 -13.62 30.18 -91.14
N ARG D 326 -14.43 31.22 -91.25
CA ARG D 326 -14.93 31.90 -90.07
C ARG D 326 -16.16 32.62 -90.51
N ALA D 327 -17.05 32.94 -89.57
CA ALA D 327 -18.33 33.54 -89.90
C ALA D 327 -18.81 34.39 -88.74
N LEU D 328 -19.33 35.57 -89.06
CA LEU D 328 -19.88 36.48 -88.07
C LEU D 328 -21.38 36.24 -87.95
N VAL D 329 -21.86 36.09 -86.72
CA VAL D 329 -23.25 35.74 -86.47
C VAL D 329 -23.89 36.79 -85.58
N TRP D 330 -25.04 37.28 -86.01
CA TRP D 330 -25.82 38.25 -85.26
C TRP D 330 -27.27 37.79 -85.23
N ASN D 331 -27.94 38.02 -84.10
CA ASN D 331 -29.34 37.66 -83.96
C ASN D 331 -30.20 38.87 -84.28
N TRP D 332 -31.13 38.71 -85.23
CA TRP D 332 -31.97 39.85 -85.57
C TRP D 332 -33.15 39.99 -84.63
N ARG D 333 -33.64 38.89 -84.06
CA ARG D 333 -34.73 38.99 -83.11
C ARG D 333 -34.33 39.77 -81.87
N ASP D 334 -33.11 39.53 -81.37
CA ASP D 334 -32.57 40.30 -80.26
C ASP D 334 -31.12 40.67 -80.54
N ASP D 335 -30.74 41.88 -80.14
CA ASP D 335 -29.46 42.47 -80.52
C ASP D 335 -28.34 41.80 -79.73
N VAL D 336 -27.95 40.61 -80.17
CA VAL D 336 -26.81 39.89 -79.62
C VAL D 336 -26.00 39.32 -80.77
N TRP D 337 -24.68 39.33 -80.61
CA TRP D 337 -23.76 38.88 -81.66
C TRP D 337 -23.00 37.64 -81.21
N SER D 338 -22.51 36.88 -82.18
CA SER D 338 -21.72 35.69 -81.92
C SER D 338 -20.77 35.43 -83.08
N LEU D 339 -19.72 34.67 -82.81
CA LEU D 339 -18.67 34.42 -83.78
C LEU D 339 -18.35 32.93 -83.83
N LEU D 340 -18.04 32.43 -85.02
CA LEU D 340 -17.82 31.01 -85.24
C LEU D 340 -16.50 30.77 -85.94
N ASN D 341 -15.97 29.56 -85.76
CA ASN D 341 -14.78 29.10 -86.45
C ASN D 341 -15.09 27.75 -87.08
N LEU D 342 -14.77 27.60 -88.37
CA LEU D 342 -15.13 26.40 -89.11
C LEU D 342 -13.98 25.98 -90.02
N ARG D 343 -14.17 24.84 -90.68
CA ARG D 343 -13.24 24.37 -91.68
C ARG D 343 -13.27 25.27 -92.90
N PRO D 344 -12.23 25.22 -93.74
CA PRO D 344 -12.25 26.00 -94.98
C PRO D 344 -13.48 25.71 -95.82
N LEU D 345 -14.07 26.77 -96.35
CA LEU D 345 -15.34 26.67 -97.06
C LEU D 345 -15.34 27.68 -98.19
N LYS D 346 -16.06 27.35 -99.27
CA LYS D 346 -16.09 28.20 -100.46
C LYS D 346 -17.38 29.01 -100.58
N HIS D 347 -18.54 28.38 -100.49
CA HIS D 347 -19.78 29.12 -100.64
C HIS D 347 -20.90 28.36 -99.91
N ALA D 348 -21.99 29.06 -99.64
CA ALA D 348 -23.10 28.48 -98.90
C ALA D 348 -24.43 29.04 -99.39
N ALA D 349 -25.48 28.25 -99.20
CA ALA D 349 -26.84 28.63 -99.55
C ALA D 349 -27.80 27.73 -98.77
N TYR D 350 -29.08 28.07 -98.83
CA TYR D 350 -30.12 27.32 -98.15
C TYR D 350 -31.02 26.63 -99.15
N GLY D 351 -31.68 25.56 -98.71
CA GLY D 351 -32.60 24.84 -99.57
C GLY D 351 -33.15 23.62 -98.86
N TYR D 352 -33.50 22.59 -99.64
CA TYR D 352 -33.95 21.33 -99.04
C TYR D 352 -33.47 20.11 -99.82
N GLU D 353 -33.32 18.95 -99.17
CA GLU D 353 -32.97 17.70 -99.86
C GLU D 353 -33.92 16.59 -99.48
N ILE D 354 -34.46 15.88 -100.46
CA ILE D 354 -35.45 14.83 -100.15
C ILE D 354 -35.03 13.42 -100.54
N THR D 355 -33.76 13.21 -100.83
CA THR D 355 -33.33 11.91 -101.38
C THR D 355 -33.54 10.55 -100.68
N GLY D 356 -33.88 9.49 -101.44
CA GLY D 356 -34.06 8.14 -100.88
C GLY D 356 -33.91 7.11 -102.00
N VAL D 357 -33.73 5.83 -101.68
CA VAL D 357 -33.67 4.79 -102.71
C VAL D 357 -34.99 4.65 -103.48
N SER D 358 -34.97 4.56 -104.82
CA SER D 358 -36.22 4.53 -105.61
C SER D 358 -36.52 3.48 -106.67
N ILE D 359 -35.64 3.31 -107.64
CA ILE D 359 -35.96 2.40 -108.75
C ILE D 359 -35.57 0.95 -108.56
N THR D 360 -34.97 0.62 -107.43
CA THR D 360 -34.48 -0.74 -107.23
C THR D 360 -35.39 -1.60 -106.39
N TRP D 361 -36.63 -1.16 -106.21
CA TRP D 361 -37.53 -1.88 -105.33
C TRP D 361 -37.91 -3.31 -105.72
N ASP D 362 -38.26 -4.14 -104.74
CA ASP D 362 -38.56 -5.56 -105.01
C ASP D 362 -39.79 -6.01 -105.82
N ASN D 363 -41.01 -5.63 -105.45
CA ASN D 363 -42.19 -6.18 -106.14
C ASN D 363 -42.72 -5.52 -107.40
N PHE D 364 -42.44 -6.09 -108.57
CA PHE D 364 -43.06 -5.60 -109.77
C PHE D 364 -44.55 -5.89 -109.70
N VAL D 365 -45.31 -5.01 -109.09
CA VAL D 365 -46.74 -5.29 -108.91
C VAL D 365 -47.67 -4.26 -109.54
N GLY D 366 -48.94 -4.61 -109.73
CA GLY D 366 -49.92 -3.72 -110.36
C GLY D 366 -50.46 -2.54 -109.56
N GLY D 367 -50.99 -1.55 -110.29
CA GLY D 367 -51.18 -0.21 -109.76
C GLY D 367 -52.43 -0.03 -108.93
N TRP D 368 -52.81 -1.07 -108.19
CA TRP D 368 -53.95 -0.98 -107.32
C TRP D 368 -53.57 -0.82 -105.85
N GLU D 369 -52.28 -0.72 -105.55
CA GLU D 369 -51.82 -0.52 -104.16
C GLU D 369 -51.04 0.79 -104.13
N SER D 370 -50.94 1.42 -102.95
CA SER D 370 -50.34 2.75 -102.87
C SER D 370 -48.85 2.89 -102.78
N THR D 371 -48.32 3.74 -103.65
CA THR D 371 -46.90 4.03 -103.61
C THR D 371 -46.72 4.69 -102.28
N GLY D 372 -47.72 5.44 -101.85
CA GLY D 372 -47.56 6.20 -100.64
C GLY D 372 -47.07 7.52 -101.14
N LEU D 373 -47.10 7.71 -102.45
CA LEU D 373 -46.66 8.96 -103.03
C LEU D 373 -45.25 9.34 -102.60
N TRP D 374 -44.29 8.43 -102.79
CA TRP D 374 -42.91 8.68 -102.37
C TRP D 374 -42.96 9.03 -100.89
N GLN D 375 -43.58 8.15 -100.12
CA GLN D 375 -43.78 8.40 -98.70
C GLN D 375 -42.59 8.54 -97.78
N ALA D 376 -42.79 9.21 -96.65
CA ALA D 376 -41.76 9.37 -95.61
C ALA D 376 -40.76 10.50 -95.77
N ASP D 377 -39.72 10.50 -94.94
CA ASP D 377 -38.65 11.52 -94.97
C ASP D 377 -38.83 12.88 -94.30
N GLU D 378 -37.98 13.85 -94.65
CA GLU D 378 -38.00 15.15 -94.01
C GLU D 378 -39.21 15.94 -94.36
N ASP D 379 -40.27 15.28 -94.77
CA ASP D 379 -41.56 15.94 -94.94
C ASP D 379 -41.74 17.11 -93.99
N VAL D 380 -41.24 17.00 -92.75
CA VAL D 380 -41.31 18.13 -91.83
C VAL D 380 -40.39 19.26 -92.28
N ALA D 381 -39.17 18.92 -92.69
CA ALA D 381 -38.17 19.91 -93.05
C ALA D 381 -38.43 20.54 -94.40
N LYS D 382 -39.42 20.05 -95.14
CA LYS D 382 -39.75 20.69 -96.42
C LYS D 382 -40.10 22.16 -96.23
N TYR D 383 -40.71 22.52 -95.10
CA TYR D 383 -40.91 23.93 -94.80
C TYR D 383 -39.63 24.59 -94.30
N ALA D 384 -38.69 23.78 -93.82
CA ALA D 384 -37.47 24.30 -93.18
C ALA D 384 -36.37 24.58 -94.20
N PRO D 385 -36.05 25.84 -94.48
CA PRO D 385 -34.96 26.13 -95.42
C PRO D 385 -33.59 25.89 -94.80
N VAL D 386 -33.25 24.62 -94.56
CA VAL D 386 -31.98 24.29 -93.94
C VAL D 386 -30.85 24.68 -94.85
N LEU D 387 -29.78 25.23 -94.27
CA LEU D 387 -28.66 25.72 -95.07
C LEU D 387 -27.82 24.56 -95.59
N HIS D 388 -27.15 24.80 -96.71
CA HIS D 388 -26.24 23.83 -97.31
C HIS D 388 -24.92 24.53 -97.60
N TYR D 389 -23.81 23.92 -97.16
CA TYR D 389 -22.50 24.54 -97.19
C TYR D 389 -21.59 23.81 -98.14
N SER D 390 -21.02 24.52 -99.11
CA SER D 390 -20.07 23.94 -100.05
C SER D 390 -18.69 23.95 -99.41
N PHE D 391 -18.47 22.98 -98.53
CA PHE D 391 -17.18 22.83 -97.89
C PHE D 391 -16.13 22.48 -98.93
N ARG D 392 -14.94 23.09 -98.81
CA ARG D 392 -13.94 22.98 -99.85
C ARG D 392 -13.43 21.55 -100.00
N ASP D 393 -13.36 20.80 -98.91
CA ASP D 393 -12.62 19.54 -98.88
C ASP D 393 -13.52 18.33 -98.67
N VAL D 394 -14.65 18.27 -99.37
CA VAL D 394 -15.54 17.11 -99.29
C VAL D 394 -16.32 16.99 -100.60
N PRO D 395 -16.54 15.79 -101.12
CA PRO D 395 -17.36 15.68 -102.34
C PRO D 395 -18.84 15.81 -102.06
N LYS D 396 -19.30 15.39 -100.89
CA LYS D 396 -20.71 15.45 -100.53
C LYS D 396 -20.97 16.60 -99.57
N LEU D 397 -22.13 17.23 -99.73
CA LEU D 397 -22.47 18.38 -98.91
C LEU D 397 -22.98 17.92 -97.54
N LEU D 398 -23.12 18.89 -96.63
CA LEU D 398 -23.64 18.64 -95.31
C LEU D 398 -24.59 19.74 -94.90
N ALA D 399 -25.35 19.48 -93.83
CA ALA D 399 -26.31 20.41 -93.26
C ALA D 399 -26.14 20.47 -91.75
N PRO D 400 -26.52 21.58 -91.12
CA PRO D 400 -26.32 21.70 -89.67
C PRO D 400 -27.11 20.65 -88.90
N THR D 401 -26.62 20.33 -87.70
CA THR D 401 -27.19 19.29 -86.87
C THR D 401 -26.98 19.61 -85.41
N PRO D 402 -28.01 19.43 -84.57
CA PRO D 402 -27.87 19.81 -83.15
C PRO D 402 -26.70 19.15 -82.43
N GLN D 403 -26.44 17.87 -82.69
CA GLN D 403 -25.34 17.21 -82.02
C GLN D 403 -24.01 17.69 -82.61
N ALA D 404 -23.20 18.33 -81.77
CA ALA D 404 -22.01 19.05 -82.23
C ALA D 404 -20.93 18.05 -82.62
N LEU D 405 -21.10 17.43 -83.79
CA LEU D 405 -20.11 16.54 -84.35
C LEU D 405 -20.12 16.75 -85.86
N PHE D 406 -18.93 16.85 -86.47
CA PHE D 406 -18.86 17.22 -87.87
C PHE D 406 -19.39 16.11 -88.78
N ILE D 407 -18.70 14.98 -88.82
CA ILE D 407 -19.24 13.78 -89.45
C ILE D 407 -19.10 12.63 -88.46
N ASP D 408 -17.88 12.38 -88.02
CA ASP D 408 -17.53 11.47 -86.94
C ASP D 408 -16.49 12.07 -86.00
N GLU D 409 -15.72 13.04 -86.48
CA GLU D 409 -14.91 13.87 -85.62
C GLU D 409 -15.77 14.96 -84.99
N GLU D 410 -15.24 15.59 -83.95
CA GLU D 410 -15.99 16.56 -83.16
C GLU D 410 -15.38 17.94 -83.32
N ILE D 411 -16.23 18.96 -83.17
CA ILE D 411 -15.80 20.34 -83.37
C ILE D 411 -15.52 21.00 -82.02
N GLU D 412 -14.48 21.84 -82.00
CA GLU D 412 -13.97 22.44 -80.78
C GLU D 412 -14.88 23.58 -80.31
N ALA D 413 -14.70 23.98 -79.06
CA ALA D 413 -15.38 25.12 -78.46
C ALA D 413 -14.48 25.75 -77.41
N VAL D 414 -14.36 27.06 -77.44
CA VAL D 414 -13.52 27.80 -76.49
C VAL D 414 -14.28 29.01 -75.98
N TRP D 415 -14.22 29.24 -74.67
CA TRP D 415 -14.88 30.35 -74.00
C TRP D 415 -13.84 31.14 -73.20
N GLU D 416 -13.77 32.44 -73.44
CA GLU D 416 -12.69 33.26 -72.88
C GLU D 416 -13.27 34.57 -72.37
N ARG D 417 -13.09 34.85 -71.08
CA ARG D 417 -13.31 36.17 -70.50
C ARG D 417 -11.97 36.65 -69.96
N GLU D 418 -11.38 37.64 -70.62
CA GLU D 418 -10.01 38.01 -70.31
C GLU D 418 -9.90 38.57 -68.90
N ASP D 419 -10.85 39.41 -68.49
CA ASP D 419 -10.89 39.95 -67.13
C ASP D 419 -12.34 39.98 -66.65
N ILE D 420 -12.52 39.90 -65.33
CA ILE D 420 -13.85 39.87 -64.75
C ILE D 420 -14.03 41.08 -63.84
N VAL D 421 -15.25 41.60 -63.79
CA VAL D 421 -15.59 42.64 -62.81
C VAL D 421 -15.69 41.97 -61.45
N ILE D 422 -14.62 42.10 -60.66
CA ILE D 422 -14.52 41.44 -59.37
C ILE D 422 -13.97 42.45 -58.36
N GLY D 423 -14.57 42.52 -57.18
CA GLY D 423 -14.05 43.39 -56.15
C GLY D 423 -15.09 43.80 -55.15
N SER D 424 -15.14 45.09 -54.84
CA SER D 424 -16.14 45.57 -53.91
C SER D 424 -17.48 45.43 -54.57
N ILE D 425 -18.49 45.04 -53.81
CA ILE D 425 -19.82 44.99 -54.38
C ILE D 425 -20.53 46.13 -53.66
N SER D 426 -21.11 47.05 -54.41
CA SER D 426 -21.73 48.24 -53.80
C SER D 426 -23.18 48.04 -53.37
N ARG D 427 -23.92 49.12 -53.20
CA ARG D 427 -25.31 49.03 -52.76
C ARG D 427 -26.10 48.25 -53.78
N ASP D 428 -25.83 48.48 -55.05
CA ASP D 428 -26.51 47.75 -56.11
C ASP D 428 -26.04 46.31 -56.11
N GLY D 429 -26.85 45.39 -56.63
CA GLY D 429 -26.47 44.00 -56.64
C GLY D 429 -25.20 43.78 -57.43
N VAL D 430 -25.08 44.44 -58.57
CA VAL D 430 -23.89 44.31 -59.41
C VAL D 430 -22.63 44.89 -58.76
N PRO D 431 -21.51 44.16 -58.83
CA PRO D 431 -20.25 44.62 -58.24
C PRO D 431 -19.45 45.59 -59.07
N TYR D 432 -18.44 46.22 -58.48
CA TYR D 432 -17.55 47.08 -59.24
C TYR D 432 -16.14 46.70 -58.88
N GLN D 433 -15.28 46.55 -59.87
CA GLN D 433 -13.92 46.08 -59.61
C GLN D 433 -12.87 47.10 -59.18
N ASP D 434 -12.12 46.83 -58.10
CA ASP D 434 -11.06 47.74 -57.71
C ASP D 434 -9.68 47.34 -58.20
N TYR D 435 -9.11 48.12 -59.10
CA TYR D 435 -7.78 47.85 -59.65
C TYR D 435 -6.69 47.96 -58.63
N GLU D 436 -6.79 48.94 -57.73
CA GLU D 436 -5.75 49.17 -56.72
C GLU D 436 -5.48 48.00 -55.81
N ARG D 437 -6.50 47.22 -55.44
CA ARG D 437 -6.31 46.13 -54.53
C ARG D 437 -5.94 44.86 -55.27
N ASN D 438 -4.74 44.33 -55.03
CA ASN D 438 -4.35 43.06 -55.64
C ASN D 438 -5.09 41.99 -54.92
N LYS D 439 -5.43 40.89 -55.58
CA LYS D 439 -6.26 39.90 -54.90
C LYS D 439 -5.89 38.43 -55.12
N SER D 440 -6.24 37.57 -54.17
CA SER D 440 -5.91 36.16 -54.26
C SER D 440 -7.17 35.33 -54.55
N VAL D 441 -7.00 34.33 -55.41
CA VAL D 441 -8.08 33.40 -55.73
C VAL D 441 -8.35 32.50 -54.54
N SER D 442 -9.57 31.97 -54.46
CA SER D 442 -9.87 30.88 -53.54
C SER D 442 -10.35 29.63 -54.26
N SER D 443 -11.38 29.75 -55.10
CA SER D 443 -12.00 28.57 -55.69
C SER D 443 -12.90 29.00 -56.84
N ILE D 444 -13.32 28.01 -57.63
CA ILE D 444 -14.21 28.24 -58.77
C ILE D 444 -15.28 27.16 -58.77
N SER D 445 -16.51 27.55 -59.14
CA SER D 445 -17.62 26.61 -59.29
C SER D 445 -18.51 27.10 -60.44
N PHE D 446 -18.93 26.18 -61.29
CA PHE D 446 -19.64 26.50 -62.52
C PHE D 446 -21.01 25.88 -62.54
N ASP D 447 -21.99 26.63 -63.06
CA ASP D 447 -23.36 26.16 -63.20
C ASP D 447 -23.57 25.65 -64.62
N VAL D 448 -23.85 24.36 -64.75
CA VAL D 448 -23.94 23.70 -66.06
C VAL D 448 -25.13 22.74 -66.04
N ASP D 449 -25.86 22.69 -67.14
CA ASP D 449 -26.99 21.76 -67.24
C ASP D 449 -26.58 20.43 -67.84
N THR D 450 -25.50 20.39 -68.61
CA THR D 450 -25.10 19.16 -69.26
C THR D 450 -24.51 18.18 -68.25
N THR D 451 -23.98 17.08 -68.78
CA THR D 451 -23.22 16.13 -67.98
C THR D 451 -21.82 15.90 -68.49
N GLU D 452 -21.50 16.32 -69.71
CA GLU D 452 -20.18 16.11 -70.27
C GLU D 452 -19.16 17.05 -69.64
N PRO D 453 -17.92 16.59 -69.45
CA PRO D 453 -16.90 17.44 -68.84
C PRO D 453 -16.40 18.49 -69.82
N PHE D 454 -15.75 19.52 -69.25
CA PHE D 454 -15.14 20.59 -70.03
C PHE D 454 -13.84 20.97 -69.35
N ASP D 455 -12.82 21.27 -70.15
CA ASP D 455 -11.55 21.65 -69.57
C ASP D 455 -11.52 23.15 -69.27
N VAL D 456 -10.64 23.53 -68.36
CA VAL D 456 -10.55 24.91 -67.89
C VAL D 456 -9.09 25.32 -67.85
N TYR D 457 -8.80 26.51 -68.38
CA TYR D 457 -7.45 27.08 -68.32
C TYR D 457 -7.51 28.40 -67.58
N ILE D 458 -6.48 28.71 -66.83
CA ILE D 458 -6.46 29.89 -65.96
C ILE D 458 -5.36 30.83 -66.42
N GLY D 459 -5.69 32.10 -66.58
CA GLY D 459 -4.74 33.12 -67.00
C GLY D 459 -4.45 34.11 -65.89
N TYR D 460 -3.23 34.63 -65.89
CA TYR D 460 -2.79 35.60 -64.89
C TYR D 460 -2.04 36.72 -65.57
N LYS D 461 -2.05 37.90 -64.95
CA LYS D 461 -1.36 39.06 -65.49
C LYS D 461 -0.92 39.97 -64.36
N GLY D 462 0.28 40.54 -64.50
CA GLY D 462 0.85 41.37 -63.48
C GLY D 462 0.13 42.70 -63.30
N SER D 463 0.20 43.54 -64.33
CA SER D 463 -0.52 44.81 -64.35
C SER D 463 -1.34 44.91 -65.62
N LEU D 464 -2.28 45.84 -65.63
CA LEU D 464 -3.03 46.11 -66.85
C LEU D 464 -2.10 46.51 -67.98
N GLU D 465 -1.02 47.24 -67.66
CA GLU D 465 -0.02 47.57 -68.66
C GLU D 465 0.68 46.31 -69.16
N ASP D 466 0.83 45.31 -68.30
CA ASP D 466 1.41 44.05 -68.72
C ASP D 466 0.43 43.28 -69.60
N SER D 467 0.94 42.27 -70.29
CA SER D 467 0.10 41.41 -71.12
C SER D 467 -0.51 40.30 -70.28
N VAL D 468 -1.04 39.31 -70.95
CA VAL D 468 -1.69 38.17 -70.30
C VAL D 468 -0.80 36.93 -70.44
N GLU D 469 -0.81 36.08 -69.42
CA GLU D 469 -0.09 34.80 -69.43
C GLU D 469 -1.03 33.69 -68.98
N TRP D 470 -0.73 32.46 -69.41
CA TRP D 470 -1.69 31.37 -69.38
C TRP D 470 -1.23 30.22 -68.49
N GLU D 471 -2.20 29.52 -67.90
CA GLU D 471 -1.99 28.30 -67.14
C GLU D 471 -3.18 27.39 -67.34
N PHE D 472 -2.95 26.08 -67.26
CA PHE D 472 -3.99 25.09 -67.49
C PHE D 472 -4.34 24.34 -66.21
N ALA D 473 -5.62 24.00 -66.07
CA ALA D 473 -6.11 23.20 -64.96
C ALA D 473 -6.89 22.01 -65.49
N GLY D 474 -6.74 20.87 -64.82
CA GLY D 474 -7.43 19.68 -65.27
C GLY D 474 -8.93 19.83 -65.19
N THR D 475 -9.63 19.22 -66.15
CA THR D 475 -11.08 19.29 -66.17
C THR D 475 -11.68 18.49 -65.02
N VAL D 476 -12.98 18.68 -64.82
CA VAL D 476 -13.73 17.95 -63.81
C VAL D 476 -15.09 17.56 -64.41
N ASN D 477 -15.46 16.30 -64.23
CA ASN D 477 -16.77 15.86 -64.70
C ASN D 477 -17.84 16.43 -63.77
N PRO D 478 -18.83 17.14 -64.30
CA PRO D 478 -19.83 17.78 -63.43
C PRO D 478 -20.67 16.80 -62.63
N MET D 479 -20.73 15.53 -63.03
CA MET D 479 -21.63 14.59 -62.37
C MET D 479 -21.28 14.44 -60.90
N GLU D 480 -20.00 14.31 -60.58
CA GLU D 480 -19.58 14.06 -59.22
C GLU D 480 -19.15 15.33 -58.48
N ASP D 481 -18.63 16.32 -59.20
CA ASP D 481 -18.07 17.49 -58.54
C ASP D 481 -18.40 18.72 -59.34
N LYS D 482 -18.41 19.85 -58.64
CA LYS D 482 -18.76 21.14 -59.20
C LYS D 482 -17.68 22.18 -58.94
N ARG D 483 -16.66 21.85 -58.16
CA ARG D 483 -15.67 22.81 -57.69
C ARG D 483 -14.28 22.32 -58.05
N LEU D 484 -13.37 23.28 -58.20
CA LEU D 484 -11.95 23.01 -58.38
C LEU D 484 -11.15 23.97 -57.52
N PHE D 485 -9.99 23.51 -57.05
CA PHE D 485 -9.16 24.27 -56.13
C PHE D 485 -7.86 24.66 -56.82
N CYS D 486 -7.50 25.95 -56.72
CA CYS D 486 -6.19 26.39 -57.16
C CYS D 486 -5.85 27.66 -56.41
N LEU D 487 -4.54 27.94 -56.33
CA LEU D 487 -4.04 29.09 -55.60
C LEU D 487 -3.15 29.92 -56.52
N LEU D 488 -3.41 31.22 -56.56
CA LEU D 488 -2.69 32.14 -57.44
C LEU D 488 -3.09 33.55 -57.09
N THR D 489 -2.26 34.51 -57.53
CA THR D 489 -2.53 35.92 -57.34
C THR D 489 -1.88 36.71 -58.46
N ALA D 490 -2.62 37.65 -59.03
CA ALA D 490 -2.14 38.45 -60.16
C ALA D 490 -2.81 39.80 -60.11
N GLY D 491 -2.55 40.60 -61.14
CA GLY D 491 -3.20 41.91 -61.23
C GLY D 491 -4.68 41.80 -61.57
N LEU D 492 -5.00 41.23 -62.72
CA LEU D 492 -6.35 40.91 -63.12
C LEU D 492 -6.49 39.42 -63.37
N PHE D 493 -7.73 38.96 -63.40
CA PHE D 493 -8.04 37.54 -63.30
C PHE D 493 -8.54 37.05 -64.64
N SER D 494 -7.96 35.96 -65.12
CA SER D 494 -8.29 35.40 -66.42
C SER D 494 -8.52 33.90 -66.30
N MET D 495 -9.61 33.42 -66.91
CA MET D 495 -9.87 32.01 -67.04
C MET D 495 -10.20 31.71 -68.49
N ARG D 496 -9.68 30.59 -68.99
CA ARG D 496 -9.91 30.19 -70.37
C ARG D 496 -10.60 28.84 -70.37
N ILE D 497 -11.71 28.73 -71.08
CA ILE D 497 -12.57 27.55 -71.05
C ILE D 497 -12.59 26.93 -72.44
N ILE D 498 -12.32 25.63 -72.51
CA ILE D 498 -12.34 24.89 -73.76
C ILE D 498 -13.14 23.61 -73.53
N SER D 499 -13.86 23.18 -74.57
CA SER D 499 -14.74 22.03 -74.43
C SER D 499 -14.80 21.23 -75.73
N LYS D 500 -14.53 19.94 -75.61
CA LYS D 500 -14.75 18.97 -76.69
C LYS D 500 -15.92 18.11 -76.22
N ALA D 501 -17.14 18.57 -76.46
CA ALA D 501 -18.29 17.91 -75.89
C ALA D 501 -19.46 17.95 -76.85
N GLN D 502 -20.37 17.00 -76.66
CA GLN D 502 -21.59 16.95 -77.47
C GLN D 502 -22.42 18.22 -77.29
N THR D 503 -22.54 18.68 -76.04
CA THR D 503 -23.37 19.83 -75.73
C THR D 503 -22.77 20.59 -74.55
N PHE D 504 -22.79 21.91 -74.63
CA PHE D 504 -22.24 22.78 -73.60
C PHE D 504 -23.32 23.75 -73.18
N ILE D 505 -23.63 23.78 -71.88
CA ILE D 505 -24.66 24.66 -71.34
C ILE D 505 -24.04 25.40 -70.16
N LEU D 506 -23.63 26.65 -70.38
CA LEU D 506 -23.10 27.49 -69.32
C LEU D 506 -24.20 28.37 -68.78
N ARG D 507 -24.33 28.43 -67.46
CA ARG D 507 -25.36 29.23 -66.80
C ARG D 507 -24.79 30.39 -66.00
N SER D 508 -23.91 30.11 -65.04
CA SER D 508 -23.36 31.14 -64.16
C SER D 508 -22.13 30.58 -63.48
N TYR D 509 -21.47 31.42 -62.70
CA TYR D 509 -20.32 30.97 -61.92
C TYR D 509 -20.11 31.90 -60.74
N LYS D 510 -19.38 31.39 -59.74
CA LYS D 510 -19.05 32.16 -58.54
C LYS D 510 -17.57 32.05 -58.27
N ILE D 511 -16.98 33.15 -57.81
CA ILE D 511 -15.55 33.22 -57.52
C ILE D 511 -15.37 33.71 -56.09
N THR D 512 -14.58 32.97 -55.32
CA THR D 512 -14.25 33.33 -53.94
C THR D 512 -12.84 33.91 -53.90
N TYR D 513 -12.64 34.92 -53.07
CA TYR D 513 -11.40 35.69 -53.10
C TYR D 513 -11.24 36.41 -51.78
N GLU D 514 -10.19 37.24 -51.71
CA GLU D 514 -9.93 38.05 -50.53
C GLU D 514 -8.99 39.18 -50.89
N PHE D 515 -9.25 40.35 -50.31
CA PHE D 515 -8.37 41.50 -50.48
C PHE D 515 -7.18 41.37 -49.54
N ALA D 516 -5.99 41.20 -50.11
CA ALA D 516 -4.80 40.89 -49.32
C ALA D 516 -3.60 41.72 -49.77
N GLY D 517 -3.80 43.00 -50.02
CA GLY D 517 -2.72 43.87 -50.44
C GLY D 517 -3.22 44.90 -51.43
N GLU D 518 -2.28 45.54 -52.12
CA GLU D 518 -2.61 46.56 -53.11
C GLU D 518 -1.73 46.39 -54.33
N MET D 519 -1.95 47.27 -55.31
CA MET D 519 -1.30 47.14 -56.60
C MET D 519 0.18 47.53 -56.51
N TRP D 520 1.04 46.69 -57.08
CA TRP D 520 2.47 46.97 -57.12
C TRP D 520 2.96 47.22 -58.55
N ALA D 521 2.75 46.28 -59.46
CA ALA D 521 3.20 46.40 -60.84
C ALA D 521 2.57 45.32 -61.71
N MET E 1 -12.94 -47.19 69.13
CA MET E 1 -13.65 -48.35 68.63
C MET E 1 -13.20 -48.67 67.21
N GLU E 2 -13.53 -49.85 66.72
CA GLU E 2 -13.10 -50.26 65.40
C GLU E 2 -14.27 -50.72 64.57
N ILE E 3 -14.36 -50.27 63.32
CA ILE E 3 -15.40 -50.75 62.45
C ILE E 3 -14.80 -51.48 61.28
N LEU E 4 -15.31 -52.67 60.97
CA LEU E 4 -14.71 -53.47 59.93
C LEU E 4 -15.64 -53.66 58.77
N TYR E 5 -15.16 -53.35 57.57
CA TYR E 5 -15.99 -53.46 56.41
C TYR E 5 -16.26 -54.87 56.11
N THR E 6 -17.52 -55.18 55.90
CA THR E 6 -17.90 -56.51 55.51
C THR E 6 -19.06 -56.18 54.65
N GLY E 7 -19.51 -57.10 53.85
CA GLY E 7 -20.56 -56.74 52.93
C GLY E 7 -21.92 -56.46 53.53
N ALA E 8 -22.15 -56.82 54.80
CA ALA E 8 -23.52 -56.72 55.33
C ALA E 8 -24.21 -55.38 55.21
N SER E 9 -25.46 -55.42 54.78
CA SER E 9 -26.25 -54.21 54.68
C SER E 9 -26.42 -53.67 56.05
N GLU E 10 -26.55 -54.52 57.06
CA GLU E 10 -26.60 -53.99 58.41
C GLU E 10 -25.30 -54.18 59.14
N SER E 11 -24.50 -53.13 59.19
CA SER E 11 -23.26 -53.18 59.93
C SER E 11 -23.13 -51.79 60.46
N LEU E 12 -22.44 -51.65 61.58
CA LEU E 12 -22.24 -50.34 62.12
C LEU E 12 -21.60 -49.63 60.97
N HIS E 13 -20.87 -50.37 60.15
CA HIS E 13 -20.13 -49.78 59.05
C HIS E 13 -21.06 -49.17 58.00
N SER E 14 -22.04 -49.95 57.53
CA SER E 14 -22.92 -49.46 56.47
C SER E 14 -23.77 -48.28 56.94
N THR E 15 -24.32 -48.35 58.15
CA THR E 15 -25.17 -47.27 58.63
C THR E 15 -24.36 -45.98 58.82
N ILE E 16 -23.19 -46.08 59.45
CA ILE E 16 -22.35 -44.90 59.63
C ILE E 16 -21.93 -44.34 58.28
N LEU E 17 -21.58 -45.22 57.34
CA LEU E 17 -21.20 -44.78 56.01
C LEU E 17 -22.32 -43.99 55.35
N LYS E 18 -23.54 -44.54 55.38
CA LYS E 18 -24.66 -43.87 54.72
C LYS E 18 -24.93 -42.51 55.35
N ALA E 19 -24.96 -42.45 56.68
CA ALA E 19 -25.23 -41.19 57.35
C ALA E 19 -24.16 -40.14 57.07
N LEU E 20 -22.89 -40.55 57.10
CA LEU E 20 -21.81 -39.59 56.85
C LEU E 20 -21.80 -39.11 55.41
N LEU E 21 -22.09 -40.00 54.46
CA LEU E 21 -22.22 -39.55 53.08
C LEU E 21 -23.41 -38.61 52.89
N GLU E 22 -24.52 -38.85 53.60
CA GLU E 22 -25.62 -37.89 53.54
C GLU E 22 -25.19 -36.53 54.08
N ARG E 23 -24.45 -36.52 55.19
CA ARG E 23 -23.95 -35.26 55.73
C ARG E 23 -23.03 -34.56 54.74
N ILE E 24 -22.11 -35.31 54.12
CA ILE E 24 -21.18 -34.70 53.17
C ILE E 24 -21.92 -34.17 51.95
N ASP E 25 -22.92 -34.90 51.47
CA ASP E 25 -23.70 -34.44 50.33
C ASP E 25 -24.45 -33.16 50.67
N LEU E 26 -25.01 -33.07 51.87
CA LEU E 26 -25.63 -31.82 52.30
C LEU E 26 -24.61 -30.69 52.33
N GLY E 27 -23.41 -30.97 52.87
CA GLY E 27 -22.40 -29.94 52.99
C GLY E 27 -21.89 -29.42 51.65
N ASP E 28 -21.78 -30.30 50.66
CA ASP E 28 -21.21 -29.89 49.37
C ASP E 28 -22.09 -28.90 48.63
N THR E 29 -23.37 -28.79 49.01
CA THR E 29 -24.26 -27.84 48.33
C THR E 29 -23.78 -26.41 48.52
N PHE E 30 -23.35 -26.06 49.74
CA PHE E 30 -22.86 -24.71 49.99
C PHE E 30 -21.63 -24.40 49.16
N ILE E 31 -20.70 -25.34 49.06
CA ILE E 31 -19.49 -25.12 48.26
C ILE E 31 -19.85 -24.98 46.79
N SER E 32 -20.75 -25.84 46.29
CA SER E 32 -21.16 -25.76 44.90
C SER E 32 -21.86 -24.44 44.61
N ASP E 33 -22.55 -23.87 45.59
CA ASP E 33 -23.21 -22.59 45.40
C ASP E 33 -22.19 -21.48 45.14
N ASN E 34 -21.09 -21.48 45.88
CA ASN E 34 -20.12 -20.39 45.85
C ASN E 34 -18.98 -20.62 44.86
N TYR E 35 -19.01 -21.66 44.08
CA TYR E 35 -17.85 -21.92 43.24
C TYR E 35 -17.44 -20.82 42.36
N THR E 36 -18.29 -20.44 41.43
CA THR E 36 -17.84 -19.53 40.41
C THR E 36 -17.30 -18.25 40.89
N ARG E 37 -17.92 -17.69 41.89
CA ARG E 37 -17.51 -16.40 42.29
C ARG E 37 -16.10 -16.50 42.71
N TRP E 38 -15.80 -17.51 43.48
CA TRP E 38 -14.47 -17.56 43.99
C TRP E 38 -13.56 -17.68 42.83
N GLN E 39 -13.97 -18.39 41.79
CA GLN E 39 -13.05 -18.63 40.69
C GLN E 39 -12.65 -17.35 40.01
N ALA E 40 -13.59 -16.45 39.87
CA ALA E 40 -13.31 -15.22 39.19
C ALA E 40 -12.27 -14.45 39.95
N THR E 41 -12.24 -14.59 41.26
CA THR E 41 -11.34 -13.79 42.02
C THR E 41 -9.98 -14.11 41.55
N GLU E 42 -9.77 -15.35 41.25
CA GLU E 42 -8.46 -15.75 40.81
C GLU E 42 -8.06 -15.07 39.54
N ARG E 43 -8.98 -14.95 38.61
CA ARG E 43 -8.60 -14.40 37.34
C ARG E 43 -8.14 -12.99 37.49
N TYR E 44 -8.79 -12.23 38.34
CA TYR E 44 -8.35 -10.88 38.56
C TYR E 44 -6.97 -10.84 39.16
N TYR E 45 -6.63 -11.78 40.04
CA TYR E 45 -5.35 -11.76 40.71
C TYR E 45 -4.31 -11.90 39.72
N MET E 46 -4.58 -12.81 38.82
CA MET E 46 -3.64 -12.92 37.78
C MET E 46 -3.94 -11.93 36.66
N MET E 47 -4.98 -11.08 36.79
CA MET E 47 -5.10 -10.09 35.73
C MET E 47 -5.08 -10.74 34.34
N TYR E 48 -5.86 -11.79 34.18
CA TYR E 48 -5.96 -12.50 32.90
C TYR E 48 -7.00 -11.82 32.02
N LYS E 49 -6.60 -11.49 30.79
CA LYS E 49 -7.44 -10.80 29.84
C LYS E 49 -7.58 -11.63 28.57
N ILE E 50 -8.80 -11.67 28.04
CA ILE E 50 -9.05 -12.37 26.78
C ILE E 50 -8.37 -11.61 25.65
N PRO E 51 -7.55 -12.25 24.82
CA PRO E 51 -6.87 -11.53 23.74
C PRO E 51 -7.85 -10.98 22.71
N ASN E 52 -7.48 -9.85 22.13
CA ASN E 52 -8.28 -9.21 21.11
C ASN E 52 -7.98 -9.82 19.74
N LYS E 53 -8.71 -9.41 18.73
CA LYS E 53 -8.45 -9.90 17.41
C LYS E 53 -7.20 -9.25 16.91
N LYS E 54 -7.07 -7.96 17.14
CA LYS E 54 -5.92 -7.24 16.62
C LYS E 54 -4.65 -7.74 17.24
N ASP E 55 -4.74 -8.32 18.42
CA ASP E 55 -3.55 -8.76 19.11
C ASP E 55 -2.68 -9.81 18.44
N LYS E 56 -3.25 -10.82 17.81
CA LYS E 56 -2.43 -11.89 17.26
C LYS E 56 -1.42 -11.42 16.25
N ALA E 57 -1.85 -10.54 15.37
CA ALA E 57 -0.96 -10.06 14.35
C ALA E 57 0.17 -9.33 14.98
N ALA E 58 -0.12 -8.57 16.02
CA ALA E 58 0.91 -7.77 16.62
C ALA E 58 1.99 -8.65 17.18
N ILE E 59 1.62 -9.76 17.80
CA ILE E 59 2.60 -10.63 18.41
C ILE E 59 3.49 -11.07 17.30
N GLU E 60 2.88 -11.31 16.16
CA GLU E 60 3.65 -11.73 15.02
C GLU E 60 4.64 -10.67 14.58
N LYS E 61 4.27 -9.41 14.66
CA LYS E 61 5.18 -8.39 14.15
C LYS E 61 6.44 -8.47 14.95
N TRP E 62 6.33 -8.73 16.23
CA TRP E 62 7.49 -8.74 17.07
C TRP E 62 8.45 -9.79 16.62
N ASN E 63 7.93 -10.93 16.22
CA ASN E 63 8.80 -12.01 15.82
C ASN E 63 9.57 -11.54 14.64
N LYS E 64 8.95 -10.75 13.80
CA LYS E 64 9.62 -10.34 12.59
C LYS E 64 10.45 -9.07 12.83
N GLY E 65 10.48 -8.63 14.07
CA GLY E 65 11.31 -7.51 14.43
C GLY E 65 10.64 -6.17 14.54
N ASP E 66 9.32 -6.13 14.46
CA ASP E 66 8.61 -4.86 14.48
C ASP E 66 7.85 -4.65 15.75
N THR E 67 7.70 -3.42 16.17
CA THR E 67 7.05 -3.14 17.44
C THR E 67 5.57 -2.78 17.35
N ASP E 68 4.71 -3.36 18.20
CA ASP E 68 3.29 -3.01 18.21
C ASP E 68 2.73 -3.24 19.61
N PHE E 69 1.42 -3.07 19.73
CA PHE E 69 0.75 -3.06 21.03
C PHE E 69 0.26 -4.44 21.42
N LYS E 70 0.26 -4.68 22.72
CA LYS E 70 -0.34 -5.88 23.31
C LYS E 70 -1.33 -5.41 24.37
N SER E 71 -2.49 -6.05 24.42
CA SER E 71 -3.51 -5.64 25.37
C SER E 71 -3.10 -5.96 26.80
N LEU E 72 -3.34 -5.03 27.72
CA LEU E 72 -3.09 -5.26 29.14
C LEU E 72 -4.29 -4.82 29.98
N VAL E 73 -4.13 -4.92 31.30
CA VAL E 73 -5.10 -4.45 32.28
C VAL E 73 -4.35 -3.67 33.34
N MET E 74 -4.97 -2.62 33.84
CA MET E 74 -4.34 -1.77 34.85
C MET E 74 -4.17 -2.52 36.16
N PRO E 75 -2.97 -2.57 36.73
CA PRO E 75 -2.76 -3.26 38.01
C PRO E 75 -3.05 -2.40 39.23
N TYR E 76 -3.74 -1.26 39.07
CA TYR E 76 -3.99 -0.39 40.19
C TYR E 76 -4.75 -1.09 41.29
N SER E 77 -5.79 -1.84 40.93
CA SER E 77 -6.52 -2.63 41.94
C SER E 77 -5.63 -3.70 42.55
N TYR E 78 -4.78 -4.32 41.73
CA TYR E 78 -3.89 -5.37 42.23
C TYR E 78 -2.91 -4.80 43.26
N ALA E 79 -2.64 -3.50 43.21
CA ALA E 79 -1.69 -2.90 44.14
C ALA E 79 -2.22 -2.90 45.57
N GLN E 80 -3.65 -2.61 45.75
CA GLN E 80 -4.15 -2.45 47.11
C GLN E 80 -4.18 -3.77 47.86
N LEU E 81 -4.50 -4.87 47.17
CA LEU E 81 -4.46 -6.17 47.83
C LEU E 81 -3.12 -6.42 48.49
N MET E 82 -2.04 -6.24 47.73
CA MET E 82 -0.71 -6.58 48.25
C MET E 82 -0.24 -5.56 49.26
N THR E 83 -0.56 -4.28 49.09
CA THR E 83 -0.16 -3.31 50.10
C THR E 83 -0.89 -3.54 51.41
N ALA E 84 -2.18 -3.88 51.33
CA ALA E 84 -2.94 -4.19 52.54
C ALA E 84 -2.39 -5.44 53.22
N HIS E 85 -2.00 -6.45 52.44
CA HIS E 85 -1.41 -7.62 53.05
C HIS E 85 -0.06 -7.30 53.69
N ALA E 86 0.72 -6.42 53.07
CA ALA E 86 1.98 -6.01 53.70
C ALA E 86 1.72 -5.31 55.02
N TYR E 87 0.71 -4.44 55.07
CA TYR E 87 0.31 -3.82 56.32
C TYR E 87 -0.11 -4.87 57.35
N MET E 88 -0.79 -5.92 56.94
CA MET E 88 -1.22 -6.88 57.95
C MET E 88 -0.04 -7.66 58.46
N VAL E 89 0.92 -7.93 57.61
CA VAL E 89 2.02 -8.72 58.04
C VAL E 89 2.71 -7.97 59.15
N ASN E 90 2.90 -6.67 59.00
CA ASN E 90 3.65 -5.96 60.02
C ASN E 90 2.95 -6.00 61.35
N VAL E 91 1.64 -5.95 61.36
CA VAL E 91 0.98 -5.90 62.64
C VAL E 91 1.13 -7.19 63.38
N PHE E 92 0.87 -8.29 62.72
CA PHE E 92 0.89 -9.53 63.47
C PHE E 92 2.16 -10.35 63.37
N LEU E 93 2.60 -10.69 62.17
CA LEU E 93 3.76 -11.56 62.01
C LEU E 93 5.20 -11.16 62.35
N ASN E 94 5.66 -9.97 61.99
CA ASN E 94 7.06 -9.62 62.22
C ASN E 94 7.32 -8.85 63.49
N ARG E 95 7.22 -9.49 64.64
CA ARG E 95 7.41 -8.83 65.93
C ARG E 95 8.00 -9.91 66.80
N ASP E 96 8.55 -9.61 67.98
CA ASP E 96 9.15 -10.70 68.75
C ASP E 96 8.34 -11.74 69.43
N PRO E 97 7.40 -11.33 70.23
CA PRO E 97 6.71 -12.47 70.82
C PRO E 97 5.81 -13.12 69.82
N ILE E 98 5.15 -12.35 68.98
CA ILE E 98 4.15 -12.86 68.04
C ILE E 98 2.93 -13.28 68.84
N PHE E 99 3.07 -14.22 69.77
CA PHE E 99 1.96 -14.58 70.64
C PHE E 99 2.36 -14.18 72.03
N GLN E 100 1.56 -13.37 72.72
CA GLN E 100 1.95 -12.86 74.04
C GLN E 100 0.77 -12.84 75.01
N THR E 101 1.03 -12.91 76.32
CA THR E 101 -0.06 -13.01 77.28
C THR E 101 -0.10 -12.11 78.49
N ASP E 102 -1.19 -12.17 79.26
CA ASP E 102 -1.36 -11.36 80.46
C ASP E 102 -2.29 -12.10 81.41
N SER E 103 -2.20 -11.74 82.70
CA SER E 103 -2.97 -12.39 83.75
C SER E 103 -3.64 -11.34 84.62
N LEU E 104 -4.81 -11.66 85.13
CA LEU E 104 -5.56 -10.70 85.90
C LEU E 104 -5.25 -10.83 87.37
N ASN E 105 -5.49 -12.00 87.91
CA ASN E 105 -5.28 -12.21 89.31
C ASN E 105 -3.86 -12.04 89.71
N GLY E 106 -2.97 -12.57 88.92
CA GLY E 106 -1.58 -12.55 89.30
C GLY E 106 -1.06 -13.91 89.68
N ASP E 107 -1.93 -14.88 89.94
CA ASP E 107 -1.43 -16.22 90.18
C ASP E 107 -0.87 -16.49 88.85
N GLY E 108 -1.60 -16.04 87.85
CA GLY E 108 -1.12 -16.19 86.50
C GLY E 108 0.14 -15.41 86.23
N THR E 109 0.38 -14.33 86.94
CA THR E 109 1.53 -13.53 86.61
C THR E 109 2.75 -14.39 86.72
N GLU E 110 2.77 -15.25 87.71
CA GLU E 110 3.89 -16.15 87.84
C GLU E 110 4.03 -17.08 86.67
N ARG E 111 2.94 -17.63 86.19
CA ARG E 111 3.03 -18.62 85.14
C ARG E 111 3.20 -17.98 83.81
N GLU E 112 3.14 -16.67 83.76
CA GLU E 112 3.14 -16.01 82.47
C GLU E 112 4.35 -16.27 81.62
N LEU E 113 5.51 -16.19 82.20
CA LEU E 113 6.67 -16.34 81.37
C LEU E 113 6.80 -17.75 80.77
N ALA E 114 6.85 -18.78 81.61
CA ALA E 114 6.96 -20.16 81.14
C ALA E 114 6.03 -20.40 79.96
N LEU E 115 4.78 -19.94 80.05
CA LEU E 115 3.83 -20.20 78.99
C LEU E 115 4.23 -19.49 77.70
N GLU E 116 4.69 -18.23 77.80
CA GLU E 116 5.15 -17.54 76.59
C GLU E 116 6.39 -18.22 76.00
N SER E 117 7.29 -18.73 76.84
CA SER E 117 8.43 -19.46 76.30
C SER E 117 7.99 -20.69 75.54
N MET E 118 7.02 -21.44 76.10
CA MET E 118 6.51 -22.61 75.41
C MET E 118 5.87 -22.24 74.08
N LEU E 119 5.02 -21.20 74.06
CA LEU E 119 4.39 -20.80 72.81
C LEU E 119 5.43 -20.34 71.80
N GLN E 120 6.44 -19.60 72.26
CA GLN E 120 7.46 -19.09 71.35
C GLN E 120 8.22 -20.24 70.71
N TYR E 121 8.69 -21.19 71.52
CA TYR E 121 9.38 -22.36 70.97
C TYR E 121 8.49 -23.12 70.00
N GLN E 122 7.22 -23.32 70.39
CA GLN E 122 6.34 -24.16 69.58
C GLN E 122 6.04 -23.51 68.24
N VAL E 123 5.77 -22.20 68.24
CA VAL E 123 5.47 -21.51 66.98
C VAL E 123 6.72 -21.38 66.13
N LYS E 124 7.90 -21.25 66.75
CA LYS E 124 9.11 -21.09 65.96
C LYS E 124 9.56 -22.41 65.34
N ALA E 125 9.37 -23.52 66.05
CA ALA E 125 9.80 -24.82 65.55
C ALA E 125 8.72 -25.57 64.78
N GLY E 126 7.48 -25.08 64.81
CA GLY E 126 6.40 -25.73 64.10
C GLY E 126 6.18 -25.27 62.68
N GLU E 127 6.97 -24.31 62.19
CA GLU E 127 6.80 -23.76 60.85
C GLU E 127 5.38 -23.24 60.64
N MET E 128 4.85 -22.57 61.66
CA MET E 128 3.48 -22.09 61.61
C MET E 128 3.33 -20.85 60.77
N GLU E 129 4.32 -19.97 60.77
CA GLU E 129 4.16 -18.67 60.11
C GLU E 129 4.01 -18.75 58.59
N PRO E 130 4.62 -19.69 57.86
CA PRO E 130 4.23 -19.82 56.44
C PRO E 130 2.74 -20.14 56.27
N SER E 131 2.20 -20.97 57.16
CA SER E 131 0.77 -21.23 57.13
C SER E 131 -0.03 -19.97 57.44
N LEU E 132 0.59 -19.17 58.28
CA LEU E 132 -0.06 -17.97 58.69
C LEU E 132 -0.06 -17.03 57.54
N LEU E 133 1.00 -17.01 56.78
CA LEU E 133 1.02 -16.00 55.75
C LEU E 133 -0.12 -16.28 54.85
N VAL E 134 -0.33 -17.52 54.49
CA VAL E 134 -1.39 -17.84 53.56
C VAL E 134 -2.71 -17.44 54.12
N TRP E 135 -2.91 -17.66 55.40
CA TRP E 135 -4.21 -17.41 55.96
C TRP E 135 -4.55 -16.00 55.75
N PHE E 136 -3.65 -15.09 56.04
CA PHE E 136 -4.05 -13.71 55.89
C PHE E 136 -4.31 -13.44 54.43
N MET E 137 -3.44 -13.96 53.57
CA MET E 137 -3.58 -13.68 52.15
C MET E 137 -4.83 -14.27 51.58
N ASP E 138 -5.17 -15.50 51.93
CA ASP E 138 -6.32 -16.09 51.31
C ASP E 138 -7.53 -15.30 51.65
N ALA E 139 -7.60 -14.86 52.88
CA ALA E 139 -8.80 -14.19 53.28
C ALA E 139 -8.89 -13.01 52.43
N LEU E 140 -7.80 -12.31 52.24
CA LEU E 140 -7.93 -11.10 51.47
C LEU E 140 -8.25 -11.36 50.02
N ARG E 141 -7.64 -12.35 49.41
CA ARG E 141 -7.88 -12.52 48.01
C ARG E 141 -9.30 -12.85 47.73
N TYR E 142 -9.88 -13.81 48.43
CA TYR E 142 -11.24 -14.25 48.11
C TYR E 142 -12.24 -13.64 49.05
N GLY E 143 -11.92 -13.61 50.32
CA GLY E 143 -12.82 -13.12 51.33
C GLY E 143 -13.03 -14.06 52.48
N VAL E 144 -12.51 -15.29 52.40
CA VAL E 144 -12.61 -16.26 53.48
C VAL E 144 -11.25 -16.89 53.69
N GLY E 145 -10.81 -16.92 54.94
CA GLY E 145 -9.59 -17.63 55.30
C GLY E 145 -9.88 -18.81 56.19
N VAL E 146 -9.21 -19.92 55.94
CA VAL E 146 -9.42 -21.16 56.67
C VAL E 146 -8.08 -21.70 57.13
N LEU E 147 -8.00 -22.09 58.40
CA LEU E 147 -6.78 -22.63 58.97
C LEU E 147 -7.15 -23.61 60.07
N GLY E 148 -6.52 -24.77 60.06
CA GLY E 148 -6.76 -25.78 61.07
C GLY E 148 -5.47 -26.30 61.66
N ASP E 149 -5.53 -26.68 62.92
CA ASP E 149 -4.37 -27.18 63.66
C ASP E 149 -4.60 -28.61 64.12
N TYR E 150 -3.50 -29.29 64.41
CA TYR E 150 -3.54 -30.67 64.88
C TYR E 150 -2.26 -30.94 65.65
N TRP E 151 -2.28 -32.03 66.42
CA TRP E 151 -1.11 -32.44 67.20
C TRP E 151 -0.25 -33.39 66.37
N GLU E 152 1.06 -33.16 66.41
CA GLU E 152 2.00 -33.93 65.62
C GLU E 152 2.98 -34.66 66.54
N GLU E 153 3.16 -35.95 66.30
CA GLU E 153 4.14 -36.78 67.01
C GLU E 153 5.01 -37.45 65.95
N HIS E 154 6.16 -36.86 65.67
CA HIS E 154 7.03 -37.32 64.58
C HIS E 154 8.08 -38.26 65.15
N VAL E 155 7.99 -39.53 64.77
CA VAL E 155 9.00 -40.53 65.11
C VAL E 155 9.37 -41.28 63.84
N PHE E 156 10.66 -41.59 63.68
CA PHE E 156 11.15 -42.22 62.47
C PHE E 156 12.31 -43.14 62.84
N HIS E 157 12.66 -44.01 61.89
CA HIS E 157 13.70 -45.00 62.08
C HIS E 157 14.89 -44.69 61.18
N GLN E 158 16.08 -45.08 61.63
CA GLN E 158 17.32 -44.80 60.91
C GLN E 158 18.33 -45.90 61.21
N THR E 159 19.29 -46.06 60.30
CA THR E 159 20.33 -47.07 60.42
C THR E 159 21.67 -46.38 60.64
N VAL E 160 22.40 -46.82 61.66
CA VAL E 160 23.74 -46.32 61.91
C VAL E 160 24.73 -47.04 60.99
N PHE E 161 24.46 -48.31 60.72
CA PHE E 161 25.25 -49.14 59.81
C PHE E 161 26.69 -49.26 60.31
N GLU E 162 26.86 -49.63 61.58
CA GLU E 162 28.16 -50.03 62.08
C GLU E 162 28.29 -51.56 62.07
N VAL E 163 27.35 -52.24 62.72
CA VAL E 163 27.14 -53.67 62.56
C VAL E 163 25.70 -53.94 62.08
N LYS E 164 25.17 -53.04 61.24
CA LYS E 164 23.80 -53.10 60.78
C LYS E 164 22.81 -53.01 61.94
N LYS E 165 22.83 -51.85 62.62
CA LYS E 165 21.93 -51.58 63.73
C LYS E 165 20.95 -50.49 63.31
N THR E 166 19.74 -50.55 63.89
CA THR E 166 18.69 -49.59 63.61
C THR E 166 18.37 -48.82 64.89
N ARG E 167 18.32 -47.50 64.80
CA ARG E 167 18.05 -46.64 65.93
C ARG E 167 16.75 -45.88 65.72
N VAL E 168 16.09 -45.53 66.83
CA VAL E 168 14.82 -44.83 66.81
C VAL E 168 15.06 -43.42 67.34
N VAL E 169 14.61 -42.42 66.60
CA VAL E 169 14.77 -41.03 66.98
C VAL E 169 13.44 -40.51 67.52
N LYS E 170 13.49 -39.83 68.67
CA LYS E 170 12.27 -39.33 69.29
C LYS E 170 11.59 -38.31 68.38
N GLY E 171 12.36 -37.43 67.76
CA GLY E 171 11.81 -36.45 66.85
C GLY E 171 11.17 -35.27 67.56
N TYR E 172 10.34 -34.55 66.82
CA TYR E 172 9.69 -33.35 67.32
C TYR E 172 8.23 -33.62 67.66
N GLU E 173 7.77 -33.03 68.76
CA GLU E 173 6.37 -33.08 69.16
C GLU E 173 5.89 -31.67 69.44
N GLY E 174 4.74 -31.32 68.85
CA GLY E 174 4.17 -30.00 69.03
C GLY E 174 3.04 -29.77 68.06
N CYS E 175 2.28 -28.72 68.33
CA CYS E 175 1.15 -28.37 67.47
C CYS E 175 1.63 -27.91 66.10
N LYS E 176 0.91 -28.32 65.06
CA LYS E 176 1.20 -27.90 63.70
C LYS E 176 -0.11 -27.51 63.01
N THR E 177 -0.06 -26.44 62.23
CA THR E 177 -1.22 -25.95 61.52
C THR E 177 -1.09 -26.26 60.03
N PHE E 178 -2.20 -26.69 59.41
CA PHE E 178 -2.22 -26.99 57.99
C PHE E 178 -3.24 -26.09 57.34
N ASN E 179 -2.83 -25.35 56.32
CA ASN E 179 -3.73 -24.42 55.68
C ASN E 179 -4.70 -25.18 54.83
N VAL E 180 -5.93 -24.71 54.71
CA VAL E 180 -6.94 -25.47 53.98
C VAL E 180 -7.31 -24.77 52.70
N MET E 181 -7.58 -25.55 51.67
CA MET E 181 -7.99 -24.99 50.39
C MET E 181 -9.35 -24.42 50.49
N VAL E 182 -9.65 -23.46 49.64
CA VAL E 182 -10.92 -22.81 49.71
C VAL E 182 -11.96 -23.53 48.89
N TYR E 183 -11.64 -24.68 48.32
CA TYR E 183 -12.67 -25.44 47.62
C TYR E 183 -12.87 -26.84 48.20
N ASP E 184 -12.01 -27.28 49.13
CA ASP E 184 -12.13 -28.58 49.76
C ASP E 184 -12.83 -28.57 51.12
N PHE E 185 -12.80 -27.48 51.86
CA PHE E 185 -13.43 -27.48 53.18
C PHE E 185 -14.94 -27.50 53.02
N ILE E 186 -15.61 -28.22 53.92
CA ILE E 186 -17.05 -28.43 53.82
C ILE E 186 -17.71 -27.80 55.05
N PRO E 187 -18.37 -26.63 54.94
CA PRO E 187 -18.94 -26.15 56.19
C PRO E 187 -20.26 -26.77 56.48
N ASP E 188 -21.03 -26.18 57.37
CA ASP E 188 -22.38 -26.66 57.63
C ASP E 188 -23.22 -25.59 57.05
N PRO E 189 -24.08 -25.93 56.11
CA PRO E 189 -24.84 -24.89 55.43
C PRO E 189 -25.76 -24.11 56.32
N ARG E 190 -26.40 -24.77 57.25
CA ARG E 190 -27.37 -24.10 58.08
C ARG E 190 -26.82 -22.99 58.89
N VAL E 191 -25.60 -23.07 59.34
CA VAL E 191 -25.14 -21.97 60.15
C VAL E 191 -24.30 -21.09 59.28
N ALA E 192 -24.33 -19.80 59.54
CA ALA E 192 -23.55 -18.88 58.76
C ALA E 192 -22.13 -19.22 59.06
N LEU E 193 -21.22 -18.90 58.15
CA LEU E 193 -19.85 -19.32 58.34
C LEU E 193 -19.33 -18.75 59.62
N CYS E 194 -19.75 -17.55 59.96
CA CYS E 194 -19.16 -16.96 61.11
C CYS E 194 -19.39 -17.77 62.35
N LYS E 195 -20.58 -18.20 62.60
CA LYS E 195 -20.74 -18.95 63.81
C LYS E 195 -20.54 -20.40 63.47
N TYR E 196 -19.38 -20.73 62.94
CA TYR E 196 -19.10 -22.11 62.56
C TYR E 196 -19.11 -23.02 63.76
N GLN E 197 -18.70 -22.50 64.90
CA GLN E 197 -18.56 -23.35 66.06
C GLN E 197 -19.86 -23.99 66.39
N GLU E 198 -20.94 -23.24 66.28
CA GLU E 198 -22.23 -23.78 66.68
C GLU E 198 -22.74 -24.99 65.90
N GLY E 199 -22.35 -25.12 64.65
CA GLY E 199 -22.88 -26.19 63.83
C GLY E 199 -22.53 -27.63 64.07
N GLU E 200 -23.33 -28.55 63.53
CA GLU E 200 -23.09 -29.97 63.68
C GLU E 200 -21.82 -30.58 63.07
N PHE E 201 -21.40 -30.16 61.88
CA PHE E 201 -20.25 -30.81 61.26
C PHE E 201 -19.34 -29.96 60.38
N PHE E 202 -18.03 -30.07 60.50
CA PHE E 202 -17.09 -29.36 59.63
C PHE E 202 -16.23 -30.41 58.93
N GLY E 203 -16.10 -30.29 57.62
CA GLY E 203 -15.39 -31.28 56.82
C GLY E 203 -14.39 -30.65 55.88
N ARG E 204 -13.43 -31.46 55.45
CA ARG E 204 -12.41 -31.04 54.50
C ARG E 204 -11.80 -32.27 53.85
N ARG E 205 -11.26 -32.09 52.65
CA ARG E 205 -10.66 -33.16 51.89
C ARG E 205 -9.15 -33.23 52.12
N LEU E 206 -8.60 -34.42 51.92
CA LEU E 206 -7.16 -34.64 52.04
C LEU E 206 -6.83 -35.99 51.41
N ASP E 207 -5.55 -36.19 51.12
CA ASP E 207 -5.05 -37.44 50.58
C ASP E 207 -3.93 -37.97 51.45
N LEU E 208 -3.91 -39.29 51.64
CA LEU E 208 -2.95 -39.96 52.52
C LEU E 208 -2.05 -40.87 51.70
N ASN E 209 -0.73 -40.72 51.90
CA ASN E 209 0.21 -41.63 51.26
C ASN E 209 0.05 -43.04 51.84
N VAL E 210 0.07 -44.04 50.96
CA VAL E 210 -0.07 -45.42 51.42
C VAL E 210 1.10 -45.82 52.29
N LEU E 211 2.27 -45.25 52.02
CA LEU E 211 3.41 -45.45 52.91
C LEU E 211 3.12 -44.90 54.30
N ASP E 212 2.59 -43.69 54.38
CA ASP E 212 2.25 -43.11 55.67
C ASP E 212 1.12 -43.89 56.35
N LEU E 213 0.14 -44.35 55.57
CA LEU E 213 -0.94 -45.14 56.13
C LEU E 213 -0.43 -46.45 56.72
N LYS E 214 0.47 -47.14 56.00
CA LYS E 214 1.04 -48.36 56.52
C LYS E 214 1.87 -48.11 57.77
N LYS E 215 2.62 -46.99 57.78
CA LYS E 215 3.39 -46.65 58.97
C LYS E 215 2.46 -46.40 60.17
N GLY E 216 1.35 -45.70 59.95
CA GLY E 216 0.43 -45.41 61.02
C GLY E 216 -0.45 -46.60 61.42
N ALA E 217 -0.48 -47.63 60.59
CA ALA E 217 -1.24 -48.83 60.94
C ALA E 217 -0.73 -49.46 62.23
N LYS E 218 0.59 -49.54 62.38
CA LYS E 218 1.16 -50.03 63.63
C LYS E 218 0.90 -49.08 64.80
N PHE E 219 0.66 -47.80 64.51
CA PHE E 219 0.43 -46.83 65.57
C PHE E 219 -0.90 -47.04 66.27
N GLY E 220 -1.81 -47.82 65.68
CA GLY E 220 -3.09 -48.10 66.27
C GLY E 220 -4.18 -47.10 65.94
N LYS E 221 -3.88 -46.05 65.18
CA LYS E 221 -4.86 -45.05 64.81
C LYS E 221 -5.53 -45.34 63.48
N TYR E 222 -5.20 -46.45 62.83
CA TYR E 222 -5.78 -46.80 61.54
C TYR E 222 -6.17 -48.27 61.53
N PHE E 223 -7.20 -48.59 60.77
CA PHE E 223 -7.67 -49.96 60.62
C PHE E 223 -8.29 -50.11 59.23
N ASN E 224 -8.63 -51.35 58.90
CA ASN E 224 -9.16 -51.73 57.58
C ASN E 224 -8.22 -51.39 56.45
N VAL E 225 -6.94 -51.15 56.77
CA VAL E 225 -5.96 -50.81 55.73
C VAL E 225 -5.71 -52.02 54.83
N GLU E 226 -5.81 -53.22 55.38
CA GLU E 226 -5.52 -54.43 54.61
C GLU E 226 -6.38 -54.53 53.36
N HIS E 227 -7.58 -53.95 53.39
CA HIS E 227 -8.46 -53.94 52.23
C HIS E 227 -8.50 -52.59 51.52
N ALA E 228 -8.34 -51.49 52.27
CA ALA E 228 -8.39 -50.17 51.67
C ALA E 228 -7.13 -49.85 50.88
N GLU E 229 -6.04 -50.59 51.11
CA GLU E 229 -4.79 -50.30 50.43
C GLU E 229 -4.85 -50.59 48.93
N ALA E 230 -5.80 -51.40 48.49
CA ALA E 230 -5.86 -51.80 47.08
C ALA E 230 -6.52 -50.75 46.20
N LEU E 231 -7.10 -49.71 46.76
CA LEU E 231 -7.79 -48.70 45.96
C LEU E 231 -6.82 -47.98 45.04
N VAL E 232 -5.91 -47.19 45.61
CA VAL E 232 -4.92 -46.39 44.89
C VAL E 232 -5.57 -45.73 43.68
N ALA E 233 -6.72 -45.10 43.90
CA ALA E 233 -7.46 -44.45 42.83
C ALA E 233 -8.43 -43.45 43.43
N ALA E 234 -8.61 -42.34 42.72
CA ALA E 234 -9.51 -41.27 43.16
C ALA E 234 -9.78 -40.37 41.96
N SER E 235 -10.46 -39.25 42.22
CA SER E 235 -10.75 -38.28 41.16
C SER E 235 -10.90 -36.90 41.80
N LYS E 236 -10.45 -35.89 41.07
CA LYS E 236 -10.56 -34.50 41.50
C LYS E 236 -11.50 -33.77 40.56
N GLU E 237 -12.45 -33.00 41.14
CA GLU E 237 -13.50 -32.36 40.34
C GLU E 237 -13.41 -30.86 40.17
N GLU E 238 -13.17 -30.13 41.26
CA GLU E 238 -13.16 -28.69 41.14
C GLU E 238 -11.74 -28.14 41.04
N MET E 239 -11.39 -27.62 39.87
CA MET E 239 -10.07 -27.08 39.65
C MET E 239 -10.17 -25.67 39.09
N TYR E 240 -9.36 -24.76 39.59
CA TYR E 240 -9.36 -23.42 39.06
C TYR E 240 -8.66 -23.43 37.73
N ARG E 241 -8.85 -22.43 36.88
CA ARG E 241 -8.26 -22.50 35.53
C ARG E 241 -6.93 -21.88 35.23
N ARG E 242 -6.78 -20.61 35.53
CA ARG E 242 -5.55 -19.92 35.17
C ARG E 242 -4.26 -20.28 35.86
N ASP E 243 -4.30 -20.49 37.16
CA ASP E 243 -3.05 -20.71 37.89
C ASP E 243 -2.20 -21.92 37.57
N PRO E 244 -2.81 -23.11 37.43
CA PRO E 244 -1.92 -24.26 37.23
C PRO E 244 -1.97 -24.75 35.82
N SER E 245 -0.91 -25.42 35.41
CA SER E 245 -0.92 -25.99 34.09
C SER E 245 -1.86 -27.14 34.14
N ILE E 246 -2.37 -27.57 33.02
CA ILE E 246 -3.18 -28.77 33.04
C ILE E 246 -2.22 -29.84 33.53
N GLY E 247 -0.91 -29.65 33.30
CA GLY E 247 0.12 -30.59 33.72
C GLY E 247 0.22 -30.67 35.21
N GLN E 248 -0.42 -29.75 35.90
CA GLN E 248 -0.47 -29.85 37.33
C GLN E 248 -1.14 -31.17 37.52
N GLN E 249 -2.16 -31.47 36.71
CA GLN E 249 -2.72 -32.80 36.79
C GLN E 249 -1.80 -33.59 35.89
N ARG E 250 -1.25 -34.67 36.40
CA ARG E 250 -0.29 -35.42 35.64
C ARG E 250 -1.05 -36.53 34.95
N SER E 251 -2.37 -36.37 34.82
CA SER E 251 -3.23 -37.41 34.25
C SER E 251 -3.10 -38.61 35.14
N LEU E 252 -2.99 -38.38 36.44
CA LEU E 252 -2.85 -39.45 37.42
C LEU E 252 -1.66 -40.32 37.13
N LYS E 253 -0.56 -39.73 36.69
CA LYS E 253 0.64 -40.49 36.48
C LYS E 253 1.22 -40.48 37.84
N ASP E 254 0.60 -41.22 38.74
CA ASP E 254 1.06 -41.22 40.08
C ASP E 254 1.27 -42.67 40.38
N SER E 255 1.99 -42.97 41.45
CA SER E 255 2.34 -44.33 41.82
C SER E 255 3.53 -44.72 41.04
N THR E 256 4.49 -45.30 41.74
CA THR E 256 5.74 -45.67 41.12
C THR E 256 6.03 -47.08 41.56
N MET E 257 5.99 -48.02 40.64
CA MET E 257 6.15 -49.40 41.01
C MET E 257 7.37 -49.62 41.88
N THR E 258 7.18 -50.06 43.12
CA THR E 258 8.34 -50.36 43.93
C THR E 258 9.02 -51.60 43.45
N PRO E 259 10.34 -51.61 43.52
CA PRO E 259 10.92 -52.88 43.13
C PRO E 259 10.44 -53.87 44.12
N LYS E 260 10.20 -55.09 43.67
CA LYS E 260 9.83 -56.12 44.61
C LYS E 260 8.66 -55.79 45.48
N GLY E 261 7.60 -55.27 44.88
CA GLY E 261 6.42 -54.96 45.64
C GLY E 261 5.36 -54.17 44.95
N LYS E 262 4.57 -53.46 45.73
CA LYS E 262 3.47 -52.71 45.18
C LYS E 262 3.87 -51.36 44.67
N GLN E 263 2.92 -50.44 44.69
CA GLN E 263 3.20 -49.11 44.21
C GLN E 263 2.91 -48.19 45.38
N VAL E 264 3.48 -46.98 45.35
CA VAL E 264 3.30 -46.04 46.45
C VAL E 264 2.66 -44.73 46.00
N GLY E 265 1.47 -44.42 46.52
CA GLY E 265 0.76 -43.23 46.05
C GLY E 265 -0.15 -42.63 47.10
N ASP E 266 -1.37 -42.27 46.76
CA ASP E 266 -2.24 -41.61 47.72
C ASP E 266 -3.69 -42.03 47.52
N ILE E 267 -4.46 -41.96 48.60
CA ILE E 267 -5.87 -42.30 48.59
C ILE E 267 -6.66 -41.10 49.10
N SER E 268 -7.70 -40.73 48.39
CA SER E 268 -8.54 -39.61 48.81
C SER E 268 -9.23 -39.94 50.13
N CYS E 269 -9.40 -38.91 50.96
CA CYS E 269 -9.99 -39.09 52.28
C CYS E 269 -10.69 -37.80 52.68
N VAL E 270 -11.65 -37.94 53.59
CA VAL E 270 -12.41 -36.81 54.11
C VAL E 270 -12.43 -36.89 55.63
N GLU E 271 -12.20 -35.77 56.29
CA GLU E 271 -12.27 -35.67 57.74
C GLU E 271 -13.58 -34.98 58.12
N ILE E 272 -14.23 -35.50 59.16
CA ILE E 272 -15.47 -34.93 59.65
C ILE E 272 -15.46 -34.91 61.17
N PHE E 273 -15.81 -33.78 61.78
CA PHE E 273 -15.87 -33.73 63.22
C PHE E 273 -17.34 -33.63 63.43
N VAL E 274 -17.90 -34.35 64.27
CA VAL E 274 -19.33 -34.35 64.53
C VAL E 274 -19.59 -34.39 66.03
N ARG E 275 -20.72 -33.83 66.43
CA ARG E 275 -21.27 -33.97 67.78
C ARG E 275 -22.42 -34.94 67.71
N LEU E 276 -22.44 -35.92 68.61
CA LEU E 276 -23.35 -37.04 68.49
C LEU E 276 -23.73 -37.58 69.86
N VAL E 277 -24.83 -38.32 69.88
CA VAL E 277 -25.25 -39.08 71.06
C VAL E 277 -24.91 -40.54 70.82
N PRO E 278 -23.89 -41.06 71.53
CA PRO E 278 -23.47 -42.42 71.13
C PRO E 278 -24.56 -43.42 70.96
N LYS E 279 -25.59 -43.35 71.75
CA LYS E 279 -26.58 -44.37 71.63
C LYS E 279 -27.22 -44.33 70.31
N ASP E 280 -27.60 -43.16 69.86
CA ASP E 280 -28.34 -43.12 68.63
C ASP E 280 -27.46 -43.59 67.52
N TRP E 281 -26.21 -43.16 67.54
CA TRP E 281 -25.28 -43.55 66.49
C TRP E 281 -24.91 -45.01 66.61
N GLY E 282 -25.11 -45.59 67.78
CA GLY E 282 -24.86 -47.00 67.97
C GLY E 282 -23.50 -47.30 68.49
N LEU E 283 -22.67 -46.29 68.54
CA LEU E 283 -21.34 -46.49 69.07
C LEU E 283 -21.32 -46.86 70.53
N GLY E 284 -22.13 -46.20 71.36
CA GLY E 284 -22.04 -46.43 72.79
C GLY E 284 -23.27 -46.12 73.62
N ASP E 285 -23.18 -46.32 74.92
CA ASP E 285 -24.29 -46.01 75.80
C ASP E 285 -24.12 -44.69 76.51
N SER E 286 -25.06 -43.76 76.34
CA SER E 286 -25.04 -42.45 76.98
C SER E 286 -26.13 -41.70 76.25
N GLU E 287 -26.73 -40.71 76.89
CA GLU E 287 -27.78 -39.91 76.27
C GLU E 287 -27.39 -38.44 76.09
N PHE E 288 -26.09 -38.15 76.14
CA PHE E 288 -25.65 -36.76 76.08
C PHE E 288 -24.73 -36.52 74.90
N PRO E 289 -24.78 -35.33 74.32
CA PRO E 289 -23.99 -35.05 73.13
C PRO E 289 -22.51 -35.12 73.36
N GLU E 290 -21.76 -35.63 72.39
CA GLU E 290 -20.32 -35.79 72.53
C GLU E 290 -19.75 -35.47 71.18
N MET E 291 -18.45 -35.28 71.07
CA MET E 291 -17.82 -35.04 69.76
C MET E 291 -16.85 -36.14 69.38
N TRP E 292 -16.93 -36.61 68.16
CA TRP E 292 -16.07 -37.69 67.73
C TRP E 292 -15.54 -37.36 66.35
N VAL E 293 -14.41 -37.95 65.98
CA VAL E 293 -13.83 -37.66 64.68
C VAL E 293 -13.74 -38.86 63.79
N PHE E 294 -14.70 -38.97 62.91
CA PHE E 294 -14.70 -40.06 61.94
C PHE E 294 -13.89 -39.63 60.73
N THR E 295 -13.28 -40.61 60.06
CA THR E 295 -12.52 -40.39 58.83
C THR E 295 -13.04 -41.33 57.77
N VAL E 296 -13.39 -40.79 56.61
CA VAL E 296 -13.98 -41.57 55.51
C VAL E 296 -13.01 -41.57 54.34
N ALA E 297 -12.65 -42.77 53.89
CA ALA E 297 -11.77 -42.93 52.74
C ALA E 297 -12.63 -42.99 51.48
N ASP E 298 -12.49 -41.98 50.62
CA ASP E 298 -13.28 -41.83 49.40
C ASP E 298 -14.75 -41.84 49.80
N LYS E 299 -15.62 -42.56 49.09
CA LYS E 299 -17.04 -42.61 49.40
C LYS E 299 -17.48 -44.01 49.83
N LYS E 300 -16.55 -44.89 50.19
CA LYS E 300 -16.88 -46.29 50.42
C LYS E 300 -16.40 -46.82 51.77
N TYR E 301 -15.26 -46.38 52.28
CA TYR E 301 -14.64 -47.01 53.43
C TYR E 301 -14.37 -46.00 54.53
N ILE E 302 -14.32 -46.52 55.76
CA ILE E 302 -13.93 -45.73 56.93
C ILE E 302 -12.65 -46.36 57.50
N VAL E 303 -11.65 -45.52 57.75
CA VAL E 303 -10.35 -46.00 58.18
C VAL E 303 -10.08 -45.72 59.66
N ALA E 304 -10.59 -44.62 60.20
CA ALA E 304 -10.32 -44.27 61.59
C ALA E 304 -11.52 -43.58 62.21
N ALA E 305 -11.75 -43.88 63.49
CA ALA E 305 -12.83 -43.27 64.25
C ALA E 305 -12.49 -43.43 65.74
N GLU E 306 -12.48 -42.31 66.46
CA GLU E 306 -12.06 -42.31 67.85
C GLU E 306 -12.75 -41.14 68.56
N PRO E 307 -12.83 -41.16 69.88
CA PRO E 307 -13.40 -40.02 70.61
C PRO E 307 -12.44 -38.84 70.66
N VAL E 308 -12.93 -37.75 71.24
CA VAL E 308 -12.16 -36.52 71.38
C VAL E 308 -11.85 -36.32 72.85
N ASN E 309 -10.56 -36.15 73.17
CA ASN E 309 -10.11 -36.08 74.56
C ASN E 309 -9.73 -34.68 75.00
N THR E 310 -9.57 -33.73 74.07
CA THR E 310 -9.24 -32.37 74.47
C THR E 310 -10.40 -31.72 75.21
N LEU E 311 -10.08 -30.82 76.14
CA LEU E 311 -11.11 -30.29 77.03
C LEU E 311 -12.05 -29.32 76.31
N ASP E 312 -11.50 -28.46 75.45
CA ASP E 312 -12.33 -27.45 74.80
C ASP E 312 -13.35 -28.09 73.86
N ASP E 313 -14.57 -27.54 73.88
CA ASP E 313 -15.65 -28.08 73.05
C ASP E 313 -15.54 -27.64 71.60
N LYS E 314 -14.79 -26.60 71.31
CA LYS E 314 -14.74 -26.01 69.99
C LYS E 314 -14.00 -26.91 69.00
N PHE E 315 -14.40 -26.85 67.73
CA PHE E 315 -13.68 -27.54 66.68
C PHE E 315 -12.30 -26.93 66.50
N PRO E 316 -11.28 -27.74 66.21
CA PRO E 316 -9.95 -27.19 65.92
C PRO E 316 -9.85 -26.63 64.51
N PHE E 317 -10.61 -25.56 64.27
CA PHE E 317 -10.65 -24.89 62.98
C PHE E 317 -10.90 -23.40 63.19
N HIS E 318 -10.36 -22.58 62.31
CA HIS E 318 -10.38 -21.13 62.47
C HIS E 318 -10.66 -20.45 61.14
N ILE E 319 -11.60 -19.52 61.15
CA ILE E 319 -12.10 -18.87 59.93
C ILE E 319 -11.97 -17.37 60.07
N LEU E 320 -11.53 -16.72 59.00
CA LEU E 320 -11.53 -15.26 58.90
C LEU E 320 -12.35 -14.82 57.70
N GLU E 321 -13.04 -13.70 57.84
CA GLU E 321 -13.84 -13.12 56.77
C GLU E 321 -13.43 -11.68 56.55
N CYS E 322 -13.44 -11.12 55.34
CA CYS E 322 -13.13 -9.68 55.22
C CYS E 322 -14.27 -8.78 55.60
N GLU E 323 -15.49 -9.12 55.21
CA GLU E 323 -16.66 -8.29 55.49
C GLU E 323 -17.08 -8.29 56.91
N ILE E 324 -17.72 -7.22 57.36
CA ILE E 324 -18.08 -7.11 58.76
C ILE E 324 -19.57 -7.24 59.07
N ASP E 325 -20.38 -7.66 58.11
CA ASP E 325 -21.82 -7.71 58.37
C ASP E 325 -22.19 -8.64 59.49
N GLY E 326 -21.58 -9.82 59.55
CA GLY E 326 -21.81 -10.71 60.67
C GLY E 326 -23.05 -11.57 60.67
N TYR E 327 -23.85 -11.47 59.63
CA TYR E 327 -25.03 -12.29 59.52
C TYR E 327 -24.78 -13.16 58.32
N MET E 328 -25.78 -13.91 57.87
CA MET E 328 -25.57 -14.70 56.68
C MET E 328 -25.32 -13.75 55.56
N ASN E 329 -24.29 -14.03 54.79
CA ASN E 329 -23.96 -13.17 53.69
C ASN E 329 -23.09 -13.94 52.82
N LYS E 330 -22.67 -13.32 51.75
CA LYS E 330 -21.69 -13.97 50.94
C LYS E 330 -20.53 -13.04 51.14
N SER E 331 -19.43 -13.55 51.63
CA SER E 331 -18.33 -12.67 51.93
C SER E 331 -17.82 -12.06 50.66
N ARG E 332 -17.43 -10.79 50.70
CA ARG E 332 -16.86 -10.16 49.52
C ARG E 332 -15.44 -9.69 49.72
N GLY E 333 -14.56 -10.14 48.85
CA GLY E 333 -13.18 -9.75 48.95
C GLY E 333 -12.96 -8.41 48.32
N LEU E 334 -11.79 -7.84 48.49
CA LEU E 334 -11.49 -6.50 47.99
C LEU E 334 -11.46 -6.47 46.47
N LEU E 335 -10.90 -7.51 45.86
CA LEU E 335 -10.81 -7.57 44.40
C LEU E 335 -12.19 -7.58 43.76
N GLU E 336 -13.12 -8.35 44.33
CA GLU E 336 -14.47 -8.38 43.78
C GLU E 336 -15.16 -7.02 43.94
N ILE E 337 -14.88 -6.32 45.03
CA ILE E 337 -15.45 -4.99 45.22
C ILE E 337 -14.91 -4.03 44.16
N SER E 338 -13.60 -4.07 43.91
CA SER E 338 -12.99 -3.07 43.03
C SER E 338 -13.03 -3.48 41.56
N ALA E 339 -13.51 -4.67 41.25
CA ALA E 339 -13.51 -5.15 39.87
C ALA E 339 -14.20 -4.22 38.88
N PRO E 340 -15.42 -3.70 39.12
CA PRO E 340 -16.01 -2.78 38.14
C PRO E 340 -15.21 -1.52 37.97
N MET E 341 -14.81 -0.88 39.07
CA MET E 341 -13.99 0.32 38.99
C MET E 341 -12.67 0.03 38.29
N ASN E 342 -12.09 -1.14 38.53
CA ASN E 342 -10.91 -1.56 37.79
C ASN E 342 -11.21 -1.68 36.31
N ASP E 343 -12.43 -2.09 35.95
CA ASP E 343 -12.78 -2.15 34.54
C ASP E 343 -12.73 -0.77 33.89
N ILE E 344 -13.30 0.25 34.56
CA ILE E 344 -13.16 1.60 34.02
C ILE E 344 -11.70 2.02 33.97
N LEU E 345 -10.91 1.64 34.98
CA LEU E 345 -9.49 1.98 34.97
C LEU E 345 -8.78 1.38 33.76
N THR E 346 -9.07 0.10 33.44
CA THR E 346 -8.49 -0.52 32.26
C THR E 346 -8.98 0.15 30.98
N TRP E 347 -10.28 0.34 30.84
CA TRP E 347 -10.72 0.96 29.61
C TRP E 347 -10.22 2.34 29.79
N LEU E 348 -10.48 3.22 28.86
CA LEU E 348 -9.90 4.55 28.90
C LEU E 348 -8.46 4.36 28.54
N PHE E 349 -7.69 3.60 29.28
CA PHE E 349 -6.32 3.50 28.87
C PHE E 349 -6.36 2.84 27.57
N ASP E 350 -7.14 1.80 27.47
CA ASP E 350 -7.09 1.07 26.24
C ASP E 350 -7.62 1.89 25.12
N SER E 351 -8.67 2.64 25.37
CA SER E 351 -9.17 3.34 24.26
C SER E 351 -8.08 4.29 23.86
N HIS E 352 -7.40 4.89 24.82
CA HIS E 352 -6.39 5.89 24.49
C HIS E 352 -5.26 5.34 23.67
N MET E 353 -4.76 4.15 23.97
CA MET E 353 -3.73 3.66 23.10
C MET E 353 -4.25 3.37 21.73
N TYR E 354 -5.42 2.81 21.63
CA TYR E 354 -5.89 2.43 20.31
C TYR E 354 -6.12 3.58 19.35
N ASN E 355 -6.65 4.70 19.80
CA ASN E 355 -6.82 5.87 18.93
C ASN E 355 -5.46 6.49 18.61
N LYS E 356 -4.56 6.55 19.58
CA LYS E 356 -3.18 6.97 19.30
C LYS E 356 -2.51 6.00 18.33
N ARG E 357 -2.89 4.72 18.36
CA ARG E 357 -2.43 3.73 17.39
C ARG E 357 -2.85 4.09 15.98
N GLN E 358 -4.12 4.49 15.82
CA GLN E 358 -4.69 4.63 14.49
C GLN E 358 -4.38 5.98 13.86
N ILE E 359 -4.23 7.03 14.66
CA ILE E 359 -4.23 8.37 14.07
C ILE E 359 -2.82 8.94 13.91
N MET E 360 -1.95 8.73 14.90
CA MET E 360 -0.74 9.52 15.02
C MET E 360 0.37 8.97 14.11
N ASN E 361 0.54 9.60 12.96
CA ASN E 361 1.67 9.35 12.06
C ASN E 361 1.91 10.59 11.21
N ASN E 362 3.18 10.87 10.91
CA ASN E 362 3.54 12.01 10.07
C ASN E 362 3.39 11.63 8.61
N GLN E 363 2.53 12.35 7.90
CA GLN E 363 2.27 12.09 6.49
C GLN E 363 2.09 13.42 5.78
N PHE E 364 2.08 13.37 4.44
CA PHE E 364 2.00 14.57 3.62
C PHE E 364 0.84 14.47 2.62
N ILE E 365 0.42 15.64 2.16
CA ILE E 365 -0.58 15.79 1.10
C ILE E 365 0.02 16.66 0.00
N GLY E 366 -0.09 16.21 -1.23
CA GLY E 366 0.42 17.01 -2.33
C GLY E 366 0.07 16.39 -3.67
N ASP E 367 0.20 17.20 -4.71
CA ASP E 367 -0.04 16.75 -6.06
C ASP E 367 1.28 16.32 -6.70
N PRO E 368 1.45 15.05 -7.06
CA PRO E 368 2.71 14.58 -7.64
C PRO E 368 2.92 14.99 -9.10
N SER E 369 1.99 15.73 -9.69
CA SER E 369 2.15 16.15 -11.08
C SER E 369 3.31 17.10 -11.23
N ALA E 370 3.50 18.01 -10.28
CA ALA E 370 4.50 19.06 -10.40
C ALA E 370 5.84 18.71 -9.77
N LEU E 371 5.91 17.92 -8.71
CA LEU E 371 7.20 17.72 -8.04
C LEU E 371 8.11 16.78 -8.76
N VAL E 372 9.41 16.90 -8.54
CA VAL E 372 10.35 16.08 -9.27
C VAL E 372 10.40 14.62 -8.90
N VAL E 373 9.77 14.23 -7.80
CA VAL E 373 9.67 12.82 -7.40
C VAL E 373 10.94 12.24 -6.90
N LYS E 374 11.95 12.20 -7.72
CA LYS E 374 13.14 11.52 -7.27
C LYS E 374 13.67 12.25 -6.08
N ASP E 375 13.64 13.56 -6.15
CA ASP E 375 14.21 14.32 -5.09
C ASP E 375 13.46 14.25 -3.78
N VAL E 376 12.14 14.21 -3.81
CA VAL E 376 11.42 14.22 -2.56
C VAL E 376 11.82 13.01 -1.81
N GLU E 377 12.10 11.95 -2.50
CA GLU E 377 12.45 10.72 -1.83
C GLU E 377 13.90 10.68 -1.43
N SER E 378 14.44 11.74 -0.86
CA SER E 378 15.81 11.68 -0.37
C SER E 378 16.10 12.46 0.89
N LYS E 379 17.08 12.01 1.67
CA LYS E 379 17.44 12.72 2.88
C LYS E 379 18.86 13.19 2.82
N GLU E 380 19.10 14.48 2.98
CA GLU E 380 20.43 15.05 2.92
C GLU E 380 20.41 16.33 3.70
N PRO E 381 21.56 16.90 4.01
CA PRO E 381 21.44 18.11 4.78
C PRO E 381 20.69 19.19 4.08
N GLY E 382 20.94 19.43 2.80
CA GLY E 382 20.14 20.38 2.07
C GLY E 382 19.82 19.99 0.64
N LYS E 383 18.56 20.05 0.23
CA LYS E 383 18.20 19.78 -1.15
C LYS E 383 17.22 20.78 -1.61
N PHE E 384 17.16 20.98 -2.90
CA PHE E 384 16.21 21.89 -3.42
C PHE E 384 15.39 20.98 -4.27
N ILE E 385 14.11 20.82 -3.99
CA ILE E 385 13.25 20.05 -4.85
C ILE E 385 12.85 21.09 -5.86
N ARG E 386 12.31 20.74 -7.01
CA ARG E 386 11.91 21.82 -7.89
C ARG E 386 10.44 22.18 -7.76
N LEU E 387 10.13 23.44 -8.06
CA LEU E 387 8.78 24.00 -8.23
C LEU E 387 8.22 24.46 -6.88
N ARG E 388 7.04 25.10 -6.93
CA ARG E 388 6.43 25.86 -5.84
C ARG E 388 5.80 24.98 -4.76
N PRO E 389 5.55 25.53 -3.55
CA PRO E 389 5.10 24.68 -2.43
C PRO E 389 3.65 24.20 -2.52
N ILE E 390 3.46 23.08 -3.20
CA ILE E 390 2.14 22.44 -3.28
C ILE E 390 1.91 21.50 -2.12
N ILE E 391 2.98 20.95 -1.53
CA ILE E 391 2.89 19.94 -0.49
C ILE E 391 2.29 20.58 0.76
N SER E 392 1.54 19.78 1.52
CA SER E 392 0.90 20.24 2.75
C SER E 392 1.06 19.19 3.84
N GLN E 393 0.94 19.64 5.09
CA GLN E 393 1.09 18.79 6.26
C GLN E 393 -0.29 18.40 6.79
N LEU E 394 -0.40 17.16 7.25
CA LEU E 394 -1.68 16.66 7.76
C LEU E 394 -1.96 17.23 9.13
N PRO E 395 -3.07 17.94 9.33
CA PRO E 395 -3.44 18.36 10.68
C PRO E 395 -4.13 17.24 11.44
N VAL E 396 -3.47 16.69 12.45
CA VAL E 396 -4.03 15.62 13.27
C VAL E 396 -4.05 16.07 14.72
N THR E 397 -5.19 15.89 15.37
CA THR E 397 -5.35 16.23 16.78
C THR E 397 -5.95 15.04 17.51
N ASP E 398 -5.45 14.78 18.71
CA ASP E 398 -5.96 13.69 19.52
C ASP E 398 -7.00 14.25 20.48
N VAL E 399 -8.26 13.83 20.30
CA VAL E 399 -9.34 14.31 21.15
C VAL E 399 -9.23 13.76 22.56
N THR E 400 -8.70 12.55 22.73
CA THR E 400 -8.66 11.87 24.01
C THR E 400 -7.40 12.19 24.81
N ALA E 401 -6.78 13.35 24.57
CA ALA E 401 -5.63 13.75 25.38
C ALA E 401 -6.05 14.20 26.77
N GLN E 402 -7.36 14.36 27.00
CA GLN E 402 -7.89 14.85 28.26
C GLN E 402 -8.16 13.72 29.26
N ASN E 403 -7.87 12.47 28.88
CA ASN E 403 -8.24 11.33 29.70
C ASN E 403 -7.54 11.31 31.06
N ILE E 404 -6.48 12.11 31.23
CA ILE E 404 -5.75 12.11 32.49
C ILE E 404 -6.65 12.57 33.64
N GLN E 405 -7.46 13.60 33.39
CA GLN E 405 -8.35 14.10 34.44
C GLN E 405 -9.35 13.04 34.86
N ASP E 406 -9.91 12.29 33.89
CA ASP E 406 -10.81 11.21 34.22
C ASP E 406 -10.11 10.08 34.96
N VAL E 407 -8.86 9.79 34.60
CA VAL E 407 -8.11 8.74 35.29
C VAL E 407 -7.90 9.11 36.76
N GLN E 408 -7.55 10.37 37.02
CA GLN E 408 -7.36 10.78 38.41
C GLN E 408 -8.63 10.63 39.23
N VAL E 409 -9.77 11.06 38.69
CA VAL E 409 -11.01 11.01 39.49
C VAL E 409 -11.44 9.57 39.71
N VAL E 410 -11.24 8.69 38.70
CA VAL E 410 -11.64 7.30 38.92
C VAL E 410 -10.71 6.62 39.92
N GLU E 411 -9.41 6.95 39.91
CA GLU E 411 -8.53 6.39 40.94
C GLU E 411 -8.92 6.89 42.32
N ARG E 412 -9.27 8.16 42.44
CA ARG E 412 -9.74 8.69 43.71
C ARG E 412 -11.01 7.98 44.18
N ASN E 413 -11.91 7.70 43.24
CA ASN E 413 -13.13 6.99 43.60
C ASN E 413 -12.83 5.55 44.05
N MET E 414 -11.85 4.91 43.41
CA MET E 414 -11.46 3.58 43.86
C MET E 414 -10.84 3.62 45.25
N GLN E 415 -10.06 4.67 45.53
CA GLN E 415 -9.59 4.88 46.90
C GLN E 415 -10.76 5.06 47.86
N ARG E 416 -11.80 5.76 47.40
CA ARG E 416 -12.99 5.93 48.23
C ARG E 416 -13.65 4.59 48.55
N ILE E 417 -13.80 3.72 47.56
CA ILE E 417 -14.49 2.44 47.77
C ILE E 417 -13.64 1.47 48.58
N VAL E 418 -12.33 1.41 48.36
CA VAL E 418 -11.52 0.41 49.04
C VAL E 418 -10.95 0.98 50.34
N GLY E 419 -10.62 2.26 50.40
CA GLY E 419 -10.03 2.83 51.60
C GLY E 419 -8.56 2.68 52.00
N VAL E 420 -7.69 2.28 51.10
CA VAL E 420 -6.32 2.11 51.51
C VAL E 420 -5.66 3.40 51.95
N ASN E 421 -5.80 4.49 51.22
CA ASN E 421 -5.09 5.70 51.60
C ASN E 421 -6.01 6.89 51.59
N ASP E 422 -7.29 6.67 51.88
CA ASP E 422 -8.25 7.75 51.77
C ASP E 422 -7.89 8.85 52.72
N ASP E 423 -8.08 10.10 52.31
CA ASP E 423 -7.64 11.20 53.17
C ASP E 423 -8.60 11.56 54.27
N VAL E 424 -8.15 11.43 55.50
CA VAL E 424 -8.98 11.75 56.66
C VAL E 424 -8.40 12.94 57.44
N ALA E 425 -7.53 13.76 56.82
CA ALA E 425 -7.00 15.00 57.43
C ALA E 425 -5.74 15.00 58.29
N GLY E 426 -5.25 13.83 58.67
CA GLY E 426 -3.99 13.79 59.42
C GLY E 426 -3.92 14.61 60.68
N GLN E 427 -4.99 14.65 61.46
CA GLN E 427 -4.98 15.36 62.73
C GLN E 427 -4.95 14.34 63.82
N SER E 428 -4.56 13.12 63.47
CA SER E 428 -4.56 12.05 64.43
C SER E 428 -3.30 12.11 65.25
N SER E 429 -3.12 13.20 65.95
CA SER E 429 -1.96 13.38 66.79
C SER E 429 -1.77 12.52 68.07
N PRO E 430 -2.86 12.28 68.87
CA PRO E 430 -2.62 11.59 70.14
C PRO E 430 -2.61 10.08 70.17
N SER E 431 -1.55 9.51 70.72
CA SER E 431 -1.43 8.06 70.86
C SER E 431 -2.47 7.48 71.81
N SER E 432 -2.77 8.19 72.90
CA SER E 432 -3.75 7.75 73.92
C SER E 432 -3.14 6.80 74.89
N ARG E 433 -3.96 6.29 75.79
CA ARG E 433 -3.47 5.32 76.71
C ARG E 433 -4.52 4.24 76.94
N ARG E 434 -4.09 3.07 77.40
CA ARG E 434 -5.01 1.98 77.71
C ARG E 434 -5.16 2.06 79.20
N SER E 435 -4.57 3.06 79.81
CA SER E 435 -4.68 3.31 81.26
C SER E 435 -3.77 2.55 82.18
N ALA E 436 -2.84 1.77 81.67
CA ALA E 436 -1.93 1.14 82.58
C ALA E 436 -0.51 1.52 82.31
N THR E 437 -0.26 2.18 81.19
CA THR E 437 1.07 2.68 80.84
C THR E 437 2.00 1.55 80.45
N GLU E 438 1.55 0.34 80.58
CA GLU E 438 2.46 -0.74 80.29
C GLU E 438 1.85 -1.47 79.15
N PHE E 439 0.79 -0.90 78.59
CA PHE E 439 0.08 -1.60 77.52
C PHE E 439 -0.07 -0.83 76.26
N ARG E 440 0.96 -0.15 75.80
CA ARG E 440 0.83 0.47 74.50
C ARG E 440 2.11 0.58 73.72
N GLY E 441 2.00 0.45 72.40
CA GLY E 441 3.16 0.64 71.56
C GLY E 441 2.66 0.87 70.16
N THR E 442 3.46 1.47 69.28
CA THR E 442 3.08 1.62 67.86
C THR E 442 1.63 2.03 67.63
N THR E 443 1.26 3.20 68.16
CA THR E 443 -0.12 3.69 68.06
C THR E 443 -0.66 3.92 66.68
N SER E 444 0.06 4.68 65.87
CA SER E 444 -0.46 5.05 64.56
C SER E 444 -1.78 5.77 64.76
N PHE E 445 -2.81 5.32 64.07
CA PHE E 445 -4.13 5.93 64.15
C PHE E 445 -5.08 4.96 63.45
N ALA E 446 -6.29 5.40 63.14
CA ALA E 446 -7.25 4.52 62.49
C ALA E 446 -6.77 4.02 61.16
N SER E 447 -6.17 4.90 60.36
CA SER E 447 -5.76 4.52 59.02
C SER E 447 -7.05 4.02 58.46
N SER E 448 -8.12 4.68 58.83
CA SER E 448 -9.41 4.31 58.38
C SER E 448 -9.63 2.92 58.67
N ARG E 449 -10.05 2.25 57.64
CA ARG E 449 -10.36 0.89 57.82
C ARG E 449 -9.19 0.02 58.07
N LEU E 450 -8.01 0.42 57.66
CA LEU E 450 -6.95 -0.55 57.80
C LEU E 450 -6.75 -0.96 59.22
N ALA E 451 -6.71 -0.06 60.16
CA ALA E 451 -6.61 -0.54 61.51
C ALA E 451 -7.85 -1.24 61.97
N ASN E 452 -9.01 -0.70 61.64
CA ASN E 452 -10.23 -1.28 62.16
C ASN E 452 -10.36 -2.68 61.66
N LEU E 453 -9.99 -2.91 60.41
CA LEU E 453 -10.16 -4.22 59.88
C LEU E 453 -9.32 -5.08 60.76
N ALA E 454 -8.13 -4.62 61.11
CA ALA E 454 -7.29 -5.48 61.87
C ALA E 454 -7.99 -5.90 63.11
N TYR E 455 -8.59 -4.96 63.80
CA TYR E 455 -9.21 -5.32 65.05
C TYR E 455 -10.14 -6.43 64.75
N PHE E 456 -10.83 -6.38 63.61
CA PHE E 456 -11.82 -7.40 63.37
C PHE E 456 -11.10 -8.70 63.30
N PHE E 457 -9.97 -8.74 62.64
CA PHE E 457 -9.32 -10.01 62.47
C PHE E 457 -8.93 -10.51 63.82
N SER E 458 -8.47 -9.63 64.67
CA SER E 458 -7.97 -10.12 65.93
C SER E 458 -9.01 -10.79 66.73
N VAL E 459 -10.14 -10.15 66.88
CA VAL E 459 -11.16 -10.71 67.70
C VAL E 459 -11.73 -11.95 67.10
N THR E 460 -12.03 -11.91 65.82
CA THR E 460 -12.66 -13.07 65.28
C THR E 460 -11.88 -14.34 65.18
N GLY E 461 -10.64 -14.29 64.73
CA GLY E 461 -9.91 -15.51 64.52
C GLY E 461 -8.58 -15.66 65.19
N PHE E 462 -7.84 -14.59 65.31
CA PHE E 462 -6.55 -14.74 65.87
C PHE E 462 -6.73 -15.18 67.30
N ARG E 463 -7.71 -14.62 67.99
CA ARG E 463 -7.85 -14.96 69.38
C ARG E 463 -8.11 -16.42 69.40
N SER E 464 -8.92 -16.89 68.48
CA SER E 464 -9.27 -18.28 68.53
C SER E 464 -8.06 -19.12 68.34
N LEU E 465 -7.17 -18.72 67.47
CA LEU E 465 -6.06 -19.60 67.25
C LEU E 465 -5.40 -19.69 68.55
N ALA E 466 -5.24 -18.56 69.20
CA ALA E 466 -4.49 -18.61 70.43
C ALA E 466 -5.17 -19.41 71.52
N LYS E 467 -6.46 -19.25 71.69
CA LYS E 467 -7.09 -19.93 72.79
C LYS E 467 -6.90 -21.37 72.56
N SER E 468 -7.07 -21.80 71.34
CA SER E 468 -6.86 -23.20 71.02
C SER E 468 -5.42 -23.62 71.29
N LEU E 469 -4.47 -22.78 70.87
CA LEU E 469 -3.06 -23.12 71.08
C LEU E 469 -2.74 -23.21 72.56
N ILE E 470 -3.21 -22.25 73.37
CA ILE E 470 -2.85 -22.25 74.78
C ILE E 470 -3.49 -23.43 75.50
N VAL E 471 -4.76 -23.74 75.19
CA VAL E 471 -5.40 -24.85 75.88
C VAL E 471 -4.74 -26.17 75.50
N LYS E 472 -4.39 -26.33 74.21
CA LYS E 472 -3.78 -27.58 73.78
C LYS E 472 -2.38 -27.74 74.38
N THR E 473 -1.58 -26.67 74.38
CA THR E 473 -0.22 -26.76 74.90
C THR E 473 -0.21 -26.85 76.42
N GLN E 474 -1.27 -26.42 77.09
CA GLN E 474 -1.33 -26.54 78.54
C GLN E 474 -1.90 -27.87 78.96
N GLN E 475 -2.69 -28.51 78.10
CA GLN E 475 -3.28 -29.80 78.44
C GLN E 475 -2.38 -30.96 78.08
N LEU E 476 -1.99 -31.07 76.80
CA LEU E 476 -1.43 -32.32 76.33
C LEU E 476 0.03 -32.53 76.76
N TYR E 477 0.79 -31.46 76.95
CA TYR E 477 2.13 -31.61 77.50
C TYR E 477 2.10 -32.25 78.88
N THR E 478 3.04 -33.16 79.11
CA THR E 478 3.22 -33.81 80.40
C THR E 478 4.35 -33.13 81.17
N VAL E 479 4.30 -33.24 82.50
CA VAL E 479 5.30 -32.61 83.33
C VAL E 479 6.68 -33.17 83.03
N GLU E 480 6.75 -34.48 82.74
CA GLU E 480 8.03 -35.08 82.38
C GLU E 480 8.64 -34.41 81.17
N MET E 481 7.80 -33.86 80.29
CA MET E 481 8.30 -33.09 79.15
C MET E 481 8.17 -31.59 79.38
N LYS E 482 7.25 -31.16 80.23
CA LYS E 482 7.13 -29.74 80.55
C LYS E 482 8.37 -29.22 81.25
N VAL E 483 9.06 -30.08 82.01
CA VAL E 483 10.34 -29.68 82.60
C VAL E 483 11.36 -29.41 81.49
N LYS E 484 11.30 -30.18 80.41
CA LYS E 484 12.09 -29.87 79.24
C LYS E 484 11.50 -28.67 78.50
N VAL E 485 12.23 -28.19 77.50
CA VAL E 485 11.84 -27.04 76.68
C VAL E 485 11.76 -25.79 77.53
N ALA E 486 10.88 -25.80 78.53
CA ALA E 486 10.77 -24.69 79.48
C ALA E 486 11.75 -24.95 80.62
N GLY E 487 13.02 -24.64 80.37
CA GLY E 487 14.07 -24.86 81.34
C GLY E 487 14.50 -23.55 81.99
N ASP E 488 14.82 -23.63 83.28
CA ASP E 488 15.36 -22.53 84.07
C ASP E 488 14.37 -21.39 84.27
N ASN E 489 13.20 -21.46 83.64
CA ASN E 489 12.16 -20.48 83.88
C ASN E 489 11.15 -20.95 84.92
N ILE E 490 11.28 -22.18 85.39
CA ILE E 490 10.42 -22.70 86.45
C ILE E 490 11.13 -22.38 87.77
N LYS E 491 10.92 -21.14 88.25
CA LYS E 491 11.49 -20.75 89.53
C LYS E 491 10.81 -21.48 90.68
N GLY E 492 9.51 -21.74 90.55
CA GLY E 492 8.77 -22.47 91.55
C GLY E 492 7.78 -23.41 90.90
N ALA E 493 7.30 -24.37 91.70
CA ALA E 493 6.36 -25.36 91.19
C ALA E 493 5.03 -24.73 90.80
N GLN E 494 4.66 -23.60 91.40
CA GLN E 494 3.36 -23.00 91.12
C GLN E 494 3.24 -22.52 89.68
N SER E 495 4.36 -22.43 88.95
CA SER E 495 4.35 -21.92 87.59
C SER E 495 4.06 -22.99 86.54
N ILE E 496 3.99 -24.27 86.93
CA ILE E 496 3.81 -25.36 85.99
C ILE E 496 2.56 -26.18 86.30
N ILE E 497 2.43 -26.68 87.54
CA ILE E 497 1.30 -27.53 87.89
C ILE E 497 0.01 -26.74 87.75
N VAL E 498 -0.90 -27.25 86.94
CA VAL E 498 -2.20 -26.63 86.68
C VAL E 498 -3.28 -27.66 86.97
N LYS E 499 -4.33 -27.21 87.66
CA LYS E 499 -5.42 -28.11 87.99
C LYS E 499 -6.16 -28.54 86.72
N PRO E 500 -6.65 -29.77 86.64
CA PRO E 500 -7.33 -30.22 85.42
C PRO E 500 -8.52 -29.36 85.05
N GLU E 501 -9.29 -28.89 86.03
CA GLU E 501 -10.44 -28.03 85.74
C GLU E 501 -10.03 -26.59 85.51
N ASP E 502 -8.88 -26.18 86.05
CA ASP E 502 -8.43 -24.80 85.90
C ASP E 502 -8.18 -24.45 84.43
N ILE E 503 -7.50 -25.33 83.70
CA ILE E 503 -7.22 -25.06 82.29
C ILE E 503 -8.50 -25.08 81.47
N SER E 504 -9.45 -25.94 81.83
CA SER E 504 -10.74 -25.95 81.15
C SER E 504 -11.50 -24.65 81.38
N GLY E 505 -11.46 -24.13 82.61
CA GLY E 505 -12.18 -22.91 82.90
C GLY E 505 -11.52 -21.65 82.39
N GLN E 506 -10.22 -21.72 82.11
CA GLN E 506 -9.43 -20.55 81.68
C GLN E 506 -9.55 -19.42 82.70
N PHE E 507 -9.05 -19.68 83.90
CA PHE E 507 -9.32 -18.79 85.03
C PHE E 507 -8.27 -17.69 85.16
N ASP E 508 -7.00 -18.07 85.36
CA ASP E 508 -5.97 -17.15 85.83
C ASP E 508 -5.05 -16.69 84.72
N ILE E 509 -5.52 -16.67 83.47
CA ILE E 509 -4.68 -16.26 82.35
C ILE E 509 -5.56 -15.91 81.16
N MET E 510 -5.02 -15.09 80.25
CA MET E 510 -5.71 -14.75 79.02
C MET E 510 -4.73 -14.25 77.96
N PRO E 511 -4.92 -14.62 76.70
CA PRO E 511 -4.02 -14.15 75.65
C PRO E 511 -4.38 -12.74 75.20
N VAL E 512 -3.37 -12.03 74.71
CA VAL E 512 -3.55 -10.67 74.19
C VAL E 512 -2.87 -10.58 72.83
N ASP E 513 -3.37 -9.69 71.99
CA ASP E 513 -2.87 -9.51 70.64
C ASP E 513 -1.89 -8.33 70.60
N GLY E 514 -1.18 -8.20 69.49
CA GLY E 514 -0.28 -7.07 69.29
C GLY E 514 -0.95 -5.78 68.92
N THR E 515 -2.28 -5.79 68.73
CA THR E 515 -3.00 -4.53 68.53
C THR E 515 -2.84 -3.62 69.74
N LEU E 516 -2.89 -4.20 70.94
CA LEU E 516 -2.51 -3.51 72.17
C LEU E 516 -1.22 -4.16 72.67
N PRO E 517 -0.07 -3.69 72.21
CA PRO E 517 1.20 -4.33 72.55
C PRO E 517 1.53 -4.16 74.03
N VAL E 518 2.38 -5.06 74.52
CA VAL E 518 2.81 -5.06 75.91
C VAL E 518 4.31 -4.75 75.92
N ASP E 519 4.67 -3.63 76.54
CA ASP E 519 6.06 -3.15 76.55
C ASP E 519 6.64 -3.41 77.93
N ARG E 520 7.36 -4.52 78.06
CA ARG E 520 7.96 -4.88 79.35
C ARG E 520 9.23 -4.12 79.68
N MET E 521 9.75 -3.29 78.76
CA MET E 521 10.92 -2.48 79.10
C MET E 521 10.57 -1.43 80.14
N ALA E 522 9.46 -0.70 79.92
CA ALA E 522 9.03 0.27 80.91
C ALA E 522 8.57 -0.42 82.20
N GLN E 523 8.03 -1.64 82.07
CA GLN E 523 7.70 -2.42 83.26
C GLN E 523 8.95 -2.74 84.06
N ALA E 524 10.03 -3.12 83.37
CA ALA E 524 11.28 -3.39 84.06
C ALA E 524 11.78 -2.12 84.75
N GLN E 525 11.68 -0.98 84.07
CA GLN E 525 12.13 0.27 84.67
C GLN E 525 11.30 0.63 85.92
N PHE E 526 9.98 0.44 85.85
CA PHE E 526 9.12 0.76 86.98
C PHE E 526 9.39 -0.18 88.15
N TRP E 527 9.53 -1.48 87.87
CA TRP E 527 9.97 -2.43 88.88
C TRP E 527 11.29 -2.00 89.48
N MET E 528 12.19 -1.48 88.65
CA MET E 528 13.52 -1.14 89.10
C MET E 528 13.47 0.01 90.09
N GLN E 529 12.65 1.02 89.77
CA GLN E 529 12.41 2.12 90.70
C GLN E 529 11.77 1.63 91.99
N ILE E 530 10.79 0.72 91.88
CA ILE E 530 10.15 0.19 93.07
C ILE E 530 11.17 -0.47 93.99
N MET E 531 12.01 -1.33 93.43
CA MET E 531 13.06 -1.97 94.23
C MET E 531 14.01 -0.94 94.81
N SER E 532 14.37 0.07 94.02
CA SER E 532 15.33 1.08 94.48
C SER E 532 14.81 1.79 95.72
N MET E 533 13.52 2.13 95.74
CA MET E 533 13.02 2.79 96.94
C MET E 533 12.65 1.80 98.04
N VAL E 534 12.43 0.54 97.69
CA VAL E 534 12.22 -0.49 98.70
C VAL E 534 13.51 -0.72 99.49
N ALA E 535 14.67 -0.47 98.86
CA ALA E 535 15.93 -0.55 99.57
C ALA E 535 15.91 0.32 100.83
N GLY E 536 15.42 1.55 100.73
CA GLY E 536 15.26 2.37 101.91
C GLY E 536 14.03 1.98 102.70
N ASN E 537 13.90 2.56 103.90
CA ASN E 537 12.79 2.27 104.80
C ASN E 537 12.69 0.77 105.04
N PRO E 538 13.58 0.21 105.87
CA PRO E 538 13.76 -1.26 105.89
C PRO E 538 12.53 -2.08 106.26
N VAL E 539 11.40 -1.44 106.61
CA VAL E 539 10.18 -2.20 106.79
C VAL E 539 9.73 -2.82 105.47
N LEU E 540 9.88 -2.08 104.37
CA LEU E 540 9.55 -2.61 103.06
C LEU E 540 10.43 -3.81 102.71
N GLY E 541 11.72 -3.73 103.04
CA GLY E 541 12.60 -4.86 102.88
C GLY E 541 12.34 -6.00 103.85
N ALA E 542 11.65 -5.71 104.96
CA ALA E 542 11.25 -6.78 105.87
C ALA E 542 10.03 -7.53 105.34
N GLU E 543 9.15 -6.82 104.61
CA GLU E 543 7.93 -7.45 104.11
C GLU E 543 8.19 -8.34 102.90
N TYR E 544 9.19 -8.01 102.10
CA TYR E 544 9.49 -8.75 100.87
C TYR E 544 10.94 -9.21 100.88
N ARG E 545 11.26 -10.15 100.00
CA ARG E 545 12.65 -10.53 99.76
C ARG E 545 13.13 -9.85 98.48
N LEU E 546 14.41 -9.52 98.42
CA LEU E 546 14.90 -8.66 97.35
C LEU E 546 15.53 -9.49 96.23
N GLY E 547 16.22 -10.58 96.57
CA GLY E 547 16.92 -11.35 95.55
C GLY E 547 15.99 -11.92 94.50
N ASP E 548 14.85 -12.45 94.93
CA ASP E 548 13.87 -12.97 93.97
C ASP E 548 13.32 -11.86 93.09
N ILE E 549 13.10 -10.68 93.65
CA ILE E 549 12.63 -9.55 92.87
C ILE E 549 13.67 -9.19 91.79
N PHE E 550 14.94 -9.13 92.19
CA PHE E 550 15.99 -8.81 91.22
C PHE E 550 16.08 -9.87 90.12
N SER E 551 15.99 -11.14 90.49
CA SER E 551 16.04 -12.20 89.50
C SER E 551 14.86 -12.12 88.54
N TYR E 552 13.65 -11.85 89.08
CA TYR E 552 12.47 -11.76 88.25
C TYR E 552 12.57 -10.58 87.28
N THR E 553 13.04 -9.43 87.76
CA THR E 553 13.22 -8.29 86.88
C THR E 553 14.26 -8.55 85.80
N ALA E 554 15.38 -9.20 86.16
CA ALA E 554 16.40 -9.49 85.17
C ALA E 554 15.88 -10.46 84.11
N ARG E 555 15.14 -11.49 84.53
CA ARG E 555 14.57 -12.44 83.57
C ARG E 555 13.53 -11.75 82.69
N LEU E 556 12.72 -10.87 83.27
CA LEU E 556 11.71 -10.17 82.49
C LEU E 556 12.35 -9.24 81.46
N ALA E 557 13.47 -8.62 81.80
CA ALA E 557 14.14 -7.72 80.86
C ALA E 557 14.70 -8.48 79.66
N GLY E 558 14.76 -9.80 79.73
CA GLY E 558 15.26 -10.61 78.63
C GLY E 558 16.66 -11.14 78.78
N LEU E 559 17.30 -10.94 79.93
CA LEU E 559 18.65 -11.45 80.13
C LEU E 559 18.68 -12.97 80.11
N LYS E 560 17.81 -13.60 80.90
CA LYS E 560 17.61 -15.05 80.89
C LYS E 560 18.88 -15.82 81.22
N GLY E 561 19.79 -15.23 81.99
CA GLY E 561 21.01 -15.92 82.36
C GLY E 561 21.42 -15.70 83.80
N ILE E 562 20.75 -14.70 84.37
CA ILE E 562 21.09 -14.31 85.70
C ILE E 562 20.92 -15.53 86.54
N ASP E 563 19.91 -16.31 86.28
CA ASP E 563 19.67 -17.43 87.15
C ASP E 563 20.88 -18.30 87.00
N LYS E 564 21.43 -18.35 85.80
CA LYS E 564 22.64 -19.11 85.62
C LYS E 564 23.91 -18.48 86.22
N MET E 565 23.87 -17.21 86.60
CA MET E 565 25.06 -16.58 87.12
C MET E 565 25.22 -16.61 88.65
N LYS E 566 24.33 -17.27 89.35
CA LYS E 566 24.45 -17.38 90.80
C LYS E 566 25.64 -18.27 91.18
N ILE E 567 26.13 -18.15 92.41
CA ILE E 567 27.22 -19.01 92.83
C ILE E 567 26.80 -20.46 92.81
N ARG E 568 25.61 -20.73 93.31
CA ARG E 568 25.09 -22.10 93.32
C ARG E 568 24.83 -22.76 91.97
N ILE E 569 24.23 -22.06 91.01
CA ILE E 569 23.97 -22.58 89.64
C ILE E 569 23.20 -23.91 89.51
N LEU E 570 22.17 -24.06 90.32
CA LEU E 570 21.35 -25.28 90.27
C LEU E 570 20.46 -25.31 89.05
N ASP E 571 20.33 -26.47 88.42
CA ASP E 571 19.56 -26.59 87.17
C ASP E 571 19.35 -28.05 86.81
N ASP E 572 19.03 -28.33 85.54
CA ASP E 572 18.86 -29.71 85.07
C ASP E 572 17.73 -30.47 85.72
N ASP E 573 18.00 -31.72 86.05
CA ASP E 573 16.97 -32.58 86.65
C ASP E 573 16.63 -32.09 88.04
N GLN E 574 17.53 -31.32 88.60
CA GLN E 574 17.29 -30.87 89.94
C GLN E 574 15.94 -30.26 89.84
N ILE E 575 15.64 -29.64 88.70
CA ILE E 575 14.37 -28.94 88.58
C ILE E 575 13.12 -29.84 88.59
N LEU E 576 13.18 -31.01 87.98
CA LEU E 576 12.04 -31.93 88.05
C LEU E 576 11.81 -32.36 89.46
N ALA E 577 12.89 -32.63 90.16
CA ALA E 577 12.79 -33.01 91.54
C ALA E 577 12.20 -31.87 92.31
N LEU E 578 12.49 -30.66 91.89
CA LEU E 578 12.05 -29.51 92.62
C LEU E 578 10.56 -29.46 92.73
N ILE E 579 9.83 -30.08 91.82
CA ILE E 579 8.38 -30.06 92.03
C ILE E 579 8.16 -30.75 93.37
N LEU E 580 7.56 -30.03 94.31
CA LEU E 580 7.38 -30.55 95.66
C LEU E 580 6.46 -31.72 95.87
N ALA E 581 5.27 -31.66 95.28
CA ALA E 581 4.28 -32.71 95.48
C ALA E 581 3.23 -32.58 94.39
N MET F 1 26.69 -50.51 51.61
CA MET F 1 26.44 -51.80 50.99
C MET F 1 26.73 -51.64 49.50
N GLU F 2 27.48 -52.60 48.94
CA GLU F 2 28.09 -52.46 47.62
C GLU F 2 27.28 -53.23 46.58
N ILE F 3 27.02 -52.60 45.44
CA ILE F 3 26.29 -53.20 44.34
C ILE F 3 27.28 -53.51 43.22
N LEU F 4 27.25 -54.75 42.74
CA LEU F 4 28.11 -55.18 41.65
C LEU F 4 27.36 -55.11 40.32
N TYR F 5 28.10 -55.24 39.23
CA TYR F 5 27.55 -55.22 37.88
C TYR F 5 27.58 -56.62 37.30
N THR F 6 26.44 -57.07 36.80
CA THR F 6 26.34 -58.38 36.15
C THR F 6 25.20 -58.32 35.14
N GLY F 7 25.22 -59.26 34.21
CA GLY F 7 24.21 -59.33 33.18
C GLY F 7 22.93 -60.03 33.57
N ALA F 8 22.82 -60.51 34.81
CA ALA F 8 21.63 -61.20 35.25
C ALA F 8 20.46 -60.23 35.36
N SER F 9 19.33 -60.59 34.76
CA SER F 9 18.14 -59.75 34.84
C SER F 9 17.60 -59.70 36.26
N GLU F 10 17.61 -60.82 36.98
CA GLU F 10 17.12 -60.86 38.36
C GLU F 10 18.28 -60.57 39.30
N SER F 11 18.49 -59.27 39.54
CA SER F 11 19.54 -58.82 40.44
C SER F 11 19.10 -57.51 41.07
N LEU F 12 19.74 -57.18 42.20
CA LEU F 12 19.46 -55.90 42.85
C LEU F 12 19.81 -54.73 41.95
N HIS F 13 20.94 -54.82 41.23
CA HIS F 13 21.38 -53.74 40.37
C HIS F 13 20.33 -53.38 39.33
N SER F 14 19.85 -54.39 38.59
CA SER F 14 18.90 -54.13 37.51
C SER F 14 17.57 -53.58 38.04
N THR F 15 17.05 -54.15 39.13
CA THR F 15 15.79 -53.69 39.67
C THR F 15 15.89 -52.25 40.18
N ILE F 16 16.94 -51.95 40.95
CA ILE F 16 17.13 -50.60 41.46
C ILE F 16 17.32 -49.63 40.30
N LEU F 17 18.08 -50.03 39.27
CA LEU F 17 18.28 -49.19 38.10
C LEU F 17 16.95 -48.86 37.43
N LYS F 18 16.08 -49.85 37.46
CA LYS F 18 14.82 -49.67 36.82
C LYS F 18 13.88 -48.80 37.54
N ALA F 19 13.51 -49.18 38.75
CA ALA F 19 12.49 -48.38 39.44
C ALA F 19 12.95 -46.96 39.68
N LEU F 20 14.21 -46.77 40.00
CA LEU F 20 14.70 -45.43 40.15
C LEU F 20 14.59 -44.71 38.82
N LEU F 21 14.82 -45.40 37.71
CA LEU F 21 14.80 -44.74 36.42
C LEU F 21 13.44 -44.19 36.20
N GLU F 22 12.44 -44.92 36.65
CA GLU F 22 11.10 -44.45 36.50
C GLU F 22 10.96 -43.18 37.25
N ARG F 23 11.52 -43.16 38.42
CA ARG F 23 11.38 -42.00 39.23
C ARG F 23 12.03 -40.83 38.56
N ILE F 24 13.22 -41.05 38.01
CA ILE F 24 13.94 -39.93 37.46
C ILE F 24 13.10 -39.34 36.37
N ASP F 25 12.52 -40.19 35.57
CA ASP F 25 11.67 -39.72 34.49
C ASP F 25 10.41 -39.02 34.91
N LEU F 26 9.71 -39.53 35.91
CA LEU F 26 8.45 -38.91 36.24
C LEU F 26 8.89 -37.55 36.56
N GLY F 27 10.08 -37.47 37.10
CA GLY F 27 10.50 -36.15 37.54
C GLY F 27 10.77 -35.18 36.39
N ASP F 28 11.34 -35.69 35.29
CA ASP F 28 11.71 -34.80 34.19
C ASP F 28 10.50 -34.16 33.51
N THR F 29 9.31 -34.71 33.72
CA THR F 29 8.12 -34.14 33.10
C THR F 29 7.87 -32.72 33.59
N PHE F 30 8.03 -32.49 34.89
CA PHE F 30 7.82 -31.16 35.44
C PHE F 30 8.81 -30.16 34.87
N ILE F 31 10.08 -30.55 34.74
CA ILE F 31 11.08 -29.65 34.17
C ILE F 31 10.77 -29.36 32.71
N SER F 32 10.39 -30.40 31.95
CA SER F 32 10.06 -30.21 30.55
C SER F 32 8.85 -29.29 30.39
N ASP F 33 7.92 -29.32 31.34
CA ASP F 33 6.76 -28.46 31.28
C ASP F 33 7.15 -26.99 31.37
N ASN F 34 8.04 -26.63 32.27
CA ASN F 34 8.33 -25.20 32.49
C ASN F 34 9.55 -24.69 31.75
N TYR F 35 10.09 -25.48 30.85
CA TYR F 35 11.31 -25.06 30.24
C TYR F 35 11.14 -23.81 29.47
N THR F 36 10.11 -23.74 28.66
CA THR F 36 10.04 -22.60 27.77
C THR F 36 9.98 -21.31 28.48
N ARG F 37 9.19 -21.28 29.52
CA ARG F 37 9.00 -20.04 30.17
C ARG F 37 10.30 -19.59 30.71
N TRP F 38 11.02 -20.50 31.30
CA TRP F 38 12.22 -20.06 31.93
C TRP F 38 13.14 -19.49 30.90
N GLN F 39 13.21 -20.09 29.72
CA GLN F 39 14.18 -19.64 28.73
C GLN F 39 13.88 -18.21 28.36
N ALA F 40 12.60 -17.89 28.29
CA ALA F 40 12.23 -16.54 27.92
C ALA F 40 12.75 -15.55 28.92
N THR F 41 12.78 -15.93 30.18
CA THR F 41 13.18 -14.98 31.19
C THR F 41 14.55 -14.55 30.88
N GLU F 42 15.35 -15.48 30.41
CA GLU F 42 16.72 -15.16 30.11
C GLU F 42 16.84 -14.10 29.04
N ARG F 43 16.01 -14.18 28.03
CA ARG F 43 16.18 -13.24 26.94
C ARG F 43 16.02 -11.84 27.41
N TYR F 44 15.11 -11.60 28.32
CA TYR F 44 15.01 -10.26 28.83
C TYR F 44 16.26 -9.79 29.54
N TYR F 45 16.94 -10.66 30.27
CA TYR F 45 18.09 -10.22 31.04
C TYR F 45 19.15 -9.72 30.19
N MET F 46 19.41 -10.46 29.13
CA MET F 46 20.40 -10.02 28.19
C MET F 46 19.86 -8.87 27.38
N MET F 47 18.56 -8.64 27.44
CA MET F 47 17.92 -7.60 26.65
C MET F 47 18.20 -7.86 25.21
N TYR F 48 17.67 -8.95 24.68
CA TYR F 48 17.98 -9.32 23.31
C TYR F 48 16.79 -9.00 22.41
N LYS F 49 17.06 -8.28 21.33
CA LYS F 49 16.02 -7.83 20.40
C LYS F 49 16.35 -8.34 19.00
N ILE F 50 15.33 -8.81 18.30
CA ILE F 50 15.49 -9.26 16.91
C ILE F 50 15.78 -8.04 16.04
N PRO F 51 16.86 -8.06 15.24
CA PRO F 51 17.17 -6.90 14.41
C PRO F 51 16.11 -6.63 13.36
N ASN F 52 15.94 -5.35 13.04
CA ASN F 52 14.98 -4.91 12.04
C ASN F 52 15.60 -5.01 10.64
N LYS F 53 14.75 -4.89 9.63
CA LYS F 53 15.23 -4.96 8.25
C LYS F 53 16.20 -3.82 7.95
N LYS F 54 15.89 -2.62 8.44
CA LYS F 54 16.77 -1.47 8.22
C LYS F 54 18.06 -1.56 9.02
N ASP F 55 18.11 -2.44 10.03
CA ASP F 55 19.29 -2.55 10.86
C ASP F 55 20.50 -3.05 10.08
N LYS F 56 20.29 -3.92 9.08
CA LYS F 56 21.41 -4.39 8.28
C LYS F 56 22.07 -3.24 7.53
N ALA F 57 21.25 -2.38 6.91
CA ALA F 57 21.80 -1.22 6.21
C ALA F 57 22.46 -0.26 7.20
N ALA F 58 21.88 -0.10 8.39
CA ALA F 58 22.49 0.76 9.39
C ALA F 58 23.87 0.24 9.79
N ILE F 59 23.99 -1.06 10.03
CA ILE F 59 25.28 -1.64 10.41
C ILE F 59 26.28 -1.53 9.28
N GLU F 60 25.81 -1.71 8.04
CA GLU F 60 26.71 -1.56 6.89
C GLU F 60 27.23 -0.13 6.78
N LYS F 61 26.35 0.86 6.97
CA LYS F 61 26.80 2.25 6.93
C LYS F 61 27.72 2.57 8.09
N TRP F 62 27.49 1.94 9.24
CA TRP F 62 28.40 2.10 10.37
C TRP F 62 29.78 1.53 10.06
N ASN F 63 29.82 0.39 9.35
CA ASN F 63 31.10 -0.09 8.83
C ASN F 63 31.72 0.94 7.90
N LYS F 64 30.89 1.63 7.11
CA LYS F 64 31.38 2.75 6.32
C LYS F 64 31.71 3.96 7.19
N GLY F 65 31.16 4.02 8.40
CA GLY F 65 31.52 5.07 9.35
C GLY F 65 30.48 6.14 9.56
N ASP F 66 29.41 6.17 8.78
CA ASP F 66 28.39 7.19 8.97
C ASP F 66 27.43 6.81 10.09
N THR F 67 26.60 7.75 10.50
CA THR F 67 25.78 7.63 11.70
C THR F 67 24.33 7.37 11.35
N ASP F 68 23.75 6.35 11.97
CA ASP F 68 22.34 6.02 11.85
C ASP F 68 21.88 5.27 13.09
N PHE F 69 20.63 4.82 13.06
CA PHE F 69 19.97 4.25 14.24
C PHE F 69 20.15 2.75 14.32
N LYS F 70 20.20 2.25 15.54
CA LYS F 70 20.19 0.83 15.82
C LYS F 70 19.05 0.57 16.79
N SER F 71 18.31 -0.52 16.58
CA SER F 71 17.17 -0.80 17.43
C SER F 71 17.62 -1.23 18.83
N LEU F 72 16.93 -0.72 19.85
CA LEU F 72 17.19 -1.11 21.23
C LEU F 72 15.89 -1.43 21.96
N VAL F 73 16.01 -1.73 23.25
CA VAL F 73 14.90 -1.96 24.15
C VAL F 73 15.15 -1.18 25.44
N MET F 74 14.09 -0.65 26.02
CA MET F 74 14.22 0.15 27.22
C MET F 74 14.66 -0.72 28.40
N PRO F 75 15.72 -0.35 29.11
CA PRO F 75 16.16 -1.13 30.27
C PRO F 75 15.45 -0.78 31.58
N TYR F 76 14.33 -0.06 31.50
CA TYR F 76 13.65 0.36 32.72
C TYR F 76 13.25 -0.83 33.57
N SER F 77 12.68 -1.87 32.94
CA SER F 77 12.35 -3.09 33.69
C SER F 77 13.60 -3.76 34.23
N TYR F 78 14.68 -3.75 33.44
CA TYR F 78 15.93 -4.38 33.87
C TYR F 78 16.50 -3.68 35.11
N ALA F 79 16.13 -2.42 35.31
CA ALA F 79 16.67 -1.68 36.46
C ALA F 79 16.13 -2.21 37.79
N GLN F 80 14.83 -2.50 37.85
CA GLN F 80 14.23 -2.89 39.14
C GLN F 80 14.79 -4.21 39.63
N LEU F 81 15.05 -5.16 38.73
CA LEU F 81 15.65 -6.42 39.14
C LEU F 81 16.92 -6.19 39.95
N MET F 82 17.84 -5.38 39.39
CA MET F 82 19.13 -5.21 40.02
C MET F 82 19.03 -4.33 41.27
N THR F 83 18.16 -3.32 41.26
CA THR F 83 18.03 -2.51 42.47
C THR F 83 17.41 -3.33 43.61
N ALA F 84 16.44 -4.19 43.29
CA ALA F 84 15.85 -5.05 44.30
C ALA F 84 16.87 -6.04 44.82
N HIS F 85 17.73 -6.57 43.95
CA HIS F 85 18.77 -7.47 44.43
C HIS F 85 19.78 -6.74 45.31
N ALA F 86 20.10 -5.49 44.97
CA ALA F 86 20.99 -4.70 45.83
C ALA F 86 20.37 -4.50 47.20
N TYR F 87 19.07 -4.21 47.25
CA TYR F 87 18.38 -4.12 48.53
C TYR F 87 18.43 -5.44 49.28
N MET F 88 18.22 -6.54 48.57
CA MET F 88 18.27 -7.86 49.21
C MET F 88 19.64 -8.12 49.82
N VAL F 89 20.70 -7.79 49.08
CA VAL F 89 22.06 -7.99 49.57
C VAL F 89 22.31 -7.11 50.80
N ASN F 90 21.90 -5.85 50.72
CA ASN F 90 22.12 -4.94 51.85
C ASN F 90 21.38 -5.44 53.09
N VAL F 91 20.20 -6.00 52.91
CA VAL F 91 19.46 -6.52 54.06
C VAL F 91 20.10 -7.78 54.61
N PHE F 92 20.49 -8.72 53.74
CA PHE F 92 20.85 -10.07 54.18
C PHE F 92 22.35 -10.35 54.15
N LEU F 93 23.00 -10.15 53.00
CA LEU F 93 24.35 -10.65 52.79
C LEU F 93 25.42 -9.57 52.93
N ASN F 94 25.04 -8.34 53.25
CA ASN F 94 26.01 -7.27 53.39
C ASN F 94 26.56 -7.15 54.81
N ARG F 95 26.00 -7.88 55.75
CA ARG F 95 26.50 -7.91 57.11
C ARG F 95 27.29 -9.19 57.36
N ASP F 96 28.38 -9.05 58.10
CA ASP F 96 29.24 -10.20 58.39
C ASP F 96 28.51 -11.33 59.12
N PRO F 97 27.68 -11.08 60.15
CA PRO F 97 27.17 -12.22 60.95
C PRO F 97 26.38 -13.23 60.14
N ILE F 98 25.62 -12.78 59.14
CA ILE F 98 24.75 -13.65 58.35
C ILE F 98 23.76 -14.35 59.27
N PHE F 99 24.25 -15.23 60.14
CA PHE F 99 23.42 -15.96 61.08
C PHE F 99 23.61 -15.40 62.50
N GLN F 100 22.49 -15.16 63.17
CA GLN F 100 22.49 -14.80 64.58
C GLN F 100 21.65 -15.82 65.34
N THR F 101 21.96 -15.97 66.63
CA THR F 101 21.38 -17.03 67.43
C THR F 101 20.89 -16.49 68.77
N ASP F 102 19.78 -17.05 69.24
CA ASP F 102 19.19 -16.67 70.51
C ASP F 102 18.65 -17.94 71.19
N SER F 103 18.51 -17.87 72.51
CA SER F 103 18.08 -19.00 73.32
C SER F 103 16.95 -18.58 74.25
N LEU F 104 16.06 -19.52 74.56
CA LEU F 104 14.96 -19.26 75.47
C LEU F 104 15.20 -19.83 76.86
N ASN F 105 15.74 -21.05 76.95
CA ASN F 105 16.03 -21.69 78.23
C ASN F 105 17.05 -20.90 79.03
N GLY F 106 18.13 -20.46 78.40
CA GLY F 106 19.29 -19.97 79.08
C GLY F 106 20.40 -20.98 79.19
N ASP F 107 20.08 -22.28 79.06
CA ASP F 107 21.12 -23.28 78.91
C ASP F 107 21.89 -23.07 77.62
N GLY F 108 21.19 -22.70 76.56
CA GLY F 108 21.82 -22.33 75.31
C GLY F 108 22.40 -20.94 75.27
N THR F 109 22.15 -20.13 76.31
CA THR F 109 22.77 -18.80 76.37
C THR F 109 24.28 -18.89 76.45
N GLU F 110 24.80 -19.82 77.24
CA GLU F 110 26.26 -20.01 77.30
C GLU F 110 26.78 -20.65 76.02
N ARG F 111 25.98 -21.50 75.37
CA ARG F 111 26.38 -22.10 74.10
C ARG F 111 26.29 -21.12 72.94
N GLU F 112 25.63 -19.98 73.14
CA GLU F 112 25.42 -19.02 72.07
C GLU F 112 26.73 -18.55 71.45
N LEU F 113 27.66 -18.09 72.28
CA LEU F 113 28.90 -17.50 71.75
C LEU F 113 29.70 -18.55 70.98
N ALA F 114 29.83 -19.75 71.54
CA ALA F 114 30.59 -20.80 70.87
C ALA F 114 29.94 -21.17 69.54
N LEU F 115 28.62 -21.34 69.53
CA LEU F 115 27.95 -21.75 68.31
C LEU F 115 28.03 -20.68 67.23
N GLU F 116 27.85 -19.40 67.61
CA GLU F 116 28.00 -18.34 66.62
C GLU F 116 29.43 -18.24 66.11
N SER F 117 30.43 -18.47 66.97
CA SER F 117 31.80 -18.48 66.48
C SER F 117 32.02 -19.60 65.46
N MET F 118 31.48 -20.79 65.74
CA MET F 118 31.61 -21.89 64.80
C MET F 118 30.94 -21.56 63.47
N LEU F 119 29.71 -21.03 63.51
CA LEU F 119 29.02 -20.68 62.28
C LEU F 119 29.78 -19.60 61.52
N GLN F 120 30.31 -18.61 62.23
CA GLN F 120 31.02 -17.52 61.58
C GLN F 120 32.26 -18.03 60.86
N TYR F 121 33.07 -18.83 61.56
CA TYR F 121 34.24 -19.43 60.92
C TYR F 121 33.86 -20.27 59.72
N GLN F 122 32.82 -21.09 59.88
CA GLN F 122 32.46 -22.04 58.83
C GLN F 122 31.96 -21.31 57.58
N VAL F 123 31.12 -20.29 57.76
CA VAL F 123 30.59 -19.55 56.62
C VAL F 123 31.68 -18.69 55.99
N LYS F 124 32.63 -18.21 56.79
CA LYS F 124 33.67 -17.35 56.22
C LYS F 124 34.71 -18.16 55.46
N ALA F 125 35.02 -19.37 55.93
CA ALA F 125 36.03 -20.20 55.28
C ALA F 125 35.45 -21.16 54.25
N GLY F 126 34.13 -21.29 54.18
CA GLY F 126 33.51 -22.19 53.22
C GLY F 126 33.16 -21.57 51.88
N GLU F 127 33.45 -20.28 51.68
CA GLU F 127 33.12 -19.58 50.44
C GLU F 127 31.62 -19.70 50.13
N MET F 128 30.80 -19.59 51.16
CA MET F 128 29.37 -19.77 51.01
C MET F 128 28.68 -18.56 50.37
N GLU F 129 29.17 -17.35 50.67
CA GLU F 129 28.46 -16.17 50.23
C GLU F 129 28.44 -15.96 48.71
N PRO F 130 29.44 -16.35 47.91
CA PRO F 130 29.23 -16.33 46.45
C PRO F 130 28.07 -17.22 46.02
N SER F 131 27.93 -18.37 46.66
CA SER F 131 26.78 -19.23 46.38
C SER F 131 25.48 -18.55 46.79
N LEU F 132 25.51 -17.80 47.90
CA LEU F 132 24.31 -17.05 48.29
C LEU F 132 23.95 -16.00 47.24
N LEU F 133 24.94 -15.29 46.72
CA LEU F 133 24.69 -14.29 45.70
C LEU F 133 24.10 -14.93 44.45
N VAL F 134 24.66 -16.07 44.03
CA VAL F 134 24.12 -16.77 42.85
C VAL F 134 22.70 -17.26 43.14
N TRP F 135 22.37 -17.39 44.42
CA TRP F 135 21.05 -17.87 44.81
C TRP F 135 19.98 -16.85 44.78
N PHE F 136 20.15 -15.78 45.51
CA PHE F 136 19.06 -14.83 45.59
C PHE F 136 18.76 -14.33 44.22
N MET F 137 19.80 -14.13 43.43
CA MET F 137 19.60 -13.62 42.09
C MET F 137 18.79 -14.62 41.30
N ASP F 138 19.05 -15.90 41.44
CA ASP F 138 18.30 -16.81 40.61
C ASP F 138 16.84 -16.70 40.94
N ALA F 139 16.53 -16.57 42.21
CA ALA F 139 15.15 -16.55 42.58
C ALA F 139 14.56 -15.38 41.96
N LEU F 140 15.25 -14.27 41.94
CA LEU F 140 14.63 -13.10 41.40
C LEU F 140 14.69 -13.16 39.91
N ARG F 141 15.58 -13.96 39.35
CA ARG F 141 15.53 -14.01 37.90
C ARG F 141 14.46 -14.99 37.42
N TYR F 142 14.62 -16.27 37.76
CA TYR F 142 13.70 -17.30 37.27
C TYR F 142 12.44 -17.42 38.10
N GLY F 143 12.37 -16.73 39.24
CA GLY F 143 11.28 -16.93 40.17
C GLY F 143 11.47 -18.09 41.11
N VAL F 144 12.50 -18.91 40.90
CA VAL F 144 12.81 -20.03 41.77
C VAL F 144 14.31 -20.02 42.06
N GLY F 145 14.64 -20.14 43.33
CA GLY F 145 16.03 -20.28 43.74
C GLY F 145 16.27 -21.63 44.36
N VAL F 146 17.40 -22.25 44.01
CA VAL F 146 17.75 -23.58 44.49
C VAL F 146 19.17 -23.56 45.04
N LEU F 147 19.35 -24.14 46.22
CA LEU F 147 20.67 -24.19 46.85
C LEU F 147 20.73 -25.45 47.72
N GLY F 148 21.83 -26.18 47.60
CA GLY F 148 22.03 -27.39 48.37
C GLY F 148 23.39 -27.39 49.04
N ASP F 149 23.44 -28.02 50.20
CA ASP F 149 24.66 -28.11 50.99
C ASP F 149 25.10 -29.55 51.17
N TYR F 150 26.37 -29.72 51.49
CA TYR F 150 26.95 -31.04 51.71
C TYR F 150 28.17 -30.90 52.60
N TRP F 151 28.62 -32.01 53.16
CA TRP F 151 29.81 -32.02 54.01
C TRP F 151 31.04 -32.28 53.17
N GLU F 152 32.10 -31.51 53.43
CA GLU F 152 33.34 -31.59 52.66
C GLU F 152 34.49 -31.99 53.58
N GLU F 153 35.26 -32.98 53.15
CA GLU F 153 36.47 -33.41 53.84
C GLU F 153 37.60 -33.40 52.82
N HIS F 154 38.37 -32.30 52.81
CA HIS F 154 39.39 -32.09 51.81
C HIS F 154 40.74 -32.57 52.34
N VAL F 155 41.27 -33.63 51.73
CA VAL F 155 42.60 -34.13 52.04
C VAL F 155 43.34 -34.35 50.72
N PHE F 156 44.63 -34.00 50.71
CA PHE F 156 45.42 -34.07 49.49
C PHE F 156 46.85 -34.44 49.86
N HIS F 157 47.61 -34.82 48.84
CA HIS F 157 48.98 -35.28 49.01
C HIS F 157 49.94 -34.29 48.35
N GLN F 158 51.15 -34.19 48.90
CA GLN F 158 52.15 -33.25 48.42
C GLN F 158 53.54 -33.83 48.66
N THR F 159 54.51 -33.34 47.88
CA THR F 159 55.89 -33.79 47.98
C THR F 159 56.74 -32.64 48.50
N VAL F 160 57.54 -32.92 49.53
CA VAL F 160 58.49 -31.94 50.05
C VAL F 160 59.74 -31.94 49.17
N PHE F 161 60.10 -33.11 48.65
CA PHE F 161 61.23 -33.28 47.74
C PHE F 161 62.54 -32.85 48.41
N GLU F 162 62.79 -33.38 49.61
CA GLU F 162 64.12 -33.26 50.20
C GLU F 162 64.92 -34.52 49.96
N VAL F 163 64.37 -35.67 50.34
CA VAL F 163 64.86 -36.99 49.90
C VAL F 163 63.74 -37.74 49.19
N LYS F 164 62.90 -37.01 48.46
CA LYS F 164 61.71 -37.57 47.79
C LYS F 164 60.74 -38.18 48.80
N LYS F 165 60.21 -37.32 49.66
CA LYS F 165 59.22 -37.73 50.66
C LYS F 165 57.87 -37.12 50.31
N THR F 166 56.81 -37.82 50.68
CA THR F 166 55.44 -37.39 50.43
C THR F 166 54.75 -37.14 51.75
N ARG F 167 54.09 -36.00 51.88
CA ARG F 167 53.40 -35.62 53.10
C ARG F 167 51.91 -35.50 52.84
N VAL F 168 51.11 -35.71 53.88
CA VAL F 168 49.65 -35.66 53.79
C VAL F 168 49.19 -34.45 54.60
N VAL F 169 48.37 -33.62 53.98
CA VAL F 169 47.84 -32.42 54.62
C VAL F 169 46.40 -32.67 55.04
N LYS F 170 46.08 -32.31 56.28
CA LYS F 170 44.73 -32.54 56.79
C LYS F 170 43.70 -31.76 55.99
N GLY F 171 44.02 -30.52 55.64
CA GLY F 171 43.12 -29.71 54.84
C GLY F 171 41.96 -29.13 55.64
N TYR F 172 40.93 -28.70 54.92
CA TYR F 172 39.78 -28.05 55.52
C TYR F 172 38.61 -29.01 55.60
N GLU F 173 37.87 -28.93 56.71
CA GLU F 173 36.63 -29.70 56.89
C GLU F 173 35.54 -28.75 57.33
N GLY F 174 34.39 -28.81 56.66
CA GLY F 174 33.27 -27.96 56.98
C GLY F 174 32.21 -28.04 55.91
N CYS F 175 31.03 -27.52 56.24
CA CYS F 175 29.91 -27.54 55.30
C CYS F 175 30.20 -26.61 54.12
N LYS F 176 29.80 -27.06 52.93
CA LYS F 176 29.92 -26.28 51.71
C LYS F 176 28.63 -26.37 50.93
N THR F 177 28.21 -25.25 50.35
CA THR F 177 26.98 -25.17 49.57
C THR F 177 27.32 -25.07 48.09
N PHE F 178 26.62 -25.87 47.27
CA PHE F 178 26.83 -25.88 45.83
C PHE F 178 25.60 -25.34 45.14
N ASN F 179 25.68 -24.39 44.23
CA ASN F 179 24.43 -23.83 43.68
C ASN F 179 23.91 -24.70 42.56
N VAL F 180 22.59 -24.77 42.40
CA VAL F 180 22.02 -25.65 41.38
C VAL F 180 21.39 -24.84 40.28
N MET F 181 21.60 -25.22 39.03
CA MET F 181 20.96 -24.52 37.91
C MET F 181 19.52 -24.92 37.78
N VAL F 182 18.73 -24.01 37.26
CA VAL F 182 17.32 -24.26 37.18
C VAL F 182 16.81 -25.26 36.19
N TYR F 183 17.60 -25.70 35.23
CA TYR F 183 17.10 -26.74 34.36
C TYR F 183 17.69 -28.09 34.73
N ASP F 184 18.41 -28.21 35.84
CA ASP F 184 19.07 -29.47 36.14
C ASP F 184 18.50 -30.21 37.30
N PHE F 185 17.92 -29.52 38.24
CA PHE F 185 17.30 -30.09 39.43
C PHE F 185 15.98 -30.74 39.06
N ILE F 186 15.67 -31.86 39.71
CA ILE F 186 14.49 -32.65 39.38
C ILE F 186 13.57 -32.67 40.58
N PRO F 187 12.41 -31.98 40.56
CA PRO F 187 11.60 -32.08 41.78
C PRO F 187 10.72 -33.27 41.81
N ASP F 188 9.65 -33.22 42.60
CA ASP F 188 8.67 -34.30 42.60
C ASP F 188 7.40 -33.67 42.12
N PRO F 189 6.82 -34.24 41.08
CA PRO F 189 5.64 -33.59 40.51
C PRO F 189 4.43 -33.48 41.39
N ARG F 190 4.17 -34.49 42.18
CA ARG F 190 2.97 -34.49 42.98
C ARG F 190 2.94 -33.39 43.98
N VAL F 191 4.07 -33.08 44.59
CA VAL F 191 4.03 -32.08 45.64
C VAL F 191 4.51 -30.74 45.16
N ALA F 192 3.81 -29.70 45.54
CA ALA F 192 4.11 -28.35 45.12
C ALA F 192 5.45 -27.88 45.71
N LEU F 193 6.08 -26.94 45.02
CA LEU F 193 7.37 -26.44 45.46
C LEU F 193 7.27 -25.66 46.77
N CYS F 194 6.06 -25.23 47.13
CA CYS F 194 5.90 -24.53 48.40
C CYS F 194 6.23 -25.43 49.59
N LYS F 195 5.86 -26.70 49.51
CA LYS F 195 6.19 -27.68 50.55
C LYS F 195 7.00 -28.83 49.95
N TYR F 196 8.02 -28.48 49.16
CA TYR F 196 8.83 -29.48 48.48
C TYR F 196 9.43 -30.47 49.48
N GLN F 197 9.72 -30.01 50.69
CA GLN F 197 10.39 -30.84 51.68
C GLN F 197 9.54 -32.05 52.06
N GLU F 198 8.22 -31.93 52.00
CA GLU F 198 7.32 -33.03 52.30
C GLU F 198 7.25 -34.05 51.17
N GLY F 199 7.87 -33.77 50.02
CA GLY F 199 7.81 -34.66 48.88
C GLY F 199 8.56 -35.97 49.14
N GLU F 200 8.67 -36.75 48.07
CA GLU F 200 9.28 -38.08 48.14
C GLU F 200 10.74 -38.09 47.72
N PHE F 201 11.05 -37.60 46.52
CA PHE F 201 12.40 -37.64 45.99
C PHE F 201 12.78 -36.31 45.38
N PHE F 202 14.06 -35.96 45.47
CA PHE F 202 14.61 -34.75 44.87
C PHE F 202 15.89 -35.13 44.14
N GLY F 203 16.02 -34.69 42.89
CA GLY F 203 17.13 -35.06 42.05
C GLY F 203 17.78 -33.85 41.39
N ARG F 204 19.03 -34.05 40.96
CA ARG F 204 19.78 -33.03 40.24
C ARG F 204 20.92 -33.68 39.50
N ARG F 205 21.38 -33.02 38.45
CA ARG F 205 22.44 -33.53 37.59
C ARG F 205 23.79 -32.97 38.03
N LEU F 206 24.85 -33.72 37.70
CA LEU F 206 26.22 -33.30 37.99
C LEU F 206 27.16 -34.19 37.20
N ASP F 207 28.41 -33.73 37.07
CA ASP F 207 29.45 -34.48 36.39
C ASP F 207 30.65 -34.65 37.32
N LEU F 208 31.27 -35.82 37.27
CA LEU F 208 32.38 -36.17 38.16
C LEU F 208 33.63 -36.37 37.33
N ASN F 209 34.72 -35.73 37.73
CA ASN F 209 36.01 -35.96 37.10
C ASN F 209 36.49 -37.37 37.40
N VAL F 210 37.01 -38.04 36.37
CA VAL F 210 37.50 -39.41 36.55
C VAL F 210 38.68 -39.42 37.51
N LEU F 211 39.47 -38.35 37.51
CA LEU F 211 40.53 -38.21 38.51
C LEU F 211 39.95 -38.18 39.92
N ASP F 212 38.92 -37.36 40.13
CA ASP F 212 38.28 -37.31 41.45
C ASP F 212 37.61 -38.63 41.79
N LEU F 213 36.90 -39.20 40.86
CA LEU F 213 36.14 -40.38 41.18
C LEU F 213 37.06 -41.44 41.65
N LYS F 214 38.06 -41.73 40.84
CA LYS F 214 38.93 -42.83 41.18
C LYS F 214 39.66 -42.54 42.46
N LYS F 215 39.96 -41.29 42.74
CA LYS F 215 40.60 -41.05 43.99
C LYS F 215 39.68 -41.44 45.09
N GLY F 216 38.43 -41.07 44.95
CA GLY F 216 37.47 -41.34 46.00
C GLY F 216 37.22 -42.80 46.05
N ALA F 217 37.71 -43.51 45.06
CA ALA F 217 37.57 -44.96 45.09
C ALA F 217 38.26 -45.56 46.31
N LYS F 218 39.45 -45.09 46.64
CA LYS F 218 40.12 -45.54 47.85
C LYS F 218 39.40 -45.09 49.11
N PHE F 219 38.61 -44.01 49.02
CA PHE F 219 37.89 -43.49 50.18
C PHE F 219 36.78 -44.42 50.63
N GLY F 220 36.38 -45.38 49.80
CA GLY F 220 35.33 -46.31 50.14
C GLY F 220 33.93 -45.86 49.83
N LYS F 221 33.75 -44.64 49.32
CA LYS F 221 32.43 -44.12 48.99
C LYS F 221 32.04 -44.38 47.54
N TYR F 222 32.87 -45.05 46.77
CA TYR F 222 32.59 -45.34 45.37
C TYR F 222 32.93 -46.79 45.06
N PHE F 223 32.20 -47.35 44.11
CA PHE F 223 32.42 -48.72 43.65
C PHE F 223 32.01 -48.82 42.20
N ASN F 224 32.03 -50.05 41.67
CA ASN F 224 31.64 -50.27 40.28
C ASN F 224 32.27 -49.19 39.45
N VAL F 225 33.36 -48.62 39.95
CA VAL F 225 34.06 -47.57 39.23
C VAL F 225 34.56 -48.26 38.02
N GLU F 226 34.88 -49.53 38.17
CA GLU F 226 35.50 -50.20 37.08
C GLU F 226 34.73 -50.27 35.79
N HIS F 227 33.50 -50.74 35.81
CA HIS F 227 32.86 -50.86 34.53
C HIS F 227 32.53 -49.48 34.08
N ALA F 228 32.22 -48.62 35.02
CA ALA F 228 31.81 -47.29 34.68
C ALA F 228 32.81 -46.41 34.01
N GLU F 229 34.07 -46.55 34.35
CA GLU F 229 35.05 -45.60 33.87
C GLU F 229 35.20 -45.37 32.41
N ALA F 230 35.05 -46.39 31.60
CA ALA F 230 35.32 -46.20 30.19
C ALA F 230 34.43 -45.14 29.60
N LEU F 231 33.18 -45.08 30.01
CA LEU F 231 32.33 -44.13 29.37
C LEU F 231 32.85 -42.76 29.70
N VAL F 232 33.13 -41.94 28.71
CA VAL F 232 33.51 -40.57 28.97
C VAL F 232 32.68 -39.67 28.07
N ALA F 233 31.66 -40.24 27.41
CA ALA F 233 30.78 -39.48 26.49
C ALA F 233 29.28 -39.38 26.89
N ALA F 234 28.74 -38.18 27.02
CA ALA F 234 27.34 -37.97 27.46
C ALA F 234 26.71 -36.76 26.74
N SER F 235 25.40 -36.62 26.79
CA SER F 235 24.74 -35.53 26.06
C SER F 235 24.14 -34.47 26.93
N LYS F 236 23.94 -33.27 26.39
CA LYS F 236 23.21 -32.23 27.14
C LYS F 236 21.86 -31.94 26.52
N GLU F 237 20.78 -32.36 27.19
CA GLU F 237 19.42 -32.19 26.68
C GLU F 237 18.81 -30.80 26.61
N GLU F 238 19.06 -29.97 27.64
CA GLU F 238 18.41 -28.67 27.68
C GLU F 238 19.40 -27.53 27.84
N MET F 239 20.13 -27.20 26.80
CA MET F 239 21.03 -26.07 26.83
C MET F 239 20.19 -24.84 26.79
N TYR F 240 20.66 -23.74 27.37
CA TYR F 240 19.81 -22.56 27.48
C TYR F 240 19.77 -21.64 26.31
N ARG F 241 19.67 -20.36 26.58
CA ARG F 241 19.52 -19.40 25.50
C ARG F 241 20.60 -19.31 24.52
N ARG F 242 20.22 -19.04 23.29
CA ARG F 242 21.16 -18.96 22.26
C ARG F 242 22.06 -17.84 22.69
N ASP F 243 21.48 -16.88 23.42
CA ASP F 243 22.23 -15.69 23.83
C ASP F 243 23.44 -15.82 24.79
N PRO F 244 23.24 -16.33 26.03
CA PRO F 244 24.46 -16.37 26.85
C PRO F 244 25.60 -17.26 26.34
N SER F 245 25.50 -18.58 26.44
CA SER F 245 26.59 -19.48 26.05
C SER F 245 26.85 -19.41 24.56
N ILE F 246 28.11 -19.54 24.16
CA ILE F 246 28.45 -19.40 22.75
C ILE F 246 28.27 -20.68 21.96
N GLY F 247 27.05 -20.98 21.55
CA GLY F 247 26.81 -22.25 20.88
C GLY F 247 27.31 -23.21 21.92
N GLN F 248 28.26 -24.03 21.56
CA GLN F 248 28.87 -24.90 22.56
C GLN F 248 30.18 -24.22 22.87
N GLN F 249 30.48 -24.02 24.14
CA GLN F 249 31.77 -23.47 24.45
C GLN F 249 32.77 -24.47 23.92
N ARG F 250 32.51 -25.76 24.12
CA ARG F 250 33.37 -26.82 23.55
C ARG F 250 32.48 -27.71 22.70
N SER F 251 32.91 -28.06 21.50
CA SER F 251 32.04 -28.83 20.59
C SER F 251 31.62 -30.21 21.04
N LEU F 252 32.54 -30.93 21.63
CA LEU F 252 32.25 -32.29 22.06
C LEU F 252 32.85 -32.32 23.42
N LYS F 253 32.63 -33.39 24.20
CA LYS F 253 33.14 -33.36 25.57
C LYS F 253 34.62 -33.62 25.46
N ASP F 254 35.37 -32.57 25.16
CA ASP F 254 36.77 -32.75 24.94
C ASP F 254 37.50 -33.17 26.18
N SER F 255 38.08 -34.36 26.12
CA SER F 255 38.88 -34.86 27.22
C SER F 255 40.27 -34.81 26.66
N THR F 256 41.27 -34.72 27.50
CA THR F 256 42.62 -34.58 26.98
C THR F 256 43.30 -35.90 26.88
N MET F 257 43.83 -36.27 25.72
CA MET F 257 44.56 -37.53 25.76
C MET F 257 45.71 -37.43 26.76
N THR F 258 45.83 -38.46 27.60
CA THR F 258 46.92 -38.55 28.57
C THR F 258 47.78 -39.77 28.26
N PRO F 259 49.09 -39.60 28.08
CA PRO F 259 49.96 -40.73 27.70
C PRO F 259 49.95 -41.83 28.75
N LYS F 260 50.45 -43.00 28.32
CA LYS F 260 50.60 -44.17 29.17
C LYS F 260 49.24 -44.73 29.62
N GLY F 261 48.28 -44.70 28.70
CA GLY F 261 47.12 -45.58 28.78
C GLY F 261 46.07 -45.19 29.79
N LYS F 262 45.77 -43.89 29.87
CA LYS F 262 44.62 -43.44 30.64
C LYS F 262 43.94 -42.25 29.97
N GLN F 263 42.81 -41.82 30.54
CA GLN F 263 42.04 -40.71 30.00
C GLN F 263 41.46 -39.90 31.14
N VAL F 264 41.50 -38.57 30.98
CA VAL F 264 40.94 -37.66 31.97
C VAL F 264 39.72 -36.98 31.37
N GLY F 265 38.66 -36.88 32.17
CA GLY F 265 37.44 -36.29 31.70
C GLY F 265 36.39 -36.31 32.79
N ASP F 266 35.12 -36.23 32.37
CA ASP F 266 34.01 -36.25 33.30
C ASP F 266 32.93 -37.21 32.82
N ILE F 267 32.17 -37.72 33.78
CA ILE F 267 31.06 -38.64 33.51
C ILE F 267 29.79 -38.06 34.10
N SER F 268 28.72 -38.03 33.32
CA SER F 268 27.45 -37.53 33.80
C SER F 268 26.92 -38.41 34.93
N CYS F 269 26.27 -37.77 35.89
CA CYS F 269 25.75 -38.48 37.06
C CYS F 269 24.52 -37.75 37.57
N VAL F 270 23.69 -38.49 38.30
CA VAL F 270 22.47 -37.95 38.89
C VAL F 270 22.41 -38.38 40.35
N GLU F 271 22.07 -37.43 41.23
CA GLU F 271 21.87 -37.70 42.64
C GLU F 271 20.39 -37.77 42.95
N ILE F 272 20.01 -38.72 43.78
CA ILE F 272 18.61 -38.88 44.17
C ILE F 272 18.54 -39.19 45.66
N PHE F 273 17.59 -38.56 46.34
CA PHE F 273 17.29 -38.83 47.74
C PHE F 273 15.89 -39.41 47.81
N VAL F 274 15.76 -40.59 48.44
CA VAL F 274 14.48 -41.27 48.48
C VAL F 274 14.20 -41.75 49.91
N ARG F 275 12.91 -41.84 50.23
CA ARG F 275 12.44 -42.49 51.44
C ARG F 275 11.86 -43.84 51.05
N LEU F 276 12.25 -44.89 51.77
CA LEU F 276 11.95 -46.24 51.32
C LEU F 276 11.81 -47.18 52.51
N VAL F 277 11.17 -48.31 52.25
CA VAL F 277 11.08 -49.40 53.21
C VAL F 277 12.08 -50.47 52.76
N PRO F 278 13.10 -50.79 53.57
CA PRO F 278 14.10 -51.77 53.11
C PRO F 278 13.52 -53.14 52.78
N LYS F 279 12.52 -53.59 53.52
CA LYS F 279 11.88 -54.87 53.18
C LYS F 279 11.14 -54.76 51.85
N ASP F 280 10.69 -53.61 51.44
CA ASP F 280 10.05 -53.59 50.16
C ASP F 280 11.11 -53.52 49.10
N TRP F 281 12.06 -52.60 49.25
CA TRP F 281 13.10 -52.43 48.23
C TRP F 281 14.09 -53.56 48.18
N GLY F 282 14.19 -54.32 49.27
CA GLY F 282 15.06 -55.48 49.29
C GLY F 282 16.43 -55.26 49.80
N LEU F 283 16.75 -54.02 50.09
CA LEU F 283 18.02 -53.77 50.69
C LEU F 283 18.13 -54.38 52.07
N GLY F 284 17.06 -54.31 52.86
CA GLY F 284 17.16 -54.76 54.25
C GLY F 284 15.94 -55.25 55.00
N ASP F 285 16.10 -55.51 56.30
CA ASP F 285 14.99 -56.00 57.12
C ASP F 285 14.38 -55.00 58.09
N SER F 286 13.31 -54.32 57.70
CA SER F 286 12.55 -53.39 58.54
C SER F 286 11.23 -53.09 57.84
N GLU F 287 10.25 -52.66 58.63
CA GLU F 287 8.93 -52.34 58.10
C GLU F 287 8.67 -50.83 58.04
N PHE F 288 9.45 -50.06 58.78
CA PHE F 288 9.27 -48.62 58.83
C PHE F 288 10.03 -47.92 57.70
N PRO F 289 9.55 -46.77 57.24
CA PRO F 289 10.24 -46.06 56.17
C PRO F 289 11.61 -45.55 56.61
N GLU F 290 12.51 -45.42 55.64
CA GLU F 290 13.87 -44.99 55.92
C GLU F 290 14.38 -44.09 54.80
N MET F 291 15.31 -43.22 55.14
CA MET F 291 15.90 -42.27 54.19
C MET F 291 17.29 -42.73 53.77
N TRP F 292 17.45 -43.02 52.49
CA TRP F 292 18.75 -43.44 51.95
C TRP F 292 19.10 -42.55 50.76
N VAL F 293 20.30 -42.76 50.22
CA VAL F 293 20.80 -42.02 49.07
C VAL F 293 21.34 -43.01 48.03
N PHE F 294 21.00 -42.77 46.77
CA PHE F 294 21.56 -43.50 45.64
C PHE F 294 22.14 -42.51 44.64
N THR F 295 23.16 -42.95 43.91
CA THR F 295 23.78 -42.15 42.86
C THR F 295 23.82 -42.98 41.58
N VAL F 296 23.32 -42.40 40.49
CA VAL F 296 23.21 -43.09 39.21
C VAL F 296 24.12 -42.42 38.21
N ALA F 297 25.01 -43.20 37.62
CA ALA F 297 25.92 -42.70 36.59
C ALA F 297 25.26 -42.86 35.23
N ASP F 298 24.96 -41.73 34.59
CA ASP F 298 24.26 -41.68 33.31
C ASP F 298 22.92 -42.43 33.48
N LYS F 299 22.53 -43.29 32.54
CA LYS F 299 21.28 -44.04 32.64
C LYS F 299 21.52 -45.53 32.75
N LYS F 300 22.72 -45.96 33.08
CA LYS F 300 23.08 -47.38 33.02
C LYS F 300 23.67 -47.92 34.32
N TYR F 301 24.46 -47.14 35.05
CA TYR F 301 25.24 -47.68 36.16
C TYR F 301 24.96 -46.92 37.44
N ILE F 302 25.18 -47.60 38.55
CA ILE F 302 25.11 -47.01 39.89
C ILE F 302 26.49 -47.11 40.51
N VAL F 303 26.99 -45.99 41.05
CA VAL F 303 28.34 -45.94 41.58
C VAL F 303 28.38 -45.88 43.10
N ALA F 304 27.38 -45.29 43.75
CA ALA F 304 27.40 -45.15 45.20
C ALA F 304 25.98 -45.23 45.75
N ALA F 305 25.85 -45.86 46.91
CA ALA F 305 24.58 -45.98 47.61
C ALA F 305 24.88 -46.29 49.07
N GLU F 306 24.35 -45.47 49.97
CA GLU F 306 24.63 -45.58 51.39
C GLU F 306 23.45 -45.02 52.17
N PRO F 307 23.33 -45.38 53.45
CA PRO F 307 22.26 -44.79 54.27
C PRO F 307 22.56 -43.35 54.66
N VAL F 308 21.60 -42.74 55.35
CA VAL F 308 21.71 -41.36 55.81
C VAL F 308 21.82 -41.37 57.32
N ASN F 309 22.86 -40.72 57.85
CA ASN F 309 23.17 -40.76 59.27
C ASN F 309 22.83 -39.47 60.00
N THR F 310 22.57 -38.37 59.28
CA THR F 310 22.22 -37.13 59.95
C THR F 310 20.85 -37.24 60.61
N LEU F 311 20.67 -36.53 61.72
CA LEU F 311 19.48 -36.70 62.52
C LEU F 311 18.24 -36.12 61.85
N ASP F 312 18.35 -34.95 61.24
CA ASP F 312 17.19 -34.29 60.68
C ASP F 312 16.63 -35.09 59.50
N ASP F 313 15.30 -35.17 59.43
CA ASP F 313 14.63 -35.92 58.39
C ASP F 313 14.59 -35.18 57.05
N LYS F 314 14.80 -33.87 57.07
CA LYS F 314 14.63 -33.06 55.87
C LYS F 314 15.75 -33.30 54.87
N PHE F 315 15.42 -33.13 53.58
CA PHE F 315 16.44 -33.20 52.55
C PHE F 315 17.39 -32.02 52.67
N PRO F 316 18.67 -32.22 52.40
CA PRO F 316 19.62 -31.08 52.40
C PRO F 316 19.51 -30.24 51.14
N PHE F 317 18.36 -29.58 50.98
CA PHE F 317 18.08 -28.74 49.82
C PHE F 317 17.16 -27.60 50.25
N HIS F 318 17.30 -26.46 49.61
CA HIS F 318 16.62 -25.24 50.02
C HIS F 318 16.11 -24.49 48.79
N ILE F 319 14.83 -24.10 48.82
CA ILE F 319 14.17 -23.49 47.68
C ILE F 319 13.58 -22.15 48.10
N LEU F 320 13.71 -21.16 47.22
CA LEU F 320 13.05 -19.87 47.38
C LEU F 320 12.18 -19.59 46.16
N GLU F 321 11.04 -18.95 46.39
CA GLU F 321 10.11 -18.56 45.33
C GLU F 321 9.82 -17.08 45.43
N CYS F 322 9.83 -16.40 44.28
CA CYS F 322 9.57 -14.96 44.26
C CYS F 322 8.12 -14.67 44.60
N GLU F 323 7.19 -15.37 43.95
CA GLU F 323 5.77 -15.17 44.22
C GLU F 323 5.39 -15.80 45.55
N ILE F 324 4.29 -15.31 46.13
CA ILE F 324 3.79 -15.80 47.41
C ILE F 324 2.39 -16.37 47.20
N ASP F 325 2.24 -17.67 47.46
CA ASP F 325 0.96 -18.34 47.42
C ASP F 325 1.11 -19.77 47.94
N GLY F 326 0.16 -20.23 48.77
CA GLY F 326 0.21 -21.57 49.32
C GLY F 326 -0.39 -22.64 48.46
N TYR F 327 -0.66 -22.36 47.19
CA TYR F 327 -1.33 -23.27 46.28
C TYR F 327 -0.33 -23.82 45.27
N MET F 328 -0.83 -24.69 44.39
CA MET F 328 -0.04 -25.12 43.25
C MET F 328 -0.06 -24.04 42.18
N ASN F 329 1.09 -23.45 41.92
CA ASN F 329 1.17 -22.29 41.03
C ASN F 329 2.39 -22.44 40.13
N LYS F 330 2.49 -21.52 39.18
CA LYS F 330 3.70 -21.36 38.37
C LYS F 330 4.46 -20.14 38.87
N SER F 331 5.73 -20.33 39.21
CA SER F 331 6.53 -19.26 39.78
C SER F 331 6.90 -18.27 38.68
N ARG F 332 6.40 -17.05 38.82
CA ARG F 332 6.64 -15.99 37.84
C ARG F 332 7.53 -14.92 38.45
N GLY F 333 8.62 -14.61 37.77
CA GLY F 333 9.58 -13.63 38.23
C GLY F 333 9.14 -12.22 37.93
N LEU F 334 9.90 -11.25 38.46
CA LEU F 334 9.57 -9.84 38.24
C LEU F 334 9.66 -9.47 36.77
N LEU F 335 10.67 -10.01 36.07
CA LEU F 335 10.84 -9.69 34.66
C LEU F 335 9.65 -10.17 33.84
N GLU F 336 9.16 -11.37 34.12
CA GLU F 336 8.00 -11.88 33.39
C GLU F 336 6.76 -11.04 33.67
N ILE F 337 6.63 -10.55 34.90
CA ILE F 337 5.50 -9.68 35.24
C ILE F 337 5.59 -8.37 34.45
N SER F 338 6.78 -7.77 34.38
CA SER F 338 6.91 -6.45 33.79
C SER F 338 7.13 -6.49 32.27
N ALA F 339 7.27 -7.70 31.70
CA ALA F 339 7.56 -7.79 30.27
C ALA F 339 6.56 -7.08 29.36
N PRO F 340 5.24 -7.23 29.52
CA PRO F 340 4.32 -6.47 28.63
C PRO F 340 4.47 -4.97 28.79
N MET F 341 4.48 -4.48 30.04
CA MET F 341 4.64 -3.06 30.27
C MET F 341 5.98 -2.57 29.74
N ASN F 342 7.02 -3.40 29.86
CA ASN F 342 8.30 -3.07 29.23
C ASN F 342 8.16 -2.98 27.73
N ASP F 343 7.26 -3.75 27.15
CA ASP F 343 7.14 -3.78 25.71
C ASP F 343 6.43 -2.60 25.19
N ILE F 344 5.47 -2.14 25.94
CA ILE F 344 4.81 -0.95 25.53
C ILE F 344 5.90 0.09 25.52
N LEU F 345 6.81 0.07 26.46
CA LEU F 345 7.81 1.11 26.44
C LEU F 345 8.60 1.03 25.15
N THR F 346 8.97 -0.16 24.71
CA THR F 346 9.81 -0.25 23.53
C THR F 346 9.16 0.26 22.29
N TRP F 347 7.88 -0.01 22.09
CA TRP F 347 7.19 0.53 20.94
C TRP F 347 7.12 2.00 21.00
N LEU F 348 6.81 2.54 22.15
CA LEU F 348 6.61 3.96 22.19
C LEU F 348 7.89 4.66 21.85
N PHE F 349 8.99 4.25 22.41
CA PHE F 349 10.19 4.96 22.11
C PHE F 349 10.49 4.77 20.70
N ASP F 350 10.35 3.56 20.24
CA ASP F 350 10.78 3.30 18.89
C ASP F 350 10.01 4.05 17.90
N SER F 351 8.73 4.16 18.11
CA SER F 351 8.03 4.83 17.09
C SER F 351 8.59 6.22 17.06
N HIS F 352 8.87 6.83 18.20
CA HIS F 352 9.33 8.21 18.20
C HIS F 352 10.59 8.34 17.38
N MET F 353 11.64 7.62 17.70
CA MET F 353 12.86 7.85 16.96
C MET F 353 12.64 7.59 15.52
N TYR F 354 11.90 6.56 15.20
CA TYR F 354 11.80 6.24 13.80
C TYR F 354 11.13 7.34 13.00
N ASN F 355 10.07 7.92 13.49
CA ASN F 355 9.45 9.02 12.77
C ASN F 355 10.35 10.23 12.66
N LYS F 356 11.09 10.55 13.70
CA LYS F 356 12.01 11.66 13.65
C LYS F 356 13.04 11.42 12.58
N ARG F 357 13.53 10.20 12.46
CA ARG F 357 14.58 9.95 11.51
C ARG F 357 14.11 10.23 10.13
N GLN F 358 12.92 9.77 9.80
CA GLN F 358 12.46 9.93 8.44
C GLN F 358 12.23 11.32 7.98
N ILE F 359 11.69 12.17 8.82
CA ILE F 359 11.38 13.48 8.32
C ILE F 359 12.28 14.65 8.69
N MET F 360 12.60 14.83 9.97
CA MET F 360 13.30 16.04 10.39
C MET F 360 14.58 16.24 9.58
N ASN F 361 14.50 17.13 8.58
CA ASN F 361 15.66 17.60 7.83
C ASN F 361 15.34 18.97 7.26
N ASN F 362 16.36 19.83 7.19
CA ASN F 362 16.19 21.16 6.62
C ASN F 362 16.30 21.08 5.10
N GLN F 363 15.24 21.50 4.41
CA GLN F 363 15.20 21.46 2.95
C GLN F 363 14.47 22.69 2.46
N PHE F 364 14.55 22.93 1.15
CA PHE F 364 13.95 24.12 0.53
C PHE F 364 13.02 23.75 -0.61
N ILE F 365 12.13 24.68 -0.93
CA ILE F 365 11.23 24.59 -2.07
C ILE F 365 11.42 25.86 -2.90
N GLY F 366 11.58 25.68 -4.20
CA GLY F 366 11.72 26.85 -5.06
C GLY F 366 11.76 26.45 -6.52
N ASP F 367 11.56 27.44 -7.38
CA ASP F 367 11.62 27.23 -8.81
C ASP F 367 13.01 27.58 -9.33
N PRO F 368 13.77 26.62 -9.86
CA PRO F 368 15.13 26.91 -10.33
C PRO F 368 15.19 27.67 -11.64
N SER F 369 14.06 28.03 -12.24
CA SER F 369 14.07 28.77 -13.50
C SER F 369 14.68 30.15 -13.32
N ALA F 370 14.37 30.81 -12.20
CA ALA F 370 14.78 32.19 -11.99
C ALA F 370 16.10 32.34 -11.24
N LEU F 371 16.44 31.42 -10.35
CA LEU F 371 17.64 31.62 -9.54
C LEU F 371 18.91 31.30 -10.25
N VAL F 372 20.00 31.96 -9.89
CA VAL F 372 21.26 31.63 -10.49
C VAL F 372 21.78 30.47 -9.70
N VAL F 373 21.87 29.31 -10.31
CA VAL F 373 22.24 28.14 -9.56
C VAL F 373 23.57 28.16 -8.92
N LYS F 374 24.55 28.71 -9.58
CA LYS F 374 25.87 28.62 -9.00
C LYS F 374 25.85 29.30 -7.67
N ASP F 375 25.13 30.38 -7.60
CA ASP F 375 25.17 31.11 -6.38
C ASP F 375 24.53 30.43 -5.21
N VAL F 376 23.43 29.73 -5.39
CA VAL F 376 22.78 29.16 -4.22
C VAL F 376 23.67 28.18 -3.50
N GLU F 377 24.42 27.38 -4.22
CA GLU F 377 25.21 26.36 -3.54
C GLU F 377 26.25 26.91 -2.62
N SER F 378 26.89 28.00 -2.99
CA SER F 378 27.99 28.51 -2.18
C SER F 378 27.72 28.91 -0.77
N LYS F 379 28.67 28.75 0.15
CA LYS F 379 28.51 29.21 1.53
C LYS F 379 29.52 30.25 1.94
N GLU F 380 29.13 31.50 2.12
CA GLU F 380 30.05 32.57 2.46
C GLU F 380 29.33 33.50 3.38
N PRO F 381 30.04 34.39 4.08
CA PRO F 381 29.27 35.19 5.02
C PRO F 381 28.19 36.01 4.41
N GLY F 382 28.45 36.69 3.30
CA GLY F 382 27.38 37.40 2.63
C GLY F 382 27.31 37.14 1.14
N LYS F 383 26.16 36.74 0.62
CA LYS F 383 26.01 36.47 -0.80
C LYS F 383 24.75 37.10 -1.25
N PHE F 384 24.70 37.49 -2.50
CA PHE F 384 23.48 38.01 -3.01
C PHE F 384 23.11 37.08 -4.11
N ILE F 385 22.10 36.25 -3.91
CA ILE F 385 21.61 35.41 -4.98
C ILE F 385 20.86 36.41 -5.83
N ARG F 386 20.61 36.14 -7.09
CA ARG F 386 19.97 37.16 -7.89
C ARG F 386 18.49 36.93 -8.16
N LEU F 387 17.61 37.99 -8.16
CA LEU F 387 16.18 37.91 -8.41
C LEU F 387 15.41 37.77 -7.10
N ARG F 388 14.07 37.81 -7.21
CA ARG F 388 13.13 37.98 -6.11
C ARG F 388 12.92 36.69 -5.30
N PRO F 389 12.39 36.79 -4.06
CA PRO F 389 12.31 35.61 -3.16
C PRO F 389 11.26 34.58 -3.55
N ILE F 390 11.65 33.66 -4.44
CA ILE F 390 10.78 32.55 -4.81
C ILE F 390 10.95 31.36 -3.87
N ILE F 391 12.12 31.23 -3.24
CA ILE F 391 12.45 30.09 -2.41
C ILE F 391 11.57 30.10 -1.16
N SER F 392 11.24 28.90 -0.68
CA SER F 392 10.40 28.75 0.50
C SER F 392 10.97 27.67 1.41
N GLN F 393 10.61 27.75 2.69
CA GLN F 393 11.06 26.82 3.71
C GLN F 393 10.00 25.75 3.96
N LEU F 394 10.45 24.52 4.18
CA LEU F 394 9.53 23.41 4.40
C LEU F 394 8.95 23.49 5.81
N PRO F 395 7.62 23.57 5.95
CA PRO F 395 7.03 23.48 7.29
C PRO F 395 6.90 22.04 7.75
N VAL F 396 7.69 21.62 8.74
CA VAL F 396 7.66 20.27 9.26
C VAL F 396 7.36 20.33 10.75
N THR F 397 6.41 19.53 11.20
CA THR F 397 6.02 19.45 12.60
C THR F 397 6.01 17.98 13.02
N ASP F 398 6.51 17.72 14.22
CA ASP F 398 6.54 16.36 14.75
C ASP F 398 5.30 16.19 15.63
N VAL F 399 4.39 15.31 15.20
CA VAL F 399 3.17 15.06 15.96
C VAL F 399 3.45 14.32 17.26
N THR F 400 4.47 13.47 17.29
CA THR F 400 4.76 12.62 18.43
C THR F 400 5.69 13.27 19.44
N ALA F 401 5.71 14.61 19.50
CA ALA F 401 6.50 15.29 20.51
C ALA F 401 5.85 15.20 21.89
N GLN F 402 4.63 14.70 21.96
CA GLN F 402 3.85 14.62 23.20
C GLN F 402 4.08 13.30 23.93
N ASN F 403 4.94 12.43 23.40
CA ASN F 403 5.11 11.09 23.95
C ASN F 403 5.66 11.09 25.36
N ILE F 404 6.23 12.20 25.82
CA ILE F 404 6.82 12.26 27.16
C ILE F 404 5.75 12.01 28.22
N GLN F 405 4.56 12.60 28.04
CA GLN F 405 3.49 12.42 29.01
C GLN F 405 3.08 10.95 29.09
N ASP F 406 2.97 10.28 27.95
CA ASP F 406 2.65 8.86 27.95
C ASP F 406 3.77 8.04 28.60
N VAL F 407 5.03 8.41 28.37
CA VAL F 407 6.13 7.67 28.96
C VAL F 407 6.07 7.77 30.49
N GLN F 408 5.81 8.96 31.01
CA GLN F 408 5.71 9.10 32.46
C GLN F 408 4.62 8.23 33.05
N VAL F 409 3.42 8.22 32.44
CA VAL F 409 2.32 7.46 33.02
C VAL F 409 2.59 5.96 32.92
N VAL F 410 3.22 5.51 31.84
CA VAL F 410 3.50 4.07 31.75
C VAL F 410 4.59 3.67 32.74
N GLU F 411 5.60 4.54 32.98
CA GLU F 411 6.58 4.21 34.01
C GLU F 411 5.94 4.17 35.38
N ARG F 412 5.02 5.11 35.66
CA ARG F 412 4.31 5.08 36.93
C ARG F 412 3.49 3.80 37.08
N ASN F 413 2.87 3.35 35.98
CA ASN F 413 2.10 2.11 36.04
C ASN F 413 3.00 0.91 36.28
N MET F 414 4.20 0.92 35.69
CA MET F 414 5.14 -0.17 35.95
C MET F 414 5.60 -0.15 37.41
N GLN F 415 5.80 1.04 37.97
CA GLN F 415 6.05 1.13 39.40
C GLN F 415 4.88 0.56 40.20
N ARG F 416 3.65 0.80 39.73
CA ARG F 416 2.48 0.25 40.39
C ARG F 416 2.50 -1.28 40.39
N ILE F 417 2.82 -1.88 39.25
CA ILE F 417 2.79 -3.34 39.13
C ILE F 417 3.95 -3.98 39.89
N VAL F 418 5.16 -3.41 39.83
CA VAL F 418 6.30 -4.08 40.45
C VAL F 418 6.48 -3.62 41.89
N GLY F 419 6.16 -2.38 42.23
CA GLY F 419 6.26 -1.93 43.61
C GLY F 419 7.60 -1.50 44.19
N VAL F 420 8.61 -1.32 43.36
CA VAL F 420 9.90 -0.97 43.88
C VAL F 420 9.96 0.36 44.60
N ASN F 421 9.36 1.41 44.07
CA ASN F 421 9.34 2.67 44.80
C ASN F 421 7.97 3.25 44.82
N ASP F 422 6.95 2.41 44.89
CA ASP F 422 5.60 2.92 44.78
C ASP F 422 5.28 3.85 45.89
N ASP F 423 4.58 4.92 45.57
CA ASP F 423 4.22 5.91 46.58
C ASP F 423 2.86 5.70 47.21
N VAL F 424 2.14 4.66 46.81
CA VAL F 424 0.86 4.34 47.46
C VAL F 424 1.19 4.02 48.91
N ALA F 425 2.42 3.57 49.16
CA ALA F 425 2.83 3.33 50.52
C ALA F 425 2.78 4.66 51.28
N GLY F 426 3.19 5.76 50.67
CA GLY F 426 3.05 7.06 51.30
C GLY F 426 4.12 7.45 52.29
N GLN F 427 3.96 8.61 52.92
CA GLN F 427 4.96 9.09 53.88
C GLN F 427 4.43 9.23 55.30
N SER F 428 5.06 8.54 56.26
CA SER F 428 4.67 8.67 57.67
C SER F 428 5.88 8.31 58.51
N SER F 429 5.94 8.81 59.73
CA SER F 429 7.11 8.57 60.58
C SER F 429 7.31 7.10 60.90
N PRO F 430 8.57 6.65 60.97
CA PRO F 430 8.75 5.21 61.18
C PRO F 430 8.20 4.66 62.51
N SER F 431 8.54 5.25 63.64
CA SER F 431 8.08 4.79 64.95
C SER F 431 7.93 3.28 65.05
N SER F 432 9.04 2.56 65.12
CA SER F 432 8.97 1.11 65.20
C SER F 432 9.44 0.48 66.49
N ARG F 433 8.57 -0.27 67.16
CA ARG F 433 8.97 -0.98 68.37
C ARG F 433 8.39 -2.34 68.13
N ARG F 434 8.98 -3.05 67.21
CA ARG F 434 8.51 -4.36 66.88
C ARG F 434 8.64 -5.33 68.02
N SER F 435 9.76 -5.32 68.72
CA SER F 435 9.97 -6.32 69.74
C SER F 435 10.02 -5.77 71.13
N ALA F 436 9.35 -6.42 72.07
CA ALA F 436 9.30 -5.86 73.39
C ALA F 436 10.52 -6.19 74.20
N THR F 437 11.68 -5.65 73.82
CA THR F 437 12.93 -5.87 74.54
C THR F 437 14.01 -5.20 73.70
N GLU F 438 15.28 -5.44 73.96
CA GLU F 438 16.33 -4.86 73.15
C GLU F 438 16.59 -5.64 71.86
N PHE F 439 15.78 -5.44 70.82
CA PHE F 439 15.93 -6.15 69.53
C PHE F 439 15.81 -5.18 68.38
N ARG F 440 16.84 -4.41 68.08
CA ARG F 440 16.78 -3.37 67.02
C ARG F 440 15.46 -2.95 66.44
N GLY F 441 14.76 -2.07 67.14
CA GLY F 441 13.54 -1.50 66.64
C GLY F 441 13.86 -0.42 65.64
N THR F 442 12.97 -0.16 64.68
CA THR F 442 13.14 0.87 63.63
C THR F 442 13.79 0.25 62.41
N THR F 443 13.55 0.84 61.24
CA THR F 443 14.06 0.23 60.03
C THR F 443 14.55 1.28 59.08
N SER F 444 15.39 0.90 58.11
CA SER F 444 15.79 1.88 57.09
C SER F 444 14.52 2.23 56.40
N PHE F 445 13.67 1.25 56.14
CA PHE F 445 12.36 1.58 55.62
C PHE F 445 11.35 0.70 56.35
N ALA F 446 10.26 1.30 56.85
CA ALA F 446 9.29 0.53 57.59
C ALA F 446 8.64 -0.55 56.73
N SER F 447 8.15 -0.20 55.55
CA SER F 447 7.61 -1.19 54.62
C SER F 447 7.75 -0.55 53.29
N SER F 448 8.26 -1.25 52.32
CA SER F 448 8.28 -0.65 51.03
C SER F 448 7.52 -1.64 50.24
N ARG F 449 7.00 -2.67 50.90
CA ARG F 449 6.33 -3.75 50.22
C ARG F 449 7.42 -4.56 49.61
N LEU F 450 8.66 -4.15 49.84
CA LEU F 450 9.77 -4.89 49.36
C LEU F 450 10.08 -5.67 50.56
N ALA F 451 9.91 -5.05 51.70
CA ALA F 451 10.28 -5.73 52.90
C ALA F 451 9.48 -6.97 53.12
N ASN F 452 8.19 -6.91 52.87
CA ASN F 452 7.37 -8.07 53.15
C ASN F 452 7.93 -9.21 52.35
N LEU F 453 8.38 -8.93 51.14
CA LEU F 453 8.82 -10.01 50.33
C LEU F 453 9.99 -10.57 51.04
N ALA F 454 10.84 -9.72 51.55
CA ALA F 454 12.05 -10.21 52.16
C ALA F 454 11.70 -11.11 53.26
N TYR F 455 11.05 -10.54 54.24
CA TYR F 455 10.60 -11.35 55.36
C TYR F 455 10.13 -12.72 54.90
N PHE F 456 9.40 -12.76 53.77
CA PHE F 456 8.91 -14.04 53.27
C PHE F 456 10.06 -14.97 52.87
N PHE F 457 11.06 -14.43 52.17
CA PHE F 457 12.23 -15.21 51.81
C PHE F 457 12.92 -15.73 53.05
N SER F 458 13.11 -14.86 54.05
CA SER F 458 13.68 -15.29 55.31
C SER F 458 12.94 -16.50 55.85
N VAL F 459 11.64 -16.33 56.12
CA VAL F 459 10.85 -17.37 56.78
C VAL F 459 10.88 -18.67 55.99
N THR F 460 10.75 -18.58 54.66
CA THR F 460 10.60 -19.81 53.89
C THR F 460 11.93 -20.54 53.68
N GLY F 461 13.01 -19.83 53.36
CA GLY F 461 14.23 -20.53 53.03
C GLY F 461 15.41 -20.30 53.96
N PHE F 462 15.54 -19.09 54.50
CA PHE F 462 16.75 -18.76 55.25
C PHE F 462 16.74 -19.44 56.60
N ARG F 463 15.56 -19.53 57.23
CA ARG F 463 15.45 -20.27 58.48
C ARG F 463 15.72 -21.75 58.26
N SER F 464 15.26 -22.31 57.15
CA SER F 464 15.55 -23.70 56.84
C SER F 464 17.04 -23.93 56.67
N LEU F 465 17.71 -23.02 55.94
CA LEU F 465 19.14 -23.15 55.74
C LEU F 465 19.88 -23.02 57.07
N ALA F 466 19.45 -22.09 57.92
CA ALA F 466 20.08 -21.93 59.22
C ALA F 466 19.88 -23.18 60.09
N LYS F 467 18.68 -23.76 60.06
CA LYS F 467 18.42 -24.97 60.81
C LYS F 467 19.31 -26.12 60.34
N SER F 468 19.40 -26.30 59.02
CA SER F 468 20.26 -27.36 58.49
C SER F 468 21.71 -27.14 58.89
N LEU F 469 22.19 -25.90 58.77
CA LEU F 469 23.58 -25.61 59.12
C LEU F 469 23.84 -25.88 60.59
N ILE F 470 22.94 -25.43 61.47
CA ILE F 470 23.19 -25.58 62.90
C ILE F 470 23.13 -27.04 63.31
N VAL F 471 22.16 -27.80 62.78
CA VAL F 471 22.07 -29.20 63.16
C VAL F 471 23.29 -29.97 62.66
N LYS F 472 23.73 -29.67 61.43
CA LYS F 472 24.88 -30.39 60.88
C LYS F 472 26.15 -30.06 61.64
N THR F 473 26.37 -28.77 61.93
CA THR F 473 27.59 -28.36 62.63
C THR F 473 27.57 -28.76 64.09
N GLN F 474 26.39 -29.00 64.67
CA GLN F 474 26.33 -29.44 66.06
C GLN F 474 26.42 -30.96 66.16
N GLN F 475 26.06 -31.67 65.08
CA GLN F 475 26.11 -33.13 65.11
C GLN F 475 27.47 -33.66 64.69
N LEU F 476 27.92 -33.30 63.49
CA LEU F 476 29.03 -34.04 62.89
C LEU F 476 30.39 -33.67 63.49
N TYR F 477 30.56 -32.44 63.96
CA TYR F 477 31.79 -32.10 64.67
C TYR F 477 31.99 -32.98 65.89
N THR F 478 33.23 -33.40 66.10
CA THR F 478 33.62 -34.16 67.27
C THR F 478 34.27 -33.25 68.29
N VAL F 479 34.21 -33.66 69.56
CA VAL F 479 34.77 -32.84 70.64
C VAL F 479 36.27 -32.66 70.45
N GLU F 480 36.95 -33.70 69.95
CA GLU F 480 38.37 -33.59 69.67
C GLU F 480 38.67 -32.46 68.69
N MET F 481 37.71 -32.16 67.81
CA MET F 481 37.85 -31.02 66.91
C MET F 481 37.04 -29.82 67.36
N LYS F 482 35.97 -30.05 68.14
CA LYS F 482 35.20 -28.93 68.67
C LYS F 482 36.02 -28.08 69.63
N VAL F 483 36.99 -28.69 70.32
CA VAL F 483 37.91 -27.91 71.14
C VAL F 483 38.74 -26.98 70.26
N LYS F 484 39.00 -27.32 69.02
CA LYS F 484 39.69 -26.35 68.19
C LYS F 484 38.56 -25.51 67.64
N VAL F 485 38.81 -24.59 66.70
CA VAL F 485 37.78 -23.74 66.06
C VAL F 485 37.24 -22.67 66.96
N ALA F 486 36.59 -23.05 68.03
CA ALA F 486 36.12 -22.07 68.97
C ALA F 486 36.93 -22.36 70.14
N GLY F 487 37.71 -21.40 70.55
CA GLY F 487 38.60 -21.68 71.63
C GLY F 487 38.44 -20.60 72.63
N ASP F 488 38.33 -20.94 73.88
CA ASP F 488 38.25 -19.98 74.96
C ASP F 488 36.87 -19.40 75.07
N ASN F 489 36.00 -19.69 74.14
CA ASN F 489 34.64 -19.24 74.30
C ASN F 489 33.98 -20.43 74.91
N ILE F 490 34.70 -21.54 74.94
CA ILE F 490 34.18 -22.70 75.58
C ILE F 490 34.71 -22.52 76.96
N LYS F 491 33.95 -21.87 77.82
CA LYS F 491 34.36 -21.72 79.19
C LYS F 491 34.35 -23.06 79.85
N GLY F 492 33.37 -23.88 79.54
CA GLY F 492 33.26 -25.14 80.21
C GLY F 492 32.43 -26.13 79.44
N ALA F 493 32.41 -27.37 79.89
CA ALA F 493 31.70 -28.43 79.20
C ALA F 493 30.23 -28.21 79.12
N GLN F 494 29.69 -27.40 80.00
CA GLN F 494 28.29 -27.14 79.89
C GLN F 494 28.06 -26.52 78.52
N SER F 495 28.97 -25.67 78.08
CA SER F 495 28.83 -25.06 76.76
C SER F 495 28.91 -25.97 75.54
N ILE F 496 29.83 -26.92 75.50
CA ILE F 496 29.96 -27.70 74.25
C ILE F 496 29.24 -29.06 74.09
N ILE F 497 29.26 -29.91 75.10
CA ILE F 497 28.65 -31.21 74.94
C ILE F 497 27.19 -30.98 74.74
N VAL F 498 26.58 -31.77 73.89
CA VAL F 498 25.15 -31.68 73.69
C VAL F 498 24.58 -33.07 73.63
N LYS F 499 23.53 -33.35 74.38
CA LYS F 499 22.96 -34.69 74.40
C LYS F 499 22.57 -35.10 72.98
N PRO F 500 22.72 -36.38 72.63
CA PRO F 500 22.38 -36.80 71.25
C PRO F 500 20.93 -36.50 70.87
N GLU F 501 19.99 -36.65 71.80
CA GLU F 501 18.61 -36.35 71.51
C GLU F 501 18.30 -34.86 71.59
N ASP F 502 19.11 -34.11 72.35
CA ASP F 502 18.88 -32.68 72.50
C ASP F 502 19.01 -31.95 71.17
N ILE F 503 20.05 -32.26 70.40
CA ILE F 503 20.25 -31.59 69.12
C ILE F 503 19.16 -31.99 68.13
N SER F 504 18.69 -33.24 68.20
CA SER F 504 17.60 -33.67 67.34
C SER F 504 16.31 -32.93 67.68
N GLY F 505 16.05 -32.72 68.97
CA GLY F 505 14.82 -32.05 69.37
C GLY F 505 14.86 -30.54 69.17
N GLN F 506 16.05 -29.96 69.08
CA GLN F 506 16.24 -28.51 68.97
C GLN F 506 15.55 -27.80 70.13
N PHE F 507 16.06 -28.07 71.34
CA PHE F 507 15.35 -27.65 72.56
C PHE F 507 15.77 -26.27 73.02
N ASP F 508 17.05 -26.09 73.34
CA ASP F 508 17.52 -24.93 74.10
C ASP F 508 18.19 -23.88 73.22
N ILE F 509 17.81 -23.79 71.94
CA ILE F 509 18.43 -22.82 71.04
C ILE F 509 17.53 -22.65 69.82
N MET F 510 17.69 -21.50 69.15
CA MET F 510 16.97 -21.23 67.90
C MET F 510 17.66 -20.14 67.11
N PRO F 511 17.73 -20.27 65.78
CA PRO F 511 18.37 -19.23 64.97
C PRO F 511 17.42 -18.07 64.71
N VAL F 512 18.00 -16.89 64.51
CA VAL F 512 17.24 -15.69 64.21
C VAL F 512 17.87 -15.00 62.99
N ASP F 513 17.05 -14.27 62.25
CA ASP F 513 17.47 -13.59 61.04
C ASP F 513 17.80 -12.13 61.36
N GLY F 514 18.42 -11.45 60.39
CA GLY F 514 18.71 -10.04 60.53
C GLY F 514 17.54 -9.12 60.28
N THR F 515 16.37 -9.68 59.91
CA THR F 515 15.17 -8.87 59.83
C THR F 515 14.83 -8.27 61.18
N LEU F 516 15.00 -9.05 62.24
CA LEU F 516 14.96 -8.55 63.61
C LEU F 516 16.36 -8.65 64.18
N PRO F 517 17.19 -7.63 63.97
CA PRO F 517 18.60 -7.72 64.38
C PRO F 517 18.73 -7.74 65.89
N VAL F 518 19.89 -8.25 66.34
CA VAL F 518 20.19 -8.36 67.76
C VAL F 518 21.37 -7.43 68.04
N ASP F 519 21.15 -6.43 68.89
CA ASP F 519 22.15 -5.40 69.18
C ASP F 519 22.72 -5.67 70.56
N ARG F 520 23.87 -6.34 70.61
CA ARG F 520 24.50 -6.67 71.87
C ARG F 520 25.25 -5.52 72.51
N MET F 521 25.38 -4.38 71.83
CA MET F 521 26.03 -3.23 72.47
C MET F 521 25.17 -2.69 73.62
N ALA F 522 23.87 -2.49 73.37
CA ALA F 522 22.99 -2.07 74.44
C ALA F 522 22.84 -3.15 75.50
N GLN F 523 22.93 -4.42 75.10
CA GLN F 523 22.94 -5.51 76.08
C GLN F 523 24.16 -5.41 76.99
N ALA F 524 25.32 -5.11 76.41
CA ALA F 524 26.51 -4.93 77.21
C ALA F 524 26.35 -3.76 78.16
N GLN F 525 25.76 -2.66 77.69
CA GLN F 525 25.54 -1.51 78.56
C GLN F 525 24.58 -1.84 79.70
N PHE F 526 23.51 -2.57 79.41
CA PHE F 526 22.55 -2.92 80.45
C PHE F 526 23.16 -3.87 81.47
N TRP F 527 23.89 -4.88 80.99
CA TRP F 527 24.67 -5.73 81.88
C TRP F 527 25.62 -4.91 82.73
N MET F 528 26.21 -3.87 82.14
CA MET F 528 27.22 -3.08 82.83
C MET F 528 26.59 -2.33 83.98
N GLN F 529 25.41 -1.74 83.73
CA GLN F 529 24.64 -1.10 84.78
C GLN F 529 24.23 -2.08 85.87
N ILE F 530 23.80 -3.29 85.46
CA ILE F 530 23.41 -4.30 86.44
C ILE F 530 24.57 -4.61 87.37
N MET F 531 25.75 -4.87 86.80
CA MET F 531 26.93 -5.14 87.62
C MET F 531 27.28 -3.94 88.50
N SER F 532 27.17 -2.73 87.95
CA SER F 532 27.52 -1.53 88.70
C SER F 532 26.68 -1.41 89.96
N MET F 533 25.38 -1.70 89.86
CA MET F 533 24.57 -1.60 91.06
C MET F 533 24.65 -2.87 91.91
N VAL F 534 25.05 -3.98 91.33
CA VAL F 534 25.30 -5.20 92.11
C VAL F 534 26.50 -4.99 93.02
N ALA F 535 27.43 -4.12 92.62
CA ALA F 535 28.56 -3.79 93.48
C ALA F 535 28.08 -3.33 94.85
N GLY F 536 27.08 -2.44 94.89
CA GLY F 536 26.50 -2.06 96.16
C GLY F 536 25.55 -3.12 96.68
N ASN F 537 25.11 -2.94 97.93
CA ASN F 537 24.22 -3.87 98.61
C ASN F 537 24.82 -5.27 98.58
N PRO F 538 25.82 -5.55 99.40
CA PRO F 538 26.66 -6.74 99.20
C PRO F 538 25.93 -8.08 99.25
N VAL F 539 24.62 -8.10 99.54
CA VAL F 539 23.87 -9.35 99.41
C VAL F 539 23.83 -9.80 97.94
N LEU F 540 23.67 -8.84 97.03
CA LEU F 540 23.69 -9.17 95.61
C LEU F 540 25.04 -9.74 95.20
N GLY F 541 26.13 -9.17 95.72
CA GLY F 541 27.44 -9.74 95.48
C GLY F 541 27.68 -11.05 96.20
N ALA F 542 26.90 -11.36 97.23
CA ALA F 542 26.98 -12.66 97.87
C ALA F 542 26.27 -13.73 97.06
N GLU F 543 25.21 -13.35 96.35
CA GLU F 543 24.45 -14.33 95.57
C GLU F 543 25.15 -14.72 94.29
N TYR F 544 25.92 -13.81 93.68
CA TYR F 544 26.59 -14.05 92.41
C TYR F 544 28.09 -13.82 92.55
N ARG F 545 28.85 -14.31 91.58
CA ARG F 545 30.26 -13.97 91.49
C ARG F 545 30.44 -12.90 90.41
N LEU F 546 31.41 -12.02 90.61
CA LEU F 546 31.52 -10.82 89.77
C LEU F 546 32.51 -11.01 88.62
N GLY F 547 33.60 -11.73 88.88
CA GLY F 547 34.63 -11.87 87.85
C GLY F 547 34.12 -12.55 86.60
N ASP F 548 33.33 -13.62 86.76
CA ASP F 548 32.76 -14.29 85.60
C ASP F 548 31.80 -13.38 84.85
N ILE F 549 31.03 -12.57 85.57
CA ILE F 549 30.13 -11.61 84.92
C ILE F 549 30.93 -10.62 84.09
N PHE F 550 32.01 -10.09 84.66
CA PHE F 550 32.85 -9.14 83.93
C PHE F 550 33.46 -9.77 82.69
N SER F 551 33.96 -11.01 82.83
CA SER F 551 34.54 -11.69 81.68
C SER F 551 33.49 -11.92 80.60
N TYR F 552 32.29 -12.35 80.99
CA TYR F 552 31.23 -12.60 80.02
C TYR F 552 30.82 -11.33 79.30
N THR F 553 30.69 -10.23 80.03
CA THR F 553 30.36 -8.95 79.40
C THR F 553 31.46 -8.49 78.44
N ALA F 554 32.73 -8.63 78.85
CA ALA F 554 33.83 -8.23 77.97
C ALA F 554 33.86 -9.07 76.70
N ARG F 555 33.66 -10.38 76.82
CA ARG F 555 33.64 -11.24 75.65
C ARG F 555 32.45 -10.91 74.76
N LEU F 556 31.29 -10.63 75.36
CA LEU F 556 30.11 -10.30 74.58
C LEU F 556 30.30 -8.99 73.82
N ALA F 557 30.99 -8.03 74.43
CA ALA F 557 31.21 -6.75 73.75
C ALA F 557 32.11 -6.89 72.54
N GLY F 558 32.78 -8.03 72.38
CA GLY F 558 33.64 -8.28 71.24
C GLY F 558 35.12 -8.16 71.50
N LEU F 559 35.54 -7.95 72.76
CA LEU F 559 36.96 -7.82 73.05
C LEU F 559 37.69 -9.14 72.78
N LYS F 560 37.17 -10.24 73.31
CA LYS F 560 37.67 -11.59 73.02
C LYS F 560 39.13 -11.77 73.40
N GLY F 561 39.63 -11.02 74.38
CA GLY F 561 41.00 -11.16 74.80
C GLY F 561 41.20 -11.10 76.30
N ILE F 562 40.09 -10.90 77.03
CA ILE F 562 40.20 -10.75 78.48
C ILE F 562 40.56 -12.08 79.15
N ASP F 563 40.24 -13.20 78.51
CA ASP F 563 40.54 -14.49 79.11
C ASP F 563 42.04 -14.70 79.26
N LYS F 564 42.73 -14.06 78.32
CA LYS F 564 44.18 -14.14 78.30
C LYS F 564 44.85 -12.99 79.01
N MET F 565 44.14 -11.89 79.19
CA MET F 565 44.72 -10.82 79.92
C MET F 565 44.98 -11.23 81.34
N LYS F 566 44.14 -12.11 81.87
CA LYS F 566 44.24 -12.47 83.27
C LYS F 566 45.54 -13.14 83.67
N ILE F 567 45.91 -13.08 84.95
CA ILE F 567 47.19 -13.60 85.40
C ILE F 567 47.41 -15.06 85.10
N ARG F 568 46.40 -15.86 85.33
CA ARG F 568 46.52 -17.29 85.07
C ARG F 568 46.73 -17.72 83.61
N ILE F 569 46.01 -17.13 82.65
CA ILE F 569 46.18 -17.43 81.20
C ILE F 569 46.10 -18.90 80.73
N LEU F 570 45.13 -19.62 81.26
CA LEU F 570 44.98 -21.03 80.91
C LEU F 570 44.23 -21.26 79.61
N ASP F 571 44.79 -22.10 78.75
CA ASP F 571 44.19 -22.32 77.42
C ASP F 571 44.70 -23.61 76.79
N ASP F 572 44.56 -23.76 75.47
CA ASP F 572 45.08 -24.93 74.75
C ASP F 572 44.48 -26.26 75.11
N ASP F 573 45.34 -27.24 75.31
CA ASP F 573 44.90 -28.59 75.62
C ASP F 573 44.21 -28.62 76.95
N GLN F 574 44.47 -27.63 77.77
CA GLN F 574 43.91 -27.66 79.07
C GLN F 574 42.44 -27.77 78.85
N ILE F 575 41.92 -27.12 77.82
CA ILE F 575 40.48 -27.11 77.61
C ILE F 575 39.89 -28.50 77.35
N LEU F 576 40.54 -29.36 76.56
CA LEU F 576 40.01 -30.72 76.38
C LEU F 576 40.03 -31.40 77.69
N ALA F 577 41.11 -31.19 78.41
CA ALA F 577 41.25 -31.83 79.69
C ALA F 577 40.18 -31.34 80.60
N LEU F 578 39.69 -30.13 80.34
CA LEU F 578 38.71 -29.58 81.20
C LEU F 578 37.43 -30.21 80.77
N ILE F 579 37.34 -31.51 80.97
CA ILE F 579 36.11 -32.23 80.68
C ILE F 579 36.14 -33.28 81.77
N LEU F 580 34.98 -33.75 82.16
CA LEU F 580 34.91 -34.77 83.17
C LEU F 580 33.66 -35.48 82.74
N ALA F 581 33.80 -36.51 81.90
CA ALA F 581 32.53 -37.06 81.41
C ALA F 581 31.71 -37.63 82.56
#